data_8RQY
# 
_entry.id   8RQY 
# 
_audit_conform.dict_name       mmcif_pdbx.dic 
_audit_conform.dict_version    5.397 
_audit_conform.dict_location   http://mmcif.pdb.org/dictionaries/ascii/mmcif_pdbx.dic 
# 
loop_
_database_2.database_id 
_database_2.database_code 
_database_2.pdbx_database_accession 
_database_2.pdbx_DOI 
PDB   8RQY         pdb_00008rqy 10.2210/pdb8rqy/pdb 
WWPDB D_1292135877 ?            ?                   
# 
loop_
_pdbx_audit_revision_history.ordinal 
_pdbx_audit_revision_history.data_content_type 
_pdbx_audit_revision_history.major_revision 
_pdbx_audit_revision_history.minor_revision 
_pdbx_audit_revision_history.revision_date 
1 'Structure model' 1 0 2024-09-25 
2 'Structure model' 1 1 2024-10-30 
# 
_pdbx_audit_revision_details.ordinal             1 
_pdbx_audit_revision_details.revision_ordinal    1 
_pdbx_audit_revision_details.data_content_type   'Structure model' 
_pdbx_audit_revision_details.provider            repository 
_pdbx_audit_revision_details.type                'Initial release' 
_pdbx_audit_revision_details.description         ? 
_pdbx_audit_revision_details.details             ? 
# 
loop_
_pdbx_audit_revision_group.ordinal 
_pdbx_audit_revision_group.revision_ordinal 
_pdbx_audit_revision_group.data_content_type 
_pdbx_audit_revision_group.group 
1 2 'Structure model' 'Database references' 
2 2 'Structure model' 'Structure summary'   
# 
loop_
_pdbx_audit_revision_category.ordinal 
_pdbx_audit_revision_category.revision_ordinal 
_pdbx_audit_revision_category.data_content_type 
_pdbx_audit_revision_category.category 
1 2 'Structure model' citation           
2 2 'Structure model' citation_author    
3 2 'Structure model' pdbx_entry_details 
# 
loop_
_pdbx_audit_revision_item.ordinal 
_pdbx_audit_revision_item.revision_ordinal 
_pdbx_audit_revision_item.data_content_type 
_pdbx_audit_revision_item.item 
1 2 'Structure model' '_citation.page_first'              
2 2 'Structure model' '_citation.page_last'               
3 2 'Structure model' '_citation.pdbx_database_id_PubMed' 
4 2 'Structure model' '_citation.title'                   
5 2 'Structure model' '_citation_author.identifier_ORCID' 
# 
_pdbx_database_status.status_code                     REL 
_pdbx_database_status.status_code_sf                  REL 
_pdbx_database_status.status_code_mr                  ? 
_pdbx_database_status.entry_id                        8RQY 
_pdbx_database_status.recvd_initial_deposition_date   2024-01-21 
_pdbx_database_status.SG_entry                        N 
_pdbx_database_status.deposit_site                    PDBE 
_pdbx_database_status.process_site                    PDBE 
_pdbx_database_status.status_code_cs                  ? 
_pdbx_database_status.status_code_nmr_data            ? 
_pdbx_database_status.methods_development_category    ? 
_pdbx_database_status.pdb_format_compatible           Y 
# 
_pdbx_contact_author.id                 2 
_pdbx_contact_author.email              karina.persson@umu.se 
_pdbx_contact_author.name_first         Karina 
_pdbx_contact_author.name_last          Persson 
_pdbx_contact_author.name_mi            ? 
_pdbx_contact_author.role               'principal investigator/group leader' 
_pdbx_contact_author.identifier_ORCID   0000-0003-0807-0348 
# 
loop_
_audit_author.name 
_audit_author.pdbx_ordinal 
_audit_author.identifier_ORCID 
'Bodra, N.'   1 0000-0002-5700-4593 
'Persson, K.' 2 0000-0003-0807-0348 
'Nadeem, A.'  3 0000-0002-1439-6216 
'Wai, S.N.'   4 0000-0003-4793-4671 
'Toh, E.'     5 0000-0002-0103-0696 
# 
_citation.abstract                  ? 
_citation.abstract_id_CAS           ? 
_citation.book_id_ISBN              ? 
_citation.book_publisher            ? 
_citation.book_publisher_city       ? 
_citation.book_title                ? 
_citation.coordinate_linkage        ? 
_citation.country                   CH 
_citation.database_id_Medline       ? 
_citation.details                   ? 
_citation.id                        primary 
_citation.journal_abbrev            'Front Microbiol' 
_citation.journal_id_ASTM           ? 
_citation.journal_id_CSD            ? 
_citation.journal_id_ISSN           1664-302X 
_citation.journal_full              ? 
_citation.journal_issue             ? 
_citation.journal_volume            15 
_citation.language                  ? 
_citation.page_first                1457850 
_citation.page_last                 1457850 
_citation.title                     'MakC and MakD are two proteins associated with a tripartite toxin of Vibrio cholerae .' 
_citation.year                      2024 
_citation.database_id_CSD           ? 
_citation.pdbx_database_id_DOI      10.3389/fmicb.2024.1457850 
_citation.pdbx_database_id_PubMed   39421563 
_citation.pdbx_database_id_patent   ? 
_citation.unpublished_flag          ? 
# 
loop_
_citation_author.citation_id 
_citation_author.name 
_citation_author.ordinal 
_citation_author.identifier_ORCID 
primary 'Bodra, N.'   1 ? 
primary 'Toh, E.'     2 ? 
primary 'Nadeem, A.'  3 ? 
primary 'Wai, S.N.'   4 ? 
primary 'Persson, K.' 5 ? 
# 
loop_
_entity.id 
_entity.type 
_entity.src_method 
_entity.pdbx_description 
_entity.formula_weight 
_entity.pdbx_number_of_molecules 
_entity.pdbx_ec 
_entity.pdbx_mutation 
_entity.pdbx_fragment 
_entity.details 
1 polymer man 'Inclusion body protein' 14529.370 1  ? ? ? 'First residues (GA) originates from expression tag.' 
2 water   nat water                    18.015    45 ? ? ? ?                                                     
# 
_entity_poly.entity_id                      1 
_entity_poly.type                           'polypeptide(L)' 
_entity_poly.nstd_linkage                   no 
_entity_poly.nstd_monomer                   no 
_entity_poly.pdbx_seq_one_letter_code       
;GAMKKVEILMVVDAAAALASRDLQSNIYLIDTNKYMGSGNEGQAELKTACKDGQLLCWRVVAISPDNEVDIVEFNGQMIN
DRVCIPTKQGLSGDEFWEGRVEAQGQASTQQYNATLSIDGSRLTFDPFLVISL
;
_entity_poly.pdbx_seq_one_letter_code_can   
;GAMKKVEILMVVDAAAALASRDLQSNIYLIDTNKYMGSGNEGQAELKTACKDGQLLCWRVVAISPDNEVDIVEFNGQMIN
DRVCIPTKQGLSGDEFWEGRVEAQGQASTQQYNATLSIDGSRLTFDPFLVISL
;
_entity_poly.pdbx_strand_id                 A 
_entity_poly.pdbx_target_identifier         ? 
# 
_pdbx_entity_nonpoly.entity_id   2 
_pdbx_entity_nonpoly.name        water 
_pdbx_entity_nonpoly.comp_id     HOH 
# 
loop_
_entity_poly_seq.entity_id 
_entity_poly_seq.num 
_entity_poly_seq.mon_id 
_entity_poly_seq.hetero 
1 1   GLY n 
1 2   ALA n 
1 3   MET n 
1 4   LYS n 
1 5   LYS n 
1 6   VAL n 
1 7   GLU n 
1 8   ILE n 
1 9   LEU n 
1 10  MET n 
1 11  VAL n 
1 12  VAL n 
1 13  ASP n 
1 14  ALA n 
1 15  ALA n 
1 16  ALA n 
1 17  ALA n 
1 18  LEU n 
1 19  ALA n 
1 20  SER n 
1 21  ARG n 
1 22  ASP n 
1 23  LEU n 
1 24  GLN n 
1 25  SER n 
1 26  ASN n 
1 27  ILE n 
1 28  TYR n 
1 29  LEU n 
1 30  ILE n 
1 31  ASP n 
1 32  THR n 
1 33  ASN n 
1 34  LYS n 
1 35  TYR n 
1 36  MET n 
1 37  GLY n 
1 38  SER n 
1 39  GLY n 
1 40  ASN n 
1 41  GLU n 
1 42  GLY n 
1 43  GLN n 
1 44  ALA n 
1 45  GLU n 
1 46  LEU n 
1 47  LYS n 
1 48  THR n 
1 49  ALA n 
1 50  CYS n 
1 51  LYS n 
1 52  ASP n 
1 53  GLY n 
1 54  GLN n 
1 55  LEU n 
1 56  LEU n 
1 57  CYS n 
1 58  TRP n 
1 59  ARG n 
1 60  VAL n 
1 61  VAL n 
1 62  ALA n 
1 63  ILE n 
1 64  SER n 
1 65  PRO n 
1 66  ASP n 
1 67  ASN n 
1 68  GLU n 
1 69  VAL n 
1 70  ASP n 
1 71  ILE n 
1 72  VAL n 
1 73  GLU n 
1 74  PHE n 
1 75  ASN n 
1 76  GLY n 
1 77  GLN n 
1 78  MET n 
1 79  ILE n 
1 80  ASN n 
1 81  ASP n 
1 82  ARG n 
1 83  VAL n 
1 84  CYS n 
1 85  ILE n 
1 86  PRO n 
1 87  THR n 
1 88  LYS n 
1 89  GLN n 
1 90  GLY n 
1 91  LEU n 
1 92  SER n 
1 93  GLY n 
1 94  ASP n 
1 95  GLU n 
1 96  PHE n 
1 97  TRP n 
1 98  GLU n 
1 99  GLY n 
1 100 ARG n 
1 101 VAL n 
1 102 GLU n 
1 103 ALA n 
1 104 GLN n 
1 105 GLY n 
1 106 GLN n 
1 107 ALA n 
1 108 SER n 
1 109 THR n 
1 110 GLN n 
1 111 GLN n 
1 112 TYR n 
1 113 ASN n 
1 114 ALA n 
1 115 THR n 
1 116 LEU n 
1 117 SER n 
1 118 ILE n 
1 119 ASP n 
1 120 GLY n 
1 121 SER n 
1 122 ARG n 
1 123 LEU n 
1 124 THR n 
1 125 PHE n 
1 126 ASP n 
1 127 PRO n 
1 128 PHE n 
1 129 LEU n 
1 130 VAL n 
1 131 ILE n 
1 132 SER n 
1 133 LEU n 
# 
_entity_src_gen.entity_id                          1 
_entity_src_gen.pdbx_src_id                        1 
_entity_src_gen.pdbx_alt_source_flag               sample 
_entity_src_gen.pdbx_seq_type                      'Biological sequence' 
_entity_src_gen.pdbx_beg_seq_num                   1 
_entity_src_gen.pdbx_end_seq_num                   133 
_entity_src_gen.gene_src_common_name               ? 
_entity_src_gen.gene_src_genus                     ? 
_entity_src_gen.pdbx_gene_src_gene                 VC_A0881 
_entity_src_gen.gene_src_species                   ? 
_entity_src_gen.gene_src_strain                    ? 
_entity_src_gen.gene_src_tissue                    ? 
_entity_src_gen.gene_src_tissue_fraction           ? 
_entity_src_gen.gene_src_details                   ? 
_entity_src_gen.pdbx_gene_src_fragment             ? 
_entity_src_gen.pdbx_gene_src_scientific_name      'Vibrio cholerae O1 biovar El Tor str. N16961' 
_entity_src_gen.pdbx_gene_src_ncbi_taxonomy_id     243277 
_entity_src_gen.pdbx_gene_src_variant              ? 
_entity_src_gen.pdbx_gene_src_cell_line            ? 
_entity_src_gen.pdbx_gene_src_atcc                 ? 
_entity_src_gen.pdbx_gene_src_organ                ? 
_entity_src_gen.pdbx_gene_src_organelle            ? 
_entity_src_gen.pdbx_gene_src_cell                 ? 
_entity_src_gen.pdbx_gene_src_cellular_location    ? 
_entity_src_gen.host_org_common_name               ? 
_entity_src_gen.pdbx_host_org_scientific_name      'Escherichia coli BL21(DE3)' 
_entity_src_gen.pdbx_host_org_ncbi_taxonomy_id     469008 
_entity_src_gen.host_org_genus                     ? 
_entity_src_gen.pdbx_host_org_gene                 ? 
_entity_src_gen.pdbx_host_org_organ                ? 
_entity_src_gen.host_org_species                   ? 
_entity_src_gen.pdbx_host_org_tissue               ? 
_entity_src_gen.pdbx_host_org_tissue_fraction      ? 
_entity_src_gen.pdbx_host_org_strain               ? 
_entity_src_gen.pdbx_host_org_variant              ? 
_entity_src_gen.pdbx_host_org_cell_line            ? 
_entity_src_gen.pdbx_host_org_atcc                 ? 
_entity_src_gen.pdbx_host_org_culture_collection   ? 
_entity_src_gen.pdbx_host_org_cell                 ? 
_entity_src_gen.pdbx_host_org_organelle            ? 
_entity_src_gen.pdbx_host_org_cellular_location    ? 
_entity_src_gen.pdbx_host_org_vector_type          ? 
_entity_src_gen.pdbx_host_org_vector               ? 
_entity_src_gen.host_org_details                   ? 
_entity_src_gen.expression_system_id               ? 
_entity_src_gen.plasmid_name                       PETHIS1A 
_entity_src_gen.plasmid_details                    ? 
_entity_src_gen.pdbx_description                   ? 
# 
loop_
_chem_comp.id 
_chem_comp.type 
_chem_comp.mon_nstd_flag 
_chem_comp.name 
_chem_comp.pdbx_synonyms 
_chem_comp.formula 
_chem_comp.formula_weight 
ALA 'L-peptide linking' y ALANINE         ? 'C3 H7 N O2'     89.093  
ARG 'L-peptide linking' y ARGININE        ? 'C6 H15 N4 O2 1' 175.209 
ASN 'L-peptide linking' y ASPARAGINE      ? 'C4 H8 N2 O3'    132.118 
ASP 'L-peptide linking' y 'ASPARTIC ACID' ? 'C4 H7 N O4'     133.103 
CYS 'L-peptide linking' y CYSTEINE        ? 'C3 H7 N O2 S'   121.158 
GLN 'L-peptide linking' y GLUTAMINE       ? 'C5 H10 N2 O3'   146.144 
GLU 'L-peptide linking' y 'GLUTAMIC ACID' ? 'C5 H9 N O4'     147.129 
GLY 'peptide linking'   y GLYCINE         ? 'C2 H5 N O2'     75.067  
HOH non-polymer         . WATER           ? 'H2 O'           18.015  
ILE 'L-peptide linking' y ISOLEUCINE      ? 'C6 H13 N O2'    131.173 
LEU 'L-peptide linking' y LEUCINE         ? 'C6 H13 N O2'    131.173 
LYS 'L-peptide linking' y LYSINE          ? 'C6 H15 N2 O2 1' 147.195 
MET 'L-peptide linking' y METHIONINE      ? 'C5 H11 N O2 S'  149.211 
PHE 'L-peptide linking' y PHENYLALANINE   ? 'C9 H11 N O2'    165.189 
PRO 'L-peptide linking' y PROLINE         ? 'C5 H9 N O2'     115.130 
SER 'L-peptide linking' y SERINE          ? 'C3 H7 N O3'     105.093 
THR 'L-peptide linking' y THREONINE       ? 'C4 H9 N O3'     119.119 
TRP 'L-peptide linking' y TRYPTOPHAN      ? 'C11 H12 N2 O2'  204.225 
TYR 'L-peptide linking' y TYROSINE        ? 'C9 H11 N O3'    181.189 
VAL 'L-peptide linking' y VALINE          ? 'C5 H11 N O2'    117.146 
# 
loop_
_pdbx_poly_seq_scheme.asym_id 
_pdbx_poly_seq_scheme.entity_id 
_pdbx_poly_seq_scheme.seq_id 
_pdbx_poly_seq_scheme.mon_id 
_pdbx_poly_seq_scheme.ndb_seq_num 
_pdbx_poly_seq_scheme.pdb_seq_num 
_pdbx_poly_seq_scheme.auth_seq_num 
_pdbx_poly_seq_scheme.pdb_mon_id 
_pdbx_poly_seq_scheme.auth_mon_id 
_pdbx_poly_seq_scheme.pdb_strand_id 
_pdbx_poly_seq_scheme.pdb_ins_code 
_pdbx_poly_seq_scheme.hetero 
A 1 1   GLY 1   -1  ?   ?   ?   A . n 
A 1 2   ALA 2   0   ?   ?   ?   A . n 
A 1 3   MET 3   1   1   MET MET A . n 
A 1 4   LYS 4   2   2   LYS LYS A . n 
A 1 5   LYS 5   3   3   LYS LYS A . n 
A 1 6   VAL 6   4   4   VAL VAL A . n 
A 1 7   GLU 7   5   5   GLU GLU A . n 
A 1 8   ILE 8   6   6   ILE ILE A . n 
A 1 9   LEU 9   7   7   LEU LEU A . n 
A 1 10  MET 10  8   8   MET MET A . n 
A 1 11  VAL 11  9   9   VAL VAL A . n 
A 1 12  VAL 12  10  10  VAL VAL A . n 
A 1 13  ASP 13  11  11  ASP ASP A . n 
A 1 14  ALA 14  12  12  ALA ALA A . n 
A 1 15  ALA 15  13  13  ALA ALA A . n 
A 1 16  ALA 16  14  14  ALA ALA A . n 
A 1 17  ALA 17  15  15  ALA ALA A . n 
A 1 18  LEU 18  16  16  LEU LEU A . n 
A 1 19  ALA 19  17  17  ALA ALA A . n 
A 1 20  SER 20  18  18  SER SER A . n 
A 1 21  ARG 21  19  19  ARG ARG A . n 
A 1 22  ASP 22  20  20  ASP ASP A . n 
A 1 23  LEU 23  21  21  LEU LEU A . n 
A 1 24  GLN 24  22  22  GLN GLN A . n 
A 1 25  SER 25  23  23  SER SER A . n 
A 1 26  ASN 26  24  24  ASN ASN A . n 
A 1 27  ILE 27  25  25  ILE ILE A . n 
A 1 28  TYR 28  26  26  TYR TYR A . n 
A 1 29  LEU 29  27  27  LEU LEU A . n 
A 1 30  ILE 30  28  28  ILE ILE A . n 
A 1 31  ASP 31  29  29  ASP ASP A . n 
A 1 32  THR 32  30  30  THR THR A . n 
A 1 33  ASN 33  31  31  ASN ASN A . n 
A 1 34  LYS 34  32  32  LYS LYS A . n 
A 1 35  TYR 35  33  33  TYR TYR A . n 
A 1 36  MET 36  34  34  MET MET A . n 
A 1 37  GLY 37  35  35  GLY GLY A . n 
A 1 38  SER 38  36  36  SER SER A . n 
A 1 39  GLY 39  37  37  GLY GLY A . n 
A 1 40  ASN 40  38  38  ASN ASN A . n 
A 1 41  GLU 41  39  39  GLU GLU A . n 
A 1 42  GLY 42  40  40  GLY GLY A . n 
A 1 43  GLN 43  41  41  GLN GLN A . n 
A 1 44  ALA 44  42  42  ALA ALA A . n 
A 1 45  GLU 45  43  43  GLU GLU A . n 
A 1 46  LEU 46  44  44  LEU LEU A . n 
A 1 47  LYS 47  45  45  LYS LYS A . n 
A 1 48  THR 48  46  46  THR THR A . n 
A 1 49  ALA 49  47  47  ALA ALA A . n 
A 1 50  CYS 50  48  48  CYS CYS A . n 
A 1 51  LYS 51  49  49  LYS LYS A . n 
A 1 52  ASP 52  50  50  ASP ASP A . n 
A 1 53  GLY 53  51  51  GLY GLY A . n 
A 1 54  GLN 54  52  52  GLN GLN A . n 
A 1 55  LEU 55  53  53  LEU LEU A . n 
A 1 56  LEU 56  54  54  LEU LEU A . n 
A 1 57  CYS 57  55  55  CYS CYS A . n 
A 1 58  TRP 58  56  56  TRP TRP A . n 
A 1 59  ARG 59  57  57  ARG ARG A . n 
A 1 60  VAL 60  58  58  VAL VAL A . n 
A 1 61  VAL 61  59  59  VAL VAL A . n 
A 1 62  ALA 62  60  60  ALA ALA A . n 
A 1 63  ILE 63  61  61  ILE ILE A . n 
A 1 64  SER 64  62  62  SER SER A . n 
A 1 65  PRO 65  63  63  PRO PRO A . n 
A 1 66  ASP 66  64  64  ASP ASP A . n 
A 1 67  ASN 67  65  65  ASN ASN A . n 
A 1 68  GLU 68  66  66  GLU GLU A . n 
A 1 69  VAL 69  67  67  VAL VAL A . n 
A 1 70  ASP 70  68  68  ASP ASP A . n 
A 1 71  ILE 71  69  69  ILE ILE A . n 
A 1 72  VAL 72  70  70  VAL VAL A . n 
A 1 73  GLU 73  71  71  GLU GLU A . n 
A 1 74  PHE 74  72  72  PHE PHE A . n 
A 1 75  ASN 75  73  73  ASN ASN A . n 
A 1 76  GLY 76  74  74  GLY GLY A . n 
A 1 77  GLN 77  75  75  GLN GLN A . n 
A 1 78  MET 78  76  76  MET MET A . n 
A 1 79  ILE 79  77  77  ILE ILE A . n 
A 1 80  ASN 80  78  78  ASN ASN A . n 
A 1 81  ASP 81  79  79  ASP ASP A . n 
A 1 82  ARG 82  80  80  ARG ARG A . n 
A 1 83  VAL 83  81  81  VAL VAL A . n 
A 1 84  CYS 84  82  82  CYS CYS A . n 
A 1 85  ILE 85  83  83  ILE ILE A . n 
A 1 86  PRO 86  84  84  PRO PRO A . n 
A 1 87  THR 87  85  85  THR THR A . n 
A 1 88  LYS 88  86  86  LYS LYS A . n 
A 1 89  GLN 89  87  87  GLN GLN A . n 
A 1 90  GLY 90  88  88  GLY GLY A . n 
A 1 91  LEU 91  89  89  LEU LEU A . n 
A 1 92  SER 92  90  90  SER SER A . n 
A 1 93  GLY 93  91  91  GLY GLY A . n 
A 1 94  ASP 94  92  92  ASP ASP A . n 
A 1 95  GLU 95  93  93  GLU GLU A . n 
A 1 96  PHE 96  94  94  PHE PHE A . n 
A 1 97  TRP 97  95  95  TRP TRP A . n 
A 1 98  GLU 98  96  96  GLU GLU A . n 
A 1 99  GLY 99  97  97  GLY GLY A . n 
A 1 100 ARG 100 98  98  ARG ARG A . n 
A 1 101 VAL 101 99  99  VAL VAL A . n 
A 1 102 GLU 102 100 100 GLU GLU A . n 
A 1 103 ALA 103 101 101 ALA ALA A . n 
A 1 104 GLN 104 102 102 GLN GLN A . n 
A 1 105 GLY 105 103 103 GLY GLY A . n 
A 1 106 GLN 106 104 104 GLN GLN A . n 
A 1 107 ALA 107 105 105 ALA ALA A . n 
A 1 108 SER 108 106 106 SER SER A . n 
A 1 109 THR 109 107 107 THR THR A . n 
A 1 110 GLN 110 108 108 GLN GLN A . n 
A 1 111 GLN 111 109 109 GLN GLN A . n 
A 1 112 TYR 112 110 110 TYR TYR A . n 
A 1 113 ASN 113 111 111 ASN ASN A . n 
A 1 114 ALA 114 112 112 ALA ALA A . n 
A 1 115 THR 115 113 113 THR THR A . n 
A 1 116 LEU 116 114 114 LEU LEU A . n 
A 1 117 SER 117 115 115 SER SER A . n 
A 1 118 ILE 118 116 116 ILE ILE A . n 
A 1 119 ASP 119 117 117 ASP ASP A . n 
A 1 120 GLY 120 118 118 GLY GLY A . n 
A 1 121 SER 121 119 119 SER SER A . n 
A 1 122 ARG 122 120 120 ARG ARG A . n 
A 1 123 LEU 123 121 121 LEU LEU A . n 
A 1 124 THR 124 122 122 THR THR A . n 
A 1 125 PHE 125 123 123 PHE PHE A . n 
A 1 126 ASP 126 124 124 ASP ASP A . n 
A 1 127 PRO 127 125 125 PRO PRO A . n 
A 1 128 PHE 128 126 126 PHE PHE A . n 
A 1 129 LEU 129 127 127 LEU LEU A . n 
A 1 130 VAL 130 128 128 VAL VAL A . n 
A 1 131 ILE 131 129 129 ILE ILE A . n 
A 1 132 SER 132 130 130 SER SER A . n 
A 1 133 LEU 133 131 131 LEU LEU A . n 
# 
loop_
_pdbx_nonpoly_scheme.asym_id 
_pdbx_nonpoly_scheme.entity_id 
_pdbx_nonpoly_scheme.mon_id 
_pdbx_nonpoly_scheme.ndb_seq_num 
_pdbx_nonpoly_scheme.pdb_seq_num 
_pdbx_nonpoly_scheme.auth_seq_num 
_pdbx_nonpoly_scheme.pdb_mon_id 
_pdbx_nonpoly_scheme.auth_mon_id 
_pdbx_nonpoly_scheme.pdb_strand_id 
_pdbx_nonpoly_scheme.pdb_ins_code 
B 2 HOH 1  201 43 HOH HOH A . 
B 2 HOH 2  202 42 HOH HOH A . 
B 2 HOH 3  203 12 HOH HOH A . 
B 2 HOH 4  204 13 HOH HOH A . 
B 2 HOH 5  205 36 HOH HOH A . 
B 2 HOH 6  206 30 HOH HOH A . 
B 2 HOH 7  207 34 HOH HOH A . 
B 2 HOH 8  208 38 HOH HOH A . 
B 2 HOH 9  209 8  HOH HOH A . 
B 2 HOH 10 210 7  HOH HOH A . 
B 2 HOH 11 211 3  HOH HOH A . 
B 2 HOH 12 212 29 HOH HOH A . 
B 2 HOH 13 213 10 HOH HOH A . 
B 2 HOH 14 214 27 HOH HOH A . 
B 2 HOH 15 215 26 HOH HOH A . 
B 2 HOH 16 216 17 HOH HOH A . 
B 2 HOH 17 217 24 HOH HOH A . 
B 2 HOH 18 218 22 HOH HOH A . 
B 2 HOH 19 219 37 HOH HOH A . 
B 2 HOH 20 220 33 HOH HOH A . 
B 2 HOH 21 221 18 HOH HOH A . 
B 2 HOH 22 222 14 HOH HOH A . 
B 2 HOH 23 223 1  HOH HOH A . 
B 2 HOH 24 224 23 HOH HOH A . 
B 2 HOH 25 225 39 HOH HOH A . 
B 2 HOH 26 226 4  HOH HOH A . 
B 2 HOH 27 227 5  HOH HOH A . 
B 2 HOH 28 228 35 HOH HOH A . 
B 2 HOH 29 229 41 HOH HOH A . 
B 2 HOH 30 230 6  HOH HOH A . 
B 2 HOH 31 231 21 HOH HOH A . 
B 2 HOH 32 232 28 HOH HOH A . 
B 2 HOH 33 233 20 HOH HOH A . 
B 2 HOH 34 234 11 HOH HOH A . 
B 2 HOH 35 235 31 HOH HOH A . 
B 2 HOH 36 236 45 HOH HOH A . 
B 2 HOH 37 237 32 HOH HOH A . 
B 2 HOH 38 238 2  HOH HOH A . 
B 2 HOH 39 239 9  HOH HOH A . 
B 2 HOH 40 240 15 HOH HOH A . 
B 2 HOH 41 241 40 HOH HOH A . 
B 2 HOH 42 242 44 HOH HOH A . 
B 2 HOH 43 243 47 HOH HOH A . 
B 2 HOH 44 244 16 HOH HOH A . 
B 2 HOH 45 245 46 HOH HOH A . 
# 
loop_
_software.citation_id 
_software.classification 
_software.compiler_name 
_software.compiler_version 
_software.contact_author 
_software.contact_author_email 
_software.date 
_software.description 
_software.dependencies 
_software.hardware 
_software.language 
_software.location 
_software.mods 
_software.name 
_software.os 
_software.os_version 
_software.type 
_software.version 
_software.pdbx_ordinal 
? refinement       ? ? ? ? ? ? ? ? ? ? ? REFMAC   ? ? ? 5.8.0415 1 
? 'data reduction' ? ? ? ? ? ? ? ? ? ? ? autoPROC ? ? ? 1.1.7    2 
? 'data scaling'   ? ? ? ? ? ? ? ? ? ? ? autoPROC ? ? ? 1.1.7    3 
? phasing          ? ? ? ? ? ? ? ? ? ? ? CRANK2   ? ? ? 2.0.329  4 
# 
_cell.angle_alpha                  90.000 
_cell.angle_alpha_esd              ? 
_cell.angle_beta                   90.000 
_cell.angle_beta_esd               ? 
_cell.angle_gamma                  90.000 
_cell.angle_gamma_esd              ? 
_cell.entry_id                     8RQY 
_cell.details                      ? 
_cell.formula_units_Z              ? 
_cell.length_a                     46.998 
_cell.length_a_esd                 ? 
_cell.length_b                     98.008 
_cell.length_b_esd                 ? 
_cell.length_c                     54.528 
_cell.length_c_esd                 ? 
_cell.volume                       ? 
_cell.volume_esd                   ? 
_cell.Z_PDB                        8 
_cell.reciprocal_angle_alpha       ? 
_cell.reciprocal_angle_beta        ? 
_cell.reciprocal_angle_gamma       ? 
_cell.reciprocal_angle_alpha_esd   ? 
_cell.reciprocal_angle_beta_esd    ? 
_cell.reciprocal_angle_gamma_esd   ? 
_cell.reciprocal_length_a          ? 
_cell.reciprocal_length_b          ? 
_cell.reciprocal_length_c          ? 
_cell.reciprocal_length_a_esd      ? 
_cell.reciprocal_length_b_esd      ? 
_cell.reciprocal_length_c_esd      ? 
_cell.pdbx_unique_axis             ? 
_cell.pdbx_esd_method              ? 
# 
_symmetry.entry_id                         8RQY 
_symmetry.cell_setting                     ? 
_symmetry.Int_Tables_number                20 
_symmetry.space_group_name_Hall            ? 
_symmetry.space_group_name_H-M             'C 2 2 21' 
_symmetry.pdbx_full_space_group_name_H-M   ? 
# 
_exptl.absorpt_coefficient_mu     ? 
_exptl.absorpt_correction_T_max   ? 
_exptl.absorpt_correction_T_min   ? 
_exptl.absorpt_correction_type    ? 
_exptl.absorpt_process_details    ? 
_exptl.entry_id                   8RQY 
_exptl.crystals_number            1 
_exptl.details                    ? 
_exptl.method                     'X-RAY DIFFRACTION' 
_exptl.method_details             ? 
# 
_exptl_crystal.colour                       ? 
_exptl_crystal.density_diffrn               ? 
_exptl_crystal.density_Matthews             2.13 
_exptl_crystal.density_method               ? 
_exptl_crystal.density_percent_sol          42.3 
_exptl_crystal.description                  'Thin needle' 
_exptl_crystal.F_000                        ? 
_exptl_crystal.id                           1 
_exptl_crystal.preparation                  ? 
_exptl_crystal.size_max                     ? 
_exptl_crystal.size_mid                     ? 
_exptl_crystal.size_min                     ? 
_exptl_crystal.size_rad                     ? 
_exptl_crystal.colour_lustre                ? 
_exptl_crystal.colour_modifier              ? 
_exptl_crystal.colour_primary               ? 
_exptl_crystal.density_meas                 ? 
_exptl_crystal.density_meas_esd             ? 
_exptl_crystal.density_meas_gt              ? 
_exptl_crystal.density_meas_lt              ? 
_exptl_crystal.density_meas_temp            ? 
_exptl_crystal.density_meas_temp_esd        ? 
_exptl_crystal.density_meas_temp_gt         ? 
_exptl_crystal.density_meas_temp_lt         ? 
_exptl_crystal.pdbx_crystal_image_url       ? 
_exptl_crystal.pdbx_crystal_image_format    ? 
_exptl_crystal.pdbx_mosaicity               ? 
_exptl_crystal.pdbx_mosaicity_esd           ? 
_exptl_crystal.pdbx_mosaic_method           ? 
_exptl_crystal.pdbx_mosaic_block_size       ? 
_exptl_crystal.pdbx_mosaic_block_size_esd   ? 
# 
_exptl_crystal_grow.apparatus       ? 
_exptl_crystal_grow.atmosphere      ? 
_exptl_crystal_grow.crystal_id      1 
_exptl_crystal_grow.details         ? 
_exptl_crystal_grow.method          'VAPOR DIFFUSION, SITTING DROP' 
_exptl_crystal_grow.method_ref      ? 
_exptl_crystal_grow.pH              5.6 
_exptl_crystal_grow.pressure        ? 
_exptl_crystal_grow.pressure_esd    ? 
_exptl_crystal_grow.seeding         ? 
_exptl_crystal_grow.seeding_ref     ? 
_exptl_crystal_grow.temp_details    ? 
_exptl_crystal_grow.temp_esd        ? 
_exptl_crystal_grow.time            ? 
_exptl_crystal_grow.pdbx_details    '0.2 M potassium sodium tartarate, 0.1 M sodium citrate, pH 5.6 and 2M Ammonium sulfate' 
_exptl_crystal_grow.pdbx_pH_range   ? 
_exptl_crystal_grow.temp            293 
# 
_diffrn.ambient_environment              ? 
_diffrn.ambient_temp                     100 
_diffrn.ambient_temp_details             ? 
_diffrn.ambient_temp_esd                 ? 
_diffrn.crystal_id                       1 
_diffrn.crystal_support                  ? 
_diffrn.crystal_treatment                ? 
_diffrn.details                          ? 
_diffrn.id                               1 
_diffrn.ambient_pressure                 ? 
_diffrn.ambient_pressure_esd             ? 
_diffrn.ambient_pressure_gt              ? 
_diffrn.ambient_pressure_lt              ? 
_diffrn.ambient_temp_gt                  ? 
_diffrn.ambient_temp_lt                  ? 
_diffrn.pdbx_serial_crystal_experiment   N 
# 
_diffrn_detector.details                      ? 
_diffrn_detector.detector                     PIXEL 
_diffrn_detector.diffrn_id                    1 
_diffrn_detector.type                         'DECTRIS EIGER X 9M' 
_diffrn_detector.area_resol_mean              ? 
_diffrn_detector.dtime                        ? 
_diffrn_detector.pdbx_frames_total            ? 
_diffrn_detector.pdbx_collection_time_total   ? 
_diffrn_detector.pdbx_collection_date         2022-09-14 
_diffrn_detector.pdbx_frequency               ? 
_diffrn_detector.id                           ? 
_diffrn_detector.number_of_axes               ? 
# 
_diffrn_radiation.collimation                      ? 
_diffrn_radiation.diffrn_id                        1 
_diffrn_radiation.filter_edge                      ? 
_diffrn_radiation.inhomogeneity                    ? 
_diffrn_radiation.monochromator                    ? 
_diffrn_radiation.polarisn_norm                    ? 
_diffrn_radiation.polarisn_ratio                   ? 
_diffrn_radiation.probe                            ? 
_diffrn_radiation.type                             ? 
_diffrn_radiation.xray_symbol                      ? 
_diffrn_radiation.wavelength_id                    1 
_diffrn_radiation.pdbx_monochromatic_or_laue_m_l   M 
_diffrn_radiation.pdbx_wavelength_list             ? 
_diffrn_radiation.pdbx_wavelength                  ? 
_diffrn_radiation.pdbx_diffrn_protocol             'SINGLE WAVELENGTH' 
_diffrn_radiation.pdbx_analyzer                    ? 
_diffrn_radiation.pdbx_scattering_type             x-ray 
# 
_diffrn_radiation_wavelength.id           1 
_diffrn_radiation_wavelength.wavelength   0.97934 
_diffrn_radiation_wavelength.wt           1.0 
# 
_diffrn_source.current                     ? 
_diffrn_source.details                     ? 
_diffrn_source.diffrn_id                   1 
_diffrn_source.power                       ? 
_diffrn_source.size                        ? 
_diffrn_source.source                      SYNCHROTRON 
_diffrn_source.target                      ? 
_diffrn_source.type                        'ESRF BEAMLINE ID30B' 
_diffrn_source.voltage                     ? 
_diffrn_source.take-off_angle              ? 
_diffrn_source.pdbx_wavelength_list        0.97934 
_diffrn_source.pdbx_wavelength             ? 
_diffrn_source.pdbx_synchrotron_beamline   ID30B 
_diffrn_source.pdbx_synchrotron_site       ESRF 
# 
_reflns.B_iso_Wilson_estimate                          ? 
_reflns.entry_id                                       8RQY 
_reflns.data_reduction_details                         ? 
_reflns.data_reduction_method                          ? 
_reflns.d_resolution_high                              2.04 
_reflns.d_resolution_low                               36.40 
_reflns.details                                        ? 
_reflns.limit_h_max                                    ? 
_reflns.limit_h_min                                    ? 
_reflns.limit_k_max                                    ? 
_reflns.limit_k_min                                    ? 
_reflns.limit_l_max                                    ? 
_reflns.limit_l_min                                    ? 
_reflns.number_all                                     ? 
_reflns.number_obs                                     8027 
_reflns.observed_criterion                             ? 
_reflns.observed_criterion_F_max                       ? 
_reflns.observed_criterion_F_min                       ? 
_reflns.observed_criterion_I_max                       ? 
_reflns.observed_criterion_I_min                       ? 
_reflns.observed_criterion_sigma_F                     ? 
_reflns.observed_criterion_sigma_I                     ? 
_reflns.percent_possible_obs                           97.1 
_reflns.R_free_details                                 ? 
_reflns.Rmerge_F_all                                   ? 
_reflns.Rmerge_F_obs                                   ? 
_reflns.Friedel_coverage                               ? 
_reflns.number_gt                                      ? 
_reflns.threshold_expression                           ? 
_reflns.pdbx_redundancy                                6.8 
_reflns.pdbx_netI_over_av_sigmaI                       ? 
_reflns.pdbx_netI_over_sigmaI                          8.5 
_reflns.pdbx_res_netI_over_av_sigmaI_2                 ? 
_reflns.pdbx_res_netI_over_sigmaI_2                    ? 
_reflns.pdbx_chi_squared                               ? 
_reflns.pdbx_scaling_rejects                           ? 
_reflns.pdbx_d_res_high_opt                            ? 
_reflns.pdbx_d_res_low_opt                             ? 
_reflns.pdbx_d_res_opt_method                          ? 
_reflns.phase_calculation_details                      ? 
_reflns.pdbx_Rrim_I_all                                0.192 
_reflns.pdbx_Rpim_I_all                                0.073 
_reflns.pdbx_d_opt                                     ? 
_reflns.pdbx_number_measured_all                       ? 
_reflns.pdbx_diffrn_id                                 1 
_reflns.pdbx_ordinal                                   1 
_reflns.pdbx_CC_half                                   0.994 
_reflns.pdbx_CC_star                                   ? 
_reflns.pdbx_R_split                                   ? 
_reflns.pdbx_Rmerge_I_obs                              0.177 
_reflns.pdbx_Rmerge_I_all                              ? 
_reflns.pdbx_Rsym_value                                ? 
_reflns.pdbx_CC_split_method                           ? 
_reflns.pdbx_aniso_diffraction_limit_axis_1_ortho[1]   ? 
_reflns.pdbx_aniso_diffraction_limit_axis_1_ortho[2]   ? 
_reflns.pdbx_aniso_diffraction_limit_axis_1_ortho[3]   ? 
_reflns.pdbx_aniso_diffraction_limit_axis_2_ortho[1]   ? 
_reflns.pdbx_aniso_diffraction_limit_axis_2_ortho[2]   ? 
_reflns.pdbx_aniso_diffraction_limit_axis_2_ortho[3]   ? 
_reflns.pdbx_aniso_diffraction_limit_axis_3_ortho[1]   ? 
_reflns.pdbx_aniso_diffraction_limit_axis_3_ortho[2]   ? 
_reflns.pdbx_aniso_diffraction_limit_axis_3_ortho[3]   ? 
_reflns.pdbx_aniso_diffraction_limit_1                 ? 
_reflns.pdbx_aniso_diffraction_limit_2                 ? 
_reflns.pdbx_aniso_diffraction_limit_3                 ? 
_reflns.pdbx_aniso_B_tensor_eigenvector_1_ortho[1]     ? 
_reflns.pdbx_aniso_B_tensor_eigenvector_1_ortho[2]     ? 
_reflns.pdbx_aniso_B_tensor_eigenvector_1_ortho[3]     ? 
_reflns.pdbx_aniso_B_tensor_eigenvector_2_ortho[1]     ? 
_reflns.pdbx_aniso_B_tensor_eigenvector_2_ortho[2]     ? 
_reflns.pdbx_aniso_B_tensor_eigenvector_2_ortho[3]     ? 
_reflns.pdbx_aniso_B_tensor_eigenvector_3_ortho[1]     ? 
_reflns.pdbx_aniso_B_tensor_eigenvector_3_ortho[2]     ? 
_reflns.pdbx_aniso_B_tensor_eigenvector_3_ortho[3]     ? 
_reflns.pdbx_aniso_B_tensor_eigenvalue_1               ? 
_reflns.pdbx_aniso_B_tensor_eigenvalue_2               ? 
_reflns.pdbx_aniso_B_tensor_eigenvalue_3               ? 
_reflns.pdbx_orthogonalization_convention              ? 
_reflns.pdbx_percent_possible_ellipsoidal              ? 
_reflns.pdbx_percent_possible_spherical                ? 
_reflns.pdbx_percent_possible_ellipsoidal_anomalous    ? 
_reflns.pdbx_percent_possible_spherical_anomalous      ? 
_reflns.pdbx_redundancy_anomalous                      ? 
_reflns.pdbx_CC_half_anomalous                         ? 
_reflns.pdbx_absDiff_over_sigma_anomalous              ? 
_reflns.pdbx_percent_possible_anomalous                ? 
_reflns.pdbx_observed_signal_threshold                 ? 
_reflns.pdbx_signal_type                               ? 
_reflns.pdbx_signal_details                            ? 
_reflns.pdbx_signal_software_id                        ? 
# 
_reflns_shell.d_res_high                                    2.045 
_reflns_shell.d_res_low                                     2.080 
_reflns_shell.meanI_over_sigI_all                           ? 
_reflns_shell.meanI_over_sigI_obs                           2.0 
_reflns_shell.number_measured_all                           ? 
_reflns_shell.number_measured_obs                           ? 
_reflns_shell.number_possible                               ? 
_reflns_shell.number_unique_all                             ? 
_reflns_shell.number_unique_obs                             395 
_reflns_shell.percent_possible_obs                          ? 
_reflns_shell.Rmerge_F_all                                  ? 
_reflns_shell.Rmerge_F_obs                                  ? 
_reflns_shell.meanI_over_sigI_gt                            ? 
_reflns_shell.meanI_over_uI_all                             ? 
_reflns_shell.meanI_over_uI_gt                              ? 
_reflns_shell.number_measured_gt                            ? 
_reflns_shell.number_unique_gt                              ? 
_reflns_shell.percent_possible_gt                           ? 
_reflns_shell.Rmerge_F_gt                                   ? 
_reflns_shell.Rmerge_I_gt                                   ? 
_reflns_shell.pdbx_redundancy                               7.3 
_reflns_shell.pdbx_chi_squared                              ? 
_reflns_shell.pdbx_netI_over_sigmaI_all                     ? 
_reflns_shell.pdbx_netI_over_sigmaI_obs                     ? 
_reflns_shell.pdbx_Rrim_I_all                               ? 
_reflns_shell.pdbx_Rpim_I_all                               0.451 
_reflns_shell.pdbx_rejects                                  ? 
_reflns_shell.pdbx_ordinal                                  1 
_reflns_shell.pdbx_diffrn_id                                1 
_reflns_shell.pdbx_CC_half                                  0.760 
_reflns_shell.pdbx_CC_star                                  ? 
_reflns_shell.pdbx_R_split                                  ? 
_reflns_shell.percent_possible_all                          100 
_reflns_shell.Rmerge_I_all                                  ? 
_reflns_shell.Rmerge_I_obs                                  1.134 
_reflns_shell.pdbx_Rsym_value                               ? 
_reflns_shell.pdbx_percent_possible_ellipsoidal             ? 
_reflns_shell.pdbx_percent_possible_spherical               ? 
_reflns_shell.pdbx_percent_possible_ellipsoidal_anomalous   ? 
_reflns_shell.pdbx_percent_possible_spherical_anomalous     ? 
_reflns_shell.pdbx_redundancy_anomalous                     ? 
_reflns_shell.pdbx_CC_half_anomalous                        ? 
_reflns_shell.pdbx_absDiff_over_sigma_anomalous             ? 
_reflns_shell.pdbx_percent_possible_anomalous               ? 
# 
_refine.aniso_B[1][1]                            -0.856 
_refine.aniso_B[1][2]                            -0.000 
_refine.aniso_B[1][3]                            0.000 
_refine.aniso_B[2][2]                            3.083 
_refine.aniso_B[2][3]                            -0.000 
_refine.aniso_B[3][3]                            -2.226 
_refine.B_iso_max                                ? 
_refine.B_iso_mean                               30.403 
_refine.B_iso_min                                ? 
_refine.correlation_coeff_Fo_to_Fc               0.962 
_refine.correlation_coeff_Fo_to_Fc_free          0.955 
_refine.details                                  'Hydrogens have been added in their riding positions' 
_refine.diff_density_max                         ? 
_refine.diff_density_max_esd                     ? 
_refine.diff_density_min                         ? 
_refine.diff_density_min_esd                     ? 
_refine.diff_density_rms                         ? 
_refine.diff_density_rms_esd                     ? 
_refine.entry_id                                 8RQY 
_refine.pdbx_refine_id                           'X-RAY DIFFRACTION' 
_refine.ls_abs_structure_details                 ? 
_refine.ls_abs_structure_Flack                   ? 
_refine.ls_abs_structure_Flack_esd               ? 
_refine.ls_abs_structure_Rogers                  ? 
_refine.ls_abs_structure_Rogers_esd              ? 
_refine.ls_d_res_high                            2.045 
_refine.ls_d_res_low                             36.4 
_refine.ls_extinction_coef                       ? 
_refine.ls_extinction_coef_esd                   ? 
_refine.ls_extinction_expression                 ? 
_refine.ls_extinction_method                     ? 
_refine.ls_goodness_of_fit_all                   ? 
_refine.ls_goodness_of_fit_all_esd               ? 
_refine.ls_goodness_of_fit_obs                   ? 
_refine.ls_goodness_of_fit_obs_esd               ? 
_refine.ls_hydrogen_treatment                    ? 
_refine.ls_matrix_type                           ? 
_refine.ls_number_constraints                    ? 
_refine.ls_number_parameters                     ? 
_refine.ls_number_reflns_all                     ? 
_refine.ls_number_reflns_obs                     8024 
_refine.ls_number_reflns_R_free                  419 
_refine.ls_number_reflns_R_work                  7605 
_refine.ls_number_restraints                     ? 
_refine.ls_percent_reflns_obs                    97.049 
_refine.ls_percent_reflns_R_free                 5.222 
_refine.ls_R_factor_all                          0.184 
_refine.ls_R_factor_obs                          ? 
_refine.ls_R_factor_R_free                       0.1997 
_refine.ls_R_factor_R_free_error                 ? 
_refine.ls_R_factor_R_free_error_details         ? 
_refine.ls_R_factor_R_work                       0.1826 
_refine.ls_R_Fsqd_factor_obs                     ? 
_refine.ls_R_I_factor_obs                        ? 
_refine.ls_redundancy_reflns_all                 ? 
_refine.ls_redundancy_reflns_obs                 ? 
_refine.ls_restrained_S_all                      ? 
_refine.ls_restrained_S_obs                      ? 
_refine.ls_shift_over_esd_max                    ? 
_refine.ls_shift_over_esd_mean                   ? 
_refine.ls_structure_factor_coef                 ? 
_refine.ls_weighting_details                     ? 
_refine.ls_weighting_scheme                      ? 
_refine.ls_wR_factor_all                         ? 
_refine.ls_wR_factor_obs                         ? 
_refine.ls_wR_factor_R_free                      ? 
_refine.ls_wR_factor_R_work                      ? 
_refine.occupancy_max                            ? 
_refine.occupancy_min                            ? 
_refine.solvent_model_details                    'MASK BULK SOLVENT' 
_refine.solvent_model_param_bsol                 ? 
_refine.solvent_model_param_ksol                 ? 
_refine.pdbx_R_complete                          ? 
_refine.ls_R_factor_gt                           ? 
_refine.ls_goodness_of_fit_gt                    ? 
_refine.ls_goodness_of_fit_ref                   ? 
_refine.ls_shift_over_su_max                     ? 
_refine.ls_shift_over_su_max_lt                  ? 
_refine.ls_shift_over_su_mean                    ? 
_refine.ls_shift_over_su_mean_lt                 ? 
_refine.pdbx_ls_sigma_I                          ? 
_refine.pdbx_ls_sigma_F                          ? 
_refine.pdbx_ls_sigma_Fsqd                       ? 
_refine.pdbx_data_cutoff_high_absF               ? 
_refine.pdbx_data_cutoff_high_rms_absF           ? 
_refine.pdbx_data_cutoff_low_absF                ? 
_refine.pdbx_isotropic_thermal_model             ? 
_refine.pdbx_ls_cross_valid_method               'FREE R-VALUE' 
_refine.pdbx_method_to_determine_struct          SAD 
_refine.pdbx_starting_model                      ? 
_refine.pdbx_stereochemistry_target_values       ? 
_refine.pdbx_R_Free_selection_details            ? 
_refine.pdbx_stereochem_target_val_spec_case     ? 
_refine.pdbx_overall_ESU_R                       0.214 
_refine.pdbx_overall_ESU_R_Free                  0.156 
_refine.pdbx_solvent_vdw_probe_radii             1.200 
_refine.pdbx_solvent_ion_probe_radii             0.800 
_refine.pdbx_solvent_shrinkage_radii             0.800 
_refine.pdbx_real_space_R                        ? 
_refine.pdbx_density_correlation                 ? 
_refine.pdbx_pd_number_of_powder_patterns        ? 
_refine.pdbx_pd_number_of_points                 ? 
_refine.pdbx_pd_meas_number_of_points            ? 
_refine.pdbx_pd_proc_ls_prof_R_factor            ? 
_refine.pdbx_pd_proc_ls_prof_wR_factor           ? 
_refine.pdbx_pd_Marquardt_correlation_coeff      ? 
_refine.pdbx_pd_Fsqrd_R_factor                   ? 
_refine.pdbx_pd_ls_matrix_band_width             ? 
_refine.pdbx_overall_phase_error                 ? 
_refine.pdbx_overall_SU_R_free_Cruickshank_DPI   ? 
_refine.pdbx_overall_SU_R_free_Blow_DPI          ? 
_refine.pdbx_overall_SU_R_Blow_DPI               ? 
_refine.pdbx_TLS_residual_ADP_flag               ? 
_refine.pdbx_diffrn_id                           1 
_refine.overall_SU_B                             5.183 
_refine.overall_SU_ML                            0.130 
_refine.overall_SU_R_Cruickshank_DPI             ? 
_refine.overall_SU_R_free                        ? 
_refine.overall_FOM_free_R_set                   ? 
_refine.overall_FOM_work_R_set                   ? 
_refine.pdbx_average_fsc_overall                 ? 
_refine.pdbx_average_fsc_work                    ? 
_refine.pdbx_average_fsc_free                    ? 
# 
_refine_hist.pdbx_refine_id                   'X-RAY DIFFRACTION' 
_refine_hist.cycle_id                         LAST 
_refine_hist.details                          ? 
_refine_hist.d_res_high                       2.045 
_refine_hist.d_res_low                        36.4 
_refine_hist.number_atoms_solvent             45 
_refine_hist.number_atoms_total               1051 
_refine_hist.number_reflns_all                ? 
_refine_hist.number_reflns_obs                ? 
_refine_hist.number_reflns_R_free             ? 
_refine_hist.number_reflns_R_work             ? 
_refine_hist.R_factor_all                     ? 
_refine_hist.R_factor_obs                     ? 
_refine_hist.R_factor_R_free                  ? 
_refine_hist.R_factor_R_work                  ? 
_refine_hist.pdbx_number_residues_total       ? 
_refine_hist.pdbx_B_iso_mean_ligand           ? 
_refine_hist.pdbx_B_iso_mean_solvent          ? 
_refine_hist.pdbx_number_atoms_protein        1006 
_refine_hist.pdbx_number_atoms_nucleic_acid   0 
_refine_hist.pdbx_number_atoms_ligand         0 
_refine_hist.pdbx_number_atoms_lipid          ? 
_refine_hist.pdbx_number_atoms_carb           ? 
_refine_hist.pdbx_pseudo_atom_details         ? 
# 
loop_
_refine_ls_restr.pdbx_refine_id 
_refine_ls_restr.criterion 
_refine_ls_restr.dev_ideal 
_refine_ls_restr.dev_ideal_target 
_refine_ls_restr.number 
_refine_ls_restr.rejects 
_refine_ls_restr.type 
_refine_ls_restr.weight 
_refine_ls_restr.pdbx_restraint_function 
'X-RAY DIFFRACTION' ? 0.014  0.012  1019 ? r_bond_refined_d               ? ? 
'X-RAY DIFFRACTION' ? 0.001  0.016  974  ? r_bond_other_d                 ? ? 
'X-RAY DIFFRACTION' ? 1.989  1.631  1378 ? r_angle_refined_deg            ? ? 
'X-RAY DIFFRACTION' ? 0.678  1.571  2239 ? r_angle_other_deg              ? ? 
'X-RAY DIFFRACTION' ? 8.433  5.000  130  ? r_dihedral_angle_1_deg         ? ? 
'X-RAY DIFFRACTION' ? 4.417  5.000  5    ? r_dihedral_angle_2_deg         ? ? 
'X-RAY DIFFRACTION' ? 15.288 10.000 181  ? r_dihedral_angle_3_deg         ? ? 
'X-RAY DIFFRACTION' ? 17.293 10.000 48   ? r_dihedral_angle_6_deg         ? ? 
'X-RAY DIFFRACTION' ? 0.093  0.200  158  ? r_chiral_restr                 ? ? 
'X-RAY DIFFRACTION' ? 0.009  0.020  1220 ? r_gen_planes_refined           ? ? 
'X-RAY DIFFRACTION' ? 0.001  0.020  228  ? r_gen_planes_other             ? ? 
'X-RAY DIFFRACTION' ? 0.210  0.200  163  ? r_nbd_refined                  ? ? 
'X-RAY DIFFRACTION' ? 0.216  0.200  886  ? r_symmetry_nbd_other           ? ? 
'X-RAY DIFFRACTION' ? 0.178  0.200  485  ? r_nbtor_refined                ? ? 
'X-RAY DIFFRACTION' ? 0.091  0.200  610  ? r_symmetry_nbtor_other         ? ? 
'X-RAY DIFFRACTION' ? 0.229  0.200  45   ? r_xyhbond_nbd_refined          ? ? 
'X-RAY DIFFRACTION' ? 0.224  0.200  11   ? r_symmetry_nbd_refined         ? ? 
'X-RAY DIFFRACTION' ? 0.276  0.200  51   ? r_nbd_other                    ? ? 
'X-RAY DIFFRACTION' ? 0.167  0.200  15   ? r_symmetry_xyhbond_nbd_refined ? ? 
'X-RAY DIFFRACTION' ? 3.341  2.867  523  ? r_mcbond_it                    ? ? 
'X-RAY DIFFRACTION' ? 3.339  2.867  523  ? r_mcbond_other                 ? ? 
'X-RAY DIFFRACTION' ? 4.534  5.123  652  ? r_mcangle_it                   ? ? 
'X-RAY DIFFRACTION' ? 4.533  5.128  653  ? r_mcangle_other                ? ? 
'X-RAY DIFFRACTION' ? 5.413  3.405  496  ? r_scbond_it                    ? ? 
'X-RAY DIFFRACTION' ? 5.408  3.411  497  ? r_scbond_other                 ? ? 
'X-RAY DIFFRACTION' ? 7.870  5.971  726  ? r_scangle_it                   ? ? 
'X-RAY DIFFRACTION' ? 7.865  5.976  727  ? r_scangle_other                ? ? 
'X-RAY DIFFRACTION' ? 9.568  28.676 1075 ? r_lrange_it                    ? ? 
'X-RAY DIFFRACTION' ? 9.577  28.556 1068 ? r_lrange_other                 ? ? 
# 
loop_
_refine_ls_shell.pdbx_refine_id 
_refine_ls_shell.d_res_high 
_refine_ls_shell.d_res_low 
_refine_ls_shell.number_reflns_all 
_refine_ls_shell.number_reflns_obs 
_refine_ls_shell.number_reflns_R_free 
_refine_ls_shell.number_reflns_R_work 
_refine_ls_shell.percent_reflns_obs 
_refine_ls_shell.percent_reflns_R_free 
_refine_ls_shell.R_factor_all 
_refine_ls_shell.R_factor_obs 
_refine_ls_shell.R_factor_R_free_error 
_refine_ls_shell.R_factor_R_work 
_refine_ls_shell.redundancy_reflns_all 
_refine_ls_shell.redundancy_reflns_obs 
_refine_ls_shell.wR_factor_all 
_refine_ls_shell.wR_factor_obs 
_refine_ls_shell.wR_factor_R_free 
_refine_ls_shell.wR_factor_R_work 
_refine_ls_shell.pdbx_R_complete 
_refine_ls_shell.pdbx_total_number_of_bins_used 
_refine_ls_shell.pdbx_phase_error 
_refine_ls_shell.pdbx_fsc_work 
_refine_ls_shell.pdbx_fsc_free 
_refine_ls_shell.R_factor_R_free 
'X-RAY DIFFRACTION' 2.045 2.098 . . 27 569 100.0000 . . . . 0.290 . . . . . . . . . . . 0.294 
'X-RAY DIFFRACTION' 2.098 2.155 . . 29 537 99.8236  . . . . 0.250 . . . . . . . . . . . 0.290 
'X-RAY DIFFRACTION' 2.155 2.218 . . 19 547 100.0000 . . . . 0.240 . . . . . . . . . . . 0.280 
'X-RAY DIFFRACTION' 2.218 2.286 . . 21 290 56.6485  . . . . 0.332 . . . . . . . . . . . 0.282 
'X-RAY DIFFRACTION' 2.286 2.360 . . 35 518 100.0000 . . . . 0.225 . . . . . . . . . . . 0.258 
'X-RAY DIFFRACTION' 2.360 2.443 . . 26 480 100.0000 . . . . 0.197 . . . . . . . . . . . 0.300 
'X-RAY DIFFRACTION' 2.443 2.534 . . 28 470 100.0000 . . . . 0.181 . . . . . . . . . . . 0.258 
'X-RAY DIFFRACTION' 2.534 2.637 . . 33 452 100.0000 . . . . 0.203 . . . . . . . . . . . 0.279 
'X-RAY DIFFRACTION' 2.637 2.754 . . 27 451 100.0000 . . . . 0.199 . . . . . . . . . . . 0.246 
'X-RAY DIFFRACTION' 2.754 2.888 . . 22 425 100.0000 . . . . 0.184 . . . . . . . . . . . 0.218 
'X-RAY DIFFRACTION' 2.888 3.043 . . 15 409 100.0000 . . . . 0.187 . . . . . . . . . . . 0.269 
'X-RAY DIFFRACTION' 3.043 3.226 . . 21 382 100.0000 . . . . 0.184 . . . . . . . . . . . 0.203 
'X-RAY DIFFRACTION' 3.226 3.447 . . 18 361 100.0000 . . . . 0.179 . . . . . . . . . . . 0.191 
'X-RAY DIFFRACTION' 3.447 3.720 . . 14 337 99.7159  . . . . 0.178 . . . . . . . . . . . 0.271 
'X-RAY DIFFRACTION' 3.720 4.071 . . 22 323 100.0000 . . . . 0.152 . . . . . . . . . . . 0.165 
'X-RAY DIFFRACTION' 4.071 4.544 . . 21 282 99.6711  . . . . 0.121 . . . . . . . . . . . 0.120 
'X-RAY DIFFRACTION' 4.544 5.234 . . 9  256 100.0000 . . . . 0.127 . . . . . . . . . . . 0.092 
'X-RAY DIFFRACTION' 5.234 6.377 . . 18 218 100.0000 . . . . 0.169 . . . . . . . . . . . 0.132 
'X-RAY DIFFRACTION' 6.377 8.884 . . 10 176 100.0000 . . . . 0.169 . . . . . . . . . . . 0.113 
'X-RAY DIFFRACTION' 8.884 36.4  . . 4  122 100.0000 . . . . 0.159 . . . . . . . . . . . 0.056 
# 
_struct.entry_id                     8RQY 
_struct.title                        'MakC and MakD are two proteins associated with a tripartite toxin of Vibrio cholerae' 
_struct.pdbx_model_details           ? 
_struct.pdbx_formula_weight          ? 
_struct.pdbx_formula_weight_method   ? 
_struct.pdbx_model_type_details      ? 
_struct.pdbx_CASP_flag               N 
# 
_struct_keywords.entry_id        8RQY 
_struct_keywords.text            'Vibrio Mak operon encoded protein, toxin associated protein UNKNOWN FUNCTION, UNKNOWN FUNCTION' 
_struct_keywords.pdbx_keywords   'UNKNOWN FUNCTION' 
# 
loop_
_struct_asym.id 
_struct_asym.pdbx_blank_PDB_chainid_flag 
_struct_asym.pdbx_modified 
_struct_asym.entity_id 
_struct_asym.details 
A N N 1 ? 
B N N 2 ? 
# 
_struct_ref.id                         1 
_struct_ref.db_name                    UNP 
_struct_ref.db_code                    Q9KL66_VIBCH 
_struct_ref.pdbx_db_accession          Q9KL66 
_struct_ref.pdbx_db_isoform            ? 
_struct_ref.entity_id                  1 
_struct_ref.pdbx_seq_one_letter_code   
;MKKVEILMVVDAAAALASRDLQSNIYLIDTNKYMGSGNEGQAELKTACKDGQLLCWRVVAISPDNEVDIVEFNGQMINDR
VCIPTKQGLSGDEFWEGRVEAQGQASTQQYNATLSIDGSRLTFDPFLVISL
;
_struct_ref.pdbx_align_begin           1 
# 
_struct_ref_seq.align_id                      1 
_struct_ref_seq.ref_id                        1 
_struct_ref_seq.pdbx_PDB_id_code              8RQY 
_struct_ref_seq.pdbx_strand_id                A 
_struct_ref_seq.seq_align_beg                 3 
_struct_ref_seq.pdbx_seq_align_beg_ins_code   ? 
_struct_ref_seq.seq_align_end                 133 
_struct_ref_seq.pdbx_seq_align_end_ins_code   ? 
_struct_ref_seq.pdbx_db_accession             Q9KL66 
_struct_ref_seq.db_align_beg                  1 
_struct_ref_seq.pdbx_db_align_beg_ins_code    ? 
_struct_ref_seq.db_align_end                  131 
_struct_ref_seq.pdbx_db_align_end_ins_code    ? 
_struct_ref_seq.pdbx_auth_seq_align_beg       1 
_struct_ref_seq.pdbx_auth_seq_align_end       131 
# 
loop_
_struct_ref_seq_dif.align_id 
_struct_ref_seq_dif.pdbx_pdb_id_code 
_struct_ref_seq_dif.mon_id 
_struct_ref_seq_dif.pdbx_pdb_strand_id 
_struct_ref_seq_dif.seq_num 
_struct_ref_seq_dif.pdbx_pdb_ins_code 
_struct_ref_seq_dif.pdbx_seq_db_name 
_struct_ref_seq_dif.pdbx_seq_db_accession_code 
_struct_ref_seq_dif.db_mon_id 
_struct_ref_seq_dif.pdbx_seq_db_seq_num 
_struct_ref_seq_dif.details 
_struct_ref_seq_dif.pdbx_auth_seq_num 
_struct_ref_seq_dif.pdbx_ordinal 
1 8RQY GLY A 1 ? UNP Q9KL66 ? ? 'expression tag' -1 1 
1 8RQY ALA A 2 ? UNP Q9KL66 ? ? 'expression tag' 0  2 
# 
_pdbx_struct_assembly.id                   1 
_pdbx_struct_assembly.details              author_defined_assembly 
_pdbx_struct_assembly.method_details       ? 
_pdbx_struct_assembly.oligomeric_details   dimeric 
_pdbx_struct_assembly.oligomeric_count     2 
# 
loop_
_pdbx_struct_assembly_prop.biol_id 
_pdbx_struct_assembly_prop.type 
_pdbx_struct_assembly_prop.value 
_pdbx_struct_assembly_prop.details 
1 'ABSA (A^2)' 2140  ? 
1 MORE         -16   ? 
1 'SSA (A^2)'  11910 ? 
# 
_pdbx_struct_assembly_gen.assembly_id       1 
_pdbx_struct_assembly_gen.oper_expression   1,2 
_pdbx_struct_assembly_gen.asym_id_list      A,B 
# 
_pdbx_struct_assembly_auth_evidence.id                     1 
_pdbx_struct_assembly_auth_evidence.assembly_id            1 
_pdbx_struct_assembly_auth_evidence.experimental_support   none 
_pdbx_struct_assembly_auth_evidence.details                PISA 
# 
loop_
_pdbx_struct_oper_list.id 
_pdbx_struct_oper_list.type 
_pdbx_struct_oper_list.name 
_pdbx_struct_oper_list.symmetry_operation 
_pdbx_struct_oper_list.matrix[1][1] 
_pdbx_struct_oper_list.matrix[1][2] 
_pdbx_struct_oper_list.matrix[1][3] 
_pdbx_struct_oper_list.vector[1] 
_pdbx_struct_oper_list.matrix[2][1] 
_pdbx_struct_oper_list.matrix[2][2] 
_pdbx_struct_oper_list.matrix[2][3] 
_pdbx_struct_oper_list.vector[2] 
_pdbx_struct_oper_list.matrix[3][1] 
_pdbx_struct_oper_list.matrix[3][2] 
_pdbx_struct_oper_list.matrix[3][3] 
_pdbx_struct_oper_list.vector[3] 
1 'identity operation'         1_555 x,y,z       1.0000000000  0.0000000000  0.0000000000 0.0000000000 0.0000000000  1.0000000000 0.0000000000  0.0000000000  0.0000000000 0.0000000000  1.0000000000  0.0000000000  
2 'crystal symmetry operation' 3_556 -x,y,-z+3/2 -0.7836348180 -0.5323644981 0.3201632604 7.3219922574 -0.5323644981 0.3098778469 -0.7877586948 14.2532533579 0.3201632604 -0.7877586948 -0.5262430290 18.7520013235 
# 
loop_
_struct_conf.conf_type_id 
_struct_conf.id 
_struct_conf.pdbx_PDB_helix_id 
_struct_conf.beg_label_comp_id 
_struct_conf.beg_label_asym_id 
_struct_conf.beg_label_seq_id 
_struct_conf.pdbx_beg_PDB_ins_code 
_struct_conf.end_label_comp_id 
_struct_conf.end_label_asym_id 
_struct_conf.end_label_seq_id 
_struct_conf.pdbx_end_PDB_ins_code 
_struct_conf.beg_auth_comp_id 
_struct_conf.beg_auth_asym_id 
_struct_conf.beg_auth_seq_id 
_struct_conf.end_auth_comp_id 
_struct_conf.end_auth_asym_id 
_struct_conf.end_auth_seq_id 
_struct_conf.pdbx_PDB_helix_class 
_struct_conf.details 
_struct_conf.pdbx_PDB_helix_length 
HELX_P HELX_P1 AA1 ASP A 13 ? ARG A 21 ? ASP A 11 ARG A 19 1 ? 9 
HELX_P HELX_P2 AA2 LEU A 23 ? SER A 25 ? LEU A 21 SER A 23 5 ? 3 
HELX_P HELX_P3 AA3 ASN A 40 ? GLU A 45 ? ASN A 38 GLU A 43 5 ? 6 
HELX_P HELX_P4 AA4 GLY A 76 ? ASP A 81 ? GLY A 74 ASP A 79 1 ? 6 
# 
_struct_conf_type.id          HELX_P 
_struct_conf_type.criteria    ? 
_struct_conf_type.reference   ? 
# 
loop_
_struct_sheet.id 
_struct_sheet.type 
_struct_sheet.number_strands 
_struct_sheet.details 
AA1 ? 6 ? 
AA2 ? 3 ? 
AA3 ? 3 ? 
# 
loop_
_struct_sheet_order.sheet_id 
_struct_sheet_order.range_id_1 
_struct_sheet_order.range_id_2 
_struct_sheet_order.offset 
_struct_sheet_order.sense 
AA1 1 2 ? anti-parallel 
AA1 2 3 ? anti-parallel 
AA1 3 4 ? parallel      
AA1 4 5 ? anti-parallel 
AA1 5 6 ? anti-parallel 
AA2 1 2 ? parallel      
AA2 2 3 ? anti-parallel 
AA3 1 2 ? anti-parallel 
AA3 2 3 ? anti-parallel 
# 
loop_
_struct_sheet_range.sheet_id 
_struct_sheet_range.id 
_struct_sheet_range.beg_label_comp_id 
_struct_sheet_range.beg_label_asym_id 
_struct_sheet_range.beg_label_seq_id 
_struct_sheet_range.pdbx_beg_PDB_ins_code 
_struct_sheet_range.end_label_comp_id 
_struct_sheet_range.end_label_asym_id 
_struct_sheet_range.end_label_seq_id 
_struct_sheet_range.pdbx_end_PDB_ins_code 
_struct_sheet_range.beg_auth_comp_id 
_struct_sheet_range.beg_auth_asym_id 
_struct_sheet_range.beg_auth_seq_id 
_struct_sheet_range.end_auth_comp_id 
_struct_sheet_range.end_auth_asym_id 
_struct_sheet_range.end_auth_seq_id 
AA1 1 MET A 36  ? SER A 38  ? MET A 34  SER A 36  
AA1 2 ILE A 27  ? ASP A 31  ? ILE A 25  ASP A 29  
AA1 3 VAL A 6   ? VAL A 12  ? VAL A 4   VAL A 10  
AA1 4 LEU A 55  ? ALA A 62  ? LEU A 53  ALA A 60  
AA1 5 GLU A 95  ? ARG A 100 ? GLU A 93  ARG A 98  
AA1 6 THR A 87  ? GLY A 90  ? THR A 85  GLY A 88  
AA2 1 LYS A 47  ? LYS A 51  ? LYS A 45  LYS A 49  
AA2 2 PHE A 128 ? SER A 132 ? PHE A 126 SER A 130 
AA2 3 SER A 108 ? GLN A 111 ? SER A 106 GLN A 109 
AA3 1 VAL A 69  ? ASN A 75  ? VAL A 67  ASN A 73  
AA3 2 ASN A 113 ? ILE A 118 ? ASN A 111 ILE A 116 
AA3 3 SER A 121 ? PHE A 125 ? SER A 119 PHE A 123 
# 
loop_
_pdbx_struct_sheet_hbond.sheet_id 
_pdbx_struct_sheet_hbond.range_id_1 
_pdbx_struct_sheet_hbond.range_id_2 
_pdbx_struct_sheet_hbond.range_1_label_atom_id 
_pdbx_struct_sheet_hbond.range_1_label_comp_id 
_pdbx_struct_sheet_hbond.range_1_label_asym_id 
_pdbx_struct_sheet_hbond.range_1_label_seq_id 
_pdbx_struct_sheet_hbond.range_1_PDB_ins_code 
_pdbx_struct_sheet_hbond.range_1_auth_atom_id 
_pdbx_struct_sheet_hbond.range_1_auth_comp_id 
_pdbx_struct_sheet_hbond.range_1_auth_asym_id 
_pdbx_struct_sheet_hbond.range_1_auth_seq_id 
_pdbx_struct_sheet_hbond.range_2_label_atom_id 
_pdbx_struct_sheet_hbond.range_2_label_comp_id 
_pdbx_struct_sheet_hbond.range_2_label_asym_id 
_pdbx_struct_sheet_hbond.range_2_label_seq_id 
_pdbx_struct_sheet_hbond.range_2_PDB_ins_code 
_pdbx_struct_sheet_hbond.range_2_auth_atom_id 
_pdbx_struct_sheet_hbond.range_2_auth_comp_id 
_pdbx_struct_sheet_hbond.range_2_auth_asym_id 
_pdbx_struct_sheet_hbond.range_2_auth_seq_id 
AA1 1 2 O GLY A 37  ? O GLY A 35  N LEU A 29  ? N LEU A 27  
AA1 2 3 O ILE A 30  ? O ILE A 28  N LEU A 9   ? N LEU A 7   
AA1 3 4 N VAL A 6   ? N VAL A 4   O LEU A 55  ? O LEU A 53  
AA1 4 5 N TRP A 58  ? N TRP A 56  O TRP A 97  ? O TRP A 95  
AA1 5 6 O PHE A 96  ? O PHE A 94  N GLN A 89  ? N GLN A 87  
AA2 1 2 N THR A 48  ? N THR A 46  O VAL A 130 ? O VAL A 128 
AA2 2 3 O ILE A 131 ? O ILE A 129 N SER A 108 ? N SER A 106 
AA3 1 2 N ASN A 75  ? N ASN A 73  O ASN A 113 ? O ASN A 111 
AA3 2 3 N ILE A 118 ? N ILE A 116 O SER A 121 ? O SER A 119 
# 
_pdbx_entry_details.entry_id                   8RQY 
_pdbx_entry_details.compound_details           ? 
_pdbx_entry_details.source_details             ? 
_pdbx_entry_details.nonpolymer_details         ? 
_pdbx_entry_details.sequence_details           ? 
_pdbx_entry_details.has_ligand_of_interest     ? 
_pdbx_entry_details.has_protein_modification   N 
# 
loop_
_pdbx_validate_torsion.id 
_pdbx_validate_torsion.PDB_model_num 
_pdbx_validate_torsion.auth_comp_id 
_pdbx_validate_torsion.auth_asym_id 
_pdbx_validate_torsion.auth_seq_id 
_pdbx_validate_torsion.PDB_ins_code 
_pdbx_validate_torsion.label_alt_id 
_pdbx_validate_torsion.phi 
_pdbx_validate_torsion.psi 
1 1 GLU A 100 ? ? -111.07 76.54   
2 1 GLN A 102 ? ? -95.92  56.12   
3 1 GLN A 104 ? ? -90.12  -63.78  
4 1 ALA A 105 ? ? 83.43   132.36  
5 1 SER A 106 ? ? 174.39  -179.65 
# 
loop_
_pdbx_unobs_or_zero_occ_residues.id 
_pdbx_unobs_or_zero_occ_residues.PDB_model_num 
_pdbx_unobs_or_zero_occ_residues.polymer_flag 
_pdbx_unobs_or_zero_occ_residues.occupancy_flag 
_pdbx_unobs_or_zero_occ_residues.auth_asym_id 
_pdbx_unobs_or_zero_occ_residues.auth_comp_id 
_pdbx_unobs_or_zero_occ_residues.auth_seq_id 
_pdbx_unobs_or_zero_occ_residues.PDB_ins_code 
_pdbx_unobs_or_zero_occ_residues.label_asym_id 
_pdbx_unobs_or_zero_occ_residues.label_comp_id 
_pdbx_unobs_or_zero_occ_residues.label_seq_id 
1 1 Y 1 A GLY -1 ? A GLY 1 
2 1 Y 1 A ALA 0  ? A ALA 2 
# 
loop_
_chem_comp_atom.comp_id 
_chem_comp_atom.atom_id 
_chem_comp_atom.type_symbol 
_chem_comp_atom.pdbx_aromatic_flag 
_chem_comp_atom.pdbx_stereo_config 
_chem_comp_atom.pdbx_ordinal 
ALA N    N N N 1   
ALA CA   C N S 2   
ALA C    C N N 3   
ALA O    O N N 4   
ALA CB   C N N 5   
ALA OXT  O N N 6   
ALA H    H N N 7   
ALA H2   H N N 8   
ALA HA   H N N 9   
ALA HB1  H N N 10  
ALA HB2  H N N 11  
ALA HB3  H N N 12  
ALA HXT  H N N 13  
ARG N    N N N 14  
ARG CA   C N S 15  
ARG C    C N N 16  
ARG O    O N N 17  
ARG CB   C N N 18  
ARG CG   C N N 19  
ARG CD   C N N 20  
ARG NE   N N N 21  
ARG CZ   C N N 22  
ARG NH1  N N N 23  
ARG NH2  N N N 24  
ARG OXT  O N N 25  
ARG H    H N N 26  
ARG H2   H N N 27  
ARG HA   H N N 28  
ARG HB2  H N N 29  
ARG HB3  H N N 30  
ARG HG2  H N N 31  
ARG HG3  H N N 32  
ARG HD2  H N N 33  
ARG HD3  H N N 34  
ARG HE   H N N 35  
ARG HH11 H N N 36  
ARG HH12 H N N 37  
ARG HH21 H N N 38  
ARG HH22 H N N 39  
ARG HXT  H N N 40  
ASN N    N N N 41  
ASN CA   C N S 42  
ASN C    C N N 43  
ASN O    O N N 44  
ASN CB   C N N 45  
ASN CG   C N N 46  
ASN OD1  O N N 47  
ASN ND2  N N N 48  
ASN OXT  O N N 49  
ASN H    H N N 50  
ASN H2   H N N 51  
ASN HA   H N N 52  
ASN HB2  H N N 53  
ASN HB3  H N N 54  
ASN HD21 H N N 55  
ASN HD22 H N N 56  
ASN HXT  H N N 57  
ASP N    N N N 58  
ASP CA   C N S 59  
ASP C    C N N 60  
ASP O    O N N 61  
ASP CB   C N N 62  
ASP CG   C N N 63  
ASP OD1  O N N 64  
ASP OD2  O N N 65  
ASP OXT  O N N 66  
ASP H    H N N 67  
ASP H2   H N N 68  
ASP HA   H N N 69  
ASP HB2  H N N 70  
ASP HB3  H N N 71  
ASP HD2  H N N 72  
ASP HXT  H N N 73  
CYS N    N N N 74  
CYS CA   C N R 75  
CYS C    C N N 76  
CYS O    O N N 77  
CYS CB   C N N 78  
CYS SG   S N N 79  
CYS OXT  O N N 80  
CYS H    H N N 81  
CYS H2   H N N 82  
CYS HA   H N N 83  
CYS HB2  H N N 84  
CYS HB3  H N N 85  
CYS HG   H N N 86  
CYS HXT  H N N 87  
GLN N    N N N 88  
GLN CA   C N S 89  
GLN C    C N N 90  
GLN O    O N N 91  
GLN CB   C N N 92  
GLN CG   C N N 93  
GLN CD   C N N 94  
GLN OE1  O N N 95  
GLN NE2  N N N 96  
GLN OXT  O N N 97  
GLN H    H N N 98  
GLN H2   H N N 99  
GLN HA   H N N 100 
GLN HB2  H N N 101 
GLN HB3  H N N 102 
GLN HG2  H N N 103 
GLN HG3  H N N 104 
GLN HE21 H N N 105 
GLN HE22 H N N 106 
GLN HXT  H N N 107 
GLU N    N N N 108 
GLU CA   C N S 109 
GLU C    C N N 110 
GLU O    O N N 111 
GLU CB   C N N 112 
GLU CG   C N N 113 
GLU CD   C N N 114 
GLU OE1  O N N 115 
GLU OE2  O N N 116 
GLU OXT  O N N 117 
GLU H    H N N 118 
GLU H2   H N N 119 
GLU HA   H N N 120 
GLU HB2  H N N 121 
GLU HB3  H N N 122 
GLU HG2  H N N 123 
GLU HG3  H N N 124 
GLU HE2  H N N 125 
GLU HXT  H N N 126 
GLY N    N N N 127 
GLY CA   C N N 128 
GLY C    C N N 129 
GLY O    O N N 130 
GLY OXT  O N N 131 
GLY H    H N N 132 
GLY H2   H N N 133 
GLY HA2  H N N 134 
GLY HA3  H N N 135 
GLY HXT  H N N 136 
HOH O    O N N 137 
HOH H1   H N N 138 
HOH H2   H N N 139 
ILE N    N N N 140 
ILE CA   C N S 141 
ILE C    C N N 142 
ILE O    O N N 143 
ILE CB   C N S 144 
ILE CG1  C N N 145 
ILE CG2  C N N 146 
ILE CD1  C N N 147 
ILE OXT  O N N 148 
ILE H    H N N 149 
ILE H2   H N N 150 
ILE HA   H N N 151 
ILE HB   H N N 152 
ILE HG12 H N N 153 
ILE HG13 H N N 154 
ILE HG21 H N N 155 
ILE HG22 H N N 156 
ILE HG23 H N N 157 
ILE HD11 H N N 158 
ILE HD12 H N N 159 
ILE HD13 H N N 160 
ILE HXT  H N N 161 
LEU N    N N N 162 
LEU CA   C N S 163 
LEU C    C N N 164 
LEU O    O N N 165 
LEU CB   C N N 166 
LEU CG   C N N 167 
LEU CD1  C N N 168 
LEU CD2  C N N 169 
LEU OXT  O N N 170 
LEU H    H N N 171 
LEU H2   H N N 172 
LEU HA   H N N 173 
LEU HB2  H N N 174 
LEU HB3  H N N 175 
LEU HG   H N N 176 
LEU HD11 H N N 177 
LEU HD12 H N N 178 
LEU HD13 H N N 179 
LEU HD21 H N N 180 
LEU HD22 H N N 181 
LEU HD23 H N N 182 
LEU HXT  H N N 183 
LYS N    N N N 184 
LYS CA   C N S 185 
LYS C    C N N 186 
LYS O    O N N 187 
LYS CB   C N N 188 
LYS CG   C N N 189 
LYS CD   C N N 190 
LYS CE   C N N 191 
LYS NZ   N N N 192 
LYS OXT  O N N 193 
LYS H    H N N 194 
LYS H2   H N N 195 
LYS HA   H N N 196 
LYS HB2  H N N 197 
LYS HB3  H N N 198 
LYS HG2  H N N 199 
LYS HG3  H N N 200 
LYS HD2  H N N 201 
LYS HD3  H N N 202 
LYS HE2  H N N 203 
LYS HE3  H N N 204 
LYS HZ1  H N N 205 
LYS HZ2  H N N 206 
LYS HZ3  H N N 207 
LYS HXT  H N N 208 
MET N    N N N 209 
MET CA   C N S 210 
MET C    C N N 211 
MET O    O N N 212 
MET CB   C N N 213 
MET CG   C N N 214 
MET SD   S N N 215 
MET CE   C N N 216 
MET OXT  O N N 217 
MET H    H N N 218 
MET H2   H N N 219 
MET HA   H N N 220 
MET HB2  H N N 221 
MET HB3  H N N 222 
MET HG2  H N N 223 
MET HG3  H N N 224 
MET HE1  H N N 225 
MET HE2  H N N 226 
MET HE3  H N N 227 
MET HXT  H N N 228 
PHE N    N N N 229 
PHE CA   C N S 230 
PHE C    C N N 231 
PHE O    O N N 232 
PHE CB   C N N 233 
PHE CG   C Y N 234 
PHE CD1  C Y N 235 
PHE CD2  C Y N 236 
PHE CE1  C Y N 237 
PHE CE2  C Y N 238 
PHE CZ   C Y N 239 
PHE OXT  O N N 240 
PHE H    H N N 241 
PHE H2   H N N 242 
PHE HA   H N N 243 
PHE HB2  H N N 244 
PHE HB3  H N N 245 
PHE HD1  H N N 246 
PHE HD2  H N N 247 
PHE HE1  H N N 248 
PHE HE2  H N N 249 
PHE HZ   H N N 250 
PHE HXT  H N N 251 
PRO N    N N N 252 
PRO CA   C N S 253 
PRO C    C N N 254 
PRO O    O N N 255 
PRO CB   C N N 256 
PRO CG   C N N 257 
PRO CD   C N N 258 
PRO OXT  O N N 259 
PRO H    H N N 260 
PRO HA   H N N 261 
PRO HB2  H N N 262 
PRO HB3  H N N 263 
PRO HG2  H N N 264 
PRO HG3  H N N 265 
PRO HD2  H N N 266 
PRO HD3  H N N 267 
PRO HXT  H N N 268 
SER N    N N N 269 
SER CA   C N S 270 
SER C    C N N 271 
SER O    O N N 272 
SER CB   C N N 273 
SER OG   O N N 274 
SER OXT  O N N 275 
SER H    H N N 276 
SER H2   H N N 277 
SER HA   H N N 278 
SER HB2  H N N 279 
SER HB3  H N N 280 
SER HG   H N N 281 
SER HXT  H N N 282 
THR N    N N N 283 
THR CA   C N S 284 
THR C    C N N 285 
THR O    O N N 286 
THR CB   C N R 287 
THR OG1  O N N 288 
THR CG2  C N N 289 
THR OXT  O N N 290 
THR H    H N N 291 
THR H2   H N N 292 
THR HA   H N N 293 
THR HB   H N N 294 
THR HG1  H N N 295 
THR HG21 H N N 296 
THR HG22 H N N 297 
THR HG23 H N N 298 
THR HXT  H N N 299 
TRP N    N N N 300 
TRP CA   C N S 301 
TRP C    C N N 302 
TRP O    O N N 303 
TRP CB   C N N 304 
TRP CG   C Y N 305 
TRP CD1  C Y N 306 
TRP CD2  C Y N 307 
TRP NE1  N Y N 308 
TRP CE2  C Y N 309 
TRP CE3  C Y N 310 
TRP CZ2  C Y N 311 
TRP CZ3  C Y N 312 
TRP CH2  C Y N 313 
TRP OXT  O N N 314 
TRP H    H N N 315 
TRP H2   H N N 316 
TRP HA   H N N 317 
TRP HB2  H N N 318 
TRP HB3  H N N 319 
TRP HD1  H N N 320 
TRP HE1  H N N 321 
TRP HE3  H N N 322 
TRP HZ2  H N N 323 
TRP HZ3  H N N 324 
TRP HH2  H N N 325 
TRP HXT  H N N 326 
TYR N    N N N 327 
TYR CA   C N S 328 
TYR C    C N N 329 
TYR O    O N N 330 
TYR CB   C N N 331 
TYR CG   C Y N 332 
TYR CD1  C Y N 333 
TYR CD2  C Y N 334 
TYR CE1  C Y N 335 
TYR CE2  C Y N 336 
TYR CZ   C Y N 337 
TYR OH   O N N 338 
TYR OXT  O N N 339 
TYR H    H N N 340 
TYR H2   H N N 341 
TYR HA   H N N 342 
TYR HB2  H N N 343 
TYR HB3  H N N 344 
TYR HD1  H N N 345 
TYR HD2  H N N 346 
TYR HE1  H N N 347 
TYR HE2  H N N 348 
TYR HH   H N N 349 
TYR HXT  H N N 350 
VAL N    N N N 351 
VAL CA   C N S 352 
VAL C    C N N 353 
VAL O    O N N 354 
VAL CB   C N N 355 
VAL CG1  C N N 356 
VAL CG2  C N N 357 
VAL OXT  O N N 358 
VAL H    H N N 359 
VAL H2   H N N 360 
VAL HA   H N N 361 
VAL HB   H N N 362 
VAL HG11 H N N 363 
VAL HG12 H N N 364 
VAL HG13 H N N 365 
VAL HG21 H N N 366 
VAL HG22 H N N 367 
VAL HG23 H N N 368 
VAL HXT  H N N 369 
# 
loop_
_chem_comp_bond.comp_id 
_chem_comp_bond.atom_id_1 
_chem_comp_bond.atom_id_2 
_chem_comp_bond.value_order 
_chem_comp_bond.pdbx_aromatic_flag 
_chem_comp_bond.pdbx_stereo_config 
_chem_comp_bond.pdbx_ordinal 
ALA N   CA   sing N N 1   
ALA N   H    sing N N 2   
ALA N   H2   sing N N 3   
ALA CA  C    sing N N 4   
ALA CA  CB   sing N N 5   
ALA CA  HA   sing N N 6   
ALA C   O    doub N N 7   
ALA C   OXT  sing N N 8   
ALA CB  HB1  sing N N 9   
ALA CB  HB2  sing N N 10  
ALA CB  HB3  sing N N 11  
ALA OXT HXT  sing N N 12  
ARG N   CA   sing N N 13  
ARG N   H    sing N N 14  
ARG N   H2   sing N N 15  
ARG CA  C    sing N N 16  
ARG CA  CB   sing N N 17  
ARG CA  HA   sing N N 18  
ARG C   O    doub N N 19  
ARG C   OXT  sing N N 20  
ARG CB  CG   sing N N 21  
ARG CB  HB2  sing N N 22  
ARG CB  HB3  sing N N 23  
ARG CG  CD   sing N N 24  
ARG CG  HG2  sing N N 25  
ARG CG  HG3  sing N N 26  
ARG CD  NE   sing N N 27  
ARG CD  HD2  sing N N 28  
ARG CD  HD3  sing N N 29  
ARG NE  CZ   sing N N 30  
ARG NE  HE   sing N N 31  
ARG CZ  NH1  sing N N 32  
ARG CZ  NH2  doub N N 33  
ARG NH1 HH11 sing N N 34  
ARG NH1 HH12 sing N N 35  
ARG NH2 HH21 sing N N 36  
ARG NH2 HH22 sing N N 37  
ARG OXT HXT  sing N N 38  
ASN N   CA   sing N N 39  
ASN N   H    sing N N 40  
ASN N   H2   sing N N 41  
ASN CA  C    sing N N 42  
ASN CA  CB   sing N N 43  
ASN CA  HA   sing N N 44  
ASN C   O    doub N N 45  
ASN C   OXT  sing N N 46  
ASN CB  CG   sing N N 47  
ASN CB  HB2  sing N N 48  
ASN CB  HB3  sing N N 49  
ASN CG  OD1  doub N N 50  
ASN CG  ND2  sing N N 51  
ASN ND2 HD21 sing N N 52  
ASN ND2 HD22 sing N N 53  
ASN OXT HXT  sing N N 54  
ASP N   CA   sing N N 55  
ASP N   H    sing N N 56  
ASP N   H2   sing N N 57  
ASP CA  C    sing N N 58  
ASP CA  CB   sing N N 59  
ASP CA  HA   sing N N 60  
ASP C   O    doub N N 61  
ASP C   OXT  sing N N 62  
ASP CB  CG   sing N N 63  
ASP CB  HB2  sing N N 64  
ASP CB  HB3  sing N N 65  
ASP CG  OD1  doub N N 66  
ASP CG  OD2  sing N N 67  
ASP OD2 HD2  sing N N 68  
ASP OXT HXT  sing N N 69  
CYS N   CA   sing N N 70  
CYS N   H    sing N N 71  
CYS N   H2   sing N N 72  
CYS CA  C    sing N N 73  
CYS CA  CB   sing N N 74  
CYS CA  HA   sing N N 75  
CYS C   O    doub N N 76  
CYS C   OXT  sing N N 77  
CYS CB  SG   sing N N 78  
CYS CB  HB2  sing N N 79  
CYS CB  HB3  sing N N 80  
CYS SG  HG   sing N N 81  
CYS OXT HXT  sing N N 82  
GLN N   CA   sing N N 83  
GLN N   H    sing N N 84  
GLN N   H2   sing N N 85  
GLN CA  C    sing N N 86  
GLN CA  CB   sing N N 87  
GLN CA  HA   sing N N 88  
GLN C   O    doub N N 89  
GLN C   OXT  sing N N 90  
GLN CB  CG   sing N N 91  
GLN CB  HB2  sing N N 92  
GLN CB  HB3  sing N N 93  
GLN CG  CD   sing N N 94  
GLN CG  HG2  sing N N 95  
GLN CG  HG3  sing N N 96  
GLN CD  OE1  doub N N 97  
GLN CD  NE2  sing N N 98  
GLN NE2 HE21 sing N N 99  
GLN NE2 HE22 sing N N 100 
GLN OXT HXT  sing N N 101 
GLU N   CA   sing N N 102 
GLU N   H    sing N N 103 
GLU N   H2   sing N N 104 
GLU CA  C    sing N N 105 
GLU CA  CB   sing N N 106 
GLU CA  HA   sing N N 107 
GLU C   O    doub N N 108 
GLU C   OXT  sing N N 109 
GLU CB  CG   sing N N 110 
GLU CB  HB2  sing N N 111 
GLU CB  HB3  sing N N 112 
GLU CG  CD   sing N N 113 
GLU CG  HG2  sing N N 114 
GLU CG  HG3  sing N N 115 
GLU CD  OE1  doub N N 116 
GLU CD  OE2  sing N N 117 
GLU OE2 HE2  sing N N 118 
GLU OXT HXT  sing N N 119 
GLY N   CA   sing N N 120 
GLY N   H    sing N N 121 
GLY N   H2   sing N N 122 
GLY CA  C    sing N N 123 
GLY CA  HA2  sing N N 124 
GLY CA  HA3  sing N N 125 
GLY C   O    doub N N 126 
GLY C   OXT  sing N N 127 
GLY OXT HXT  sing N N 128 
HOH O   H1   sing N N 129 
HOH O   H2   sing N N 130 
ILE N   CA   sing N N 131 
ILE N   H    sing N N 132 
ILE N   H2   sing N N 133 
ILE CA  C    sing N N 134 
ILE CA  CB   sing N N 135 
ILE CA  HA   sing N N 136 
ILE C   O    doub N N 137 
ILE C   OXT  sing N N 138 
ILE CB  CG1  sing N N 139 
ILE CB  CG2  sing N N 140 
ILE CB  HB   sing N N 141 
ILE CG1 CD1  sing N N 142 
ILE CG1 HG12 sing N N 143 
ILE CG1 HG13 sing N N 144 
ILE CG2 HG21 sing N N 145 
ILE CG2 HG22 sing N N 146 
ILE CG2 HG23 sing N N 147 
ILE CD1 HD11 sing N N 148 
ILE CD1 HD12 sing N N 149 
ILE CD1 HD13 sing N N 150 
ILE OXT HXT  sing N N 151 
LEU N   CA   sing N N 152 
LEU N   H    sing N N 153 
LEU N   H2   sing N N 154 
LEU CA  C    sing N N 155 
LEU CA  CB   sing N N 156 
LEU CA  HA   sing N N 157 
LEU C   O    doub N N 158 
LEU C   OXT  sing N N 159 
LEU CB  CG   sing N N 160 
LEU CB  HB2  sing N N 161 
LEU CB  HB3  sing N N 162 
LEU CG  CD1  sing N N 163 
LEU CG  CD2  sing N N 164 
LEU CG  HG   sing N N 165 
LEU CD1 HD11 sing N N 166 
LEU CD1 HD12 sing N N 167 
LEU CD1 HD13 sing N N 168 
LEU CD2 HD21 sing N N 169 
LEU CD2 HD22 sing N N 170 
LEU CD2 HD23 sing N N 171 
LEU OXT HXT  sing N N 172 
LYS N   CA   sing N N 173 
LYS N   H    sing N N 174 
LYS N   H2   sing N N 175 
LYS CA  C    sing N N 176 
LYS CA  CB   sing N N 177 
LYS CA  HA   sing N N 178 
LYS C   O    doub N N 179 
LYS C   OXT  sing N N 180 
LYS CB  CG   sing N N 181 
LYS CB  HB2  sing N N 182 
LYS CB  HB3  sing N N 183 
LYS CG  CD   sing N N 184 
LYS CG  HG2  sing N N 185 
LYS CG  HG3  sing N N 186 
LYS CD  CE   sing N N 187 
LYS CD  HD2  sing N N 188 
LYS CD  HD3  sing N N 189 
LYS CE  NZ   sing N N 190 
LYS CE  HE2  sing N N 191 
LYS CE  HE3  sing N N 192 
LYS NZ  HZ1  sing N N 193 
LYS NZ  HZ2  sing N N 194 
LYS NZ  HZ3  sing N N 195 
LYS OXT HXT  sing N N 196 
MET N   CA   sing N N 197 
MET N   H    sing N N 198 
MET N   H2   sing N N 199 
MET CA  C    sing N N 200 
MET CA  CB   sing N N 201 
MET CA  HA   sing N N 202 
MET C   O    doub N N 203 
MET C   OXT  sing N N 204 
MET CB  CG   sing N N 205 
MET CB  HB2  sing N N 206 
MET CB  HB3  sing N N 207 
MET CG  SD   sing N N 208 
MET CG  HG2  sing N N 209 
MET CG  HG3  sing N N 210 
MET SD  CE   sing N N 211 
MET CE  HE1  sing N N 212 
MET CE  HE2  sing N N 213 
MET CE  HE3  sing N N 214 
MET OXT HXT  sing N N 215 
PHE N   CA   sing N N 216 
PHE N   H    sing N N 217 
PHE N   H2   sing N N 218 
PHE CA  C    sing N N 219 
PHE CA  CB   sing N N 220 
PHE CA  HA   sing N N 221 
PHE C   O    doub N N 222 
PHE C   OXT  sing N N 223 
PHE CB  CG   sing N N 224 
PHE CB  HB2  sing N N 225 
PHE CB  HB3  sing N N 226 
PHE CG  CD1  doub Y N 227 
PHE CG  CD2  sing Y N 228 
PHE CD1 CE1  sing Y N 229 
PHE CD1 HD1  sing N N 230 
PHE CD2 CE2  doub Y N 231 
PHE CD2 HD2  sing N N 232 
PHE CE1 CZ   doub Y N 233 
PHE CE1 HE1  sing N N 234 
PHE CE2 CZ   sing Y N 235 
PHE CE2 HE2  sing N N 236 
PHE CZ  HZ   sing N N 237 
PHE OXT HXT  sing N N 238 
PRO N   CA   sing N N 239 
PRO N   CD   sing N N 240 
PRO N   H    sing N N 241 
PRO CA  C    sing N N 242 
PRO CA  CB   sing N N 243 
PRO CA  HA   sing N N 244 
PRO C   O    doub N N 245 
PRO C   OXT  sing N N 246 
PRO CB  CG   sing N N 247 
PRO CB  HB2  sing N N 248 
PRO CB  HB3  sing N N 249 
PRO CG  CD   sing N N 250 
PRO CG  HG2  sing N N 251 
PRO CG  HG3  sing N N 252 
PRO CD  HD2  sing N N 253 
PRO CD  HD3  sing N N 254 
PRO OXT HXT  sing N N 255 
SER N   CA   sing N N 256 
SER N   H    sing N N 257 
SER N   H2   sing N N 258 
SER CA  C    sing N N 259 
SER CA  CB   sing N N 260 
SER CA  HA   sing N N 261 
SER C   O    doub N N 262 
SER C   OXT  sing N N 263 
SER CB  OG   sing N N 264 
SER CB  HB2  sing N N 265 
SER CB  HB3  sing N N 266 
SER OG  HG   sing N N 267 
SER OXT HXT  sing N N 268 
THR N   CA   sing N N 269 
THR N   H    sing N N 270 
THR N   H2   sing N N 271 
THR CA  C    sing N N 272 
THR CA  CB   sing N N 273 
THR CA  HA   sing N N 274 
THR C   O    doub N N 275 
THR C   OXT  sing N N 276 
THR CB  OG1  sing N N 277 
THR CB  CG2  sing N N 278 
THR CB  HB   sing N N 279 
THR OG1 HG1  sing N N 280 
THR CG2 HG21 sing N N 281 
THR CG2 HG22 sing N N 282 
THR CG2 HG23 sing N N 283 
THR OXT HXT  sing N N 284 
TRP N   CA   sing N N 285 
TRP N   H    sing N N 286 
TRP N   H2   sing N N 287 
TRP CA  C    sing N N 288 
TRP CA  CB   sing N N 289 
TRP CA  HA   sing N N 290 
TRP C   O    doub N N 291 
TRP C   OXT  sing N N 292 
TRP CB  CG   sing N N 293 
TRP CB  HB2  sing N N 294 
TRP CB  HB3  sing N N 295 
TRP CG  CD1  doub Y N 296 
TRP CG  CD2  sing Y N 297 
TRP CD1 NE1  sing Y N 298 
TRP CD1 HD1  sing N N 299 
TRP CD2 CE2  doub Y N 300 
TRP CD2 CE3  sing Y N 301 
TRP NE1 CE2  sing Y N 302 
TRP NE1 HE1  sing N N 303 
TRP CE2 CZ2  sing Y N 304 
TRP CE3 CZ3  doub Y N 305 
TRP CE3 HE3  sing N N 306 
TRP CZ2 CH2  doub Y N 307 
TRP CZ2 HZ2  sing N N 308 
TRP CZ3 CH2  sing Y N 309 
TRP CZ3 HZ3  sing N N 310 
TRP CH2 HH2  sing N N 311 
TRP OXT HXT  sing N N 312 
TYR N   CA   sing N N 313 
TYR N   H    sing N N 314 
TYR N   H2   sing N N 315 
TYR CA  C    sing N N 316 
TYR CA  CB   sing N N 317 
TYR CA  HA   sing N N 318 
TYR C   O    doub N N 319 
TYR C   OXT  sing N N 320 
TYR CB  CG   sing N N 321 
TYR CB  HB2  sing N N 322 
TYR CB  HB3  sing N N 323 
TYR CG  CD1  doub Y N 324 
TYR CG  CD2  sing Y N 325 
TYR CD1 CE1  sing Y N 326 
TYR CD1 HD1  sing N N 327 
TYR CD2 CE2  doub Y N 328 
TYR CD2 HD2  sing N N 329 
TYR CE1 CZ   doub Y N 330 
TYR CE1 HE1  sing N N 331 
TYR CE2 CZ   sing Y N 332 
TYR CE2 HE2  sing N N 333 
TYR CZ  OH   sing N N 334 
TYR OH  HH   sing N N 335 
TYR OXT HXT  sing N N 336 
VAL N   CA   sing N N 337 
VAL N   H    sing N N 338 
VAL N   H2   sing N N 339 
VAL CA  C    sing N N 340 
VAL CA  CB   sing N N 341 
VAL CA  HA   sing N N 342 
VAL C   O    doub N N 343 
VAL C   OXT  sing N N 344 
VAL CB  CG1  sing N N 345 
VAL CB  CG2  sing N N 346 
VAL CB  HB   sing N N 347 
VAL CG1 HG11 sing N N 348 
VAL CG1 HG12 sing N N 349 
VAL CG1 HG13 sing N N 350 
VAL CG2 HG21 sing N N 351 
VAL CG2 HG22 sing N N 352 
VAL CG2 HG23 sing N N 353 
VAL OXT HXT  sing N N 354 
# 
loop_
_pdbx_audit_support.funding_organization 
_pdbx_audit_support.country 
_pdbx_audit_support.grant_number 
_pdbx_audit_support.ordinal 
'Kempe Foundation' Sweden '1969.3 U25' 1 
'Kempe Foundation' Sweden 22-0138      2 
# 
_atom_sites.entry_id                    8RQY 
_atom_sites.Cartn_transf_matrix[1][1]   ? 
_atom_sites.Cartn_transf_matrix[1][2]   ? 
_atom_sites.Cartn_transf_matrix[1][3]   ? 
_atom_sites.Cartn_transf_matrix[2][1]   ? 
_atom_sites.Cartn_transf_matrix[2][2]   ? 
_atom_sites.Cartn_transf_matrix[2][3]   ? 
_atom_sites.Cartn_transf_matrix[3][1]   ? 
_atom_sites.Cartn_transf_matrix[3][2]   ? 
_atom_sites.Cartn_transf_matrix[3][3]   ? 
_atom_sites.Cartn_transf_vector[1]      ? 
_atom_sites.Cartn_transf_vector[2]      ? 
_atom_sites.Cartn_transf_vector[3]      ? 
_atom_sites.Cartn_transform_axes        ? 
_atom_sites.fract_transf_matrix[1][1]   -0.01263289 
_atom_sites.fract_transf_matrix[1][2]   -0.01229852 
_atom_sites.fract_transf_matrix[1][3]   -0.01191260 
_atom_sites.fract_transf_matrix[2][1]   0.00335588 
_atom_sites.fract_transf_matrix[2][2]   -0.00825711 
_atom_sites.fract_transf_matrix[2][3]   0.00496582 
_atom_sites.fract_transf_matrix[3][1]   -0.01346800 
_atom_sites.fract_transf_matrix[3][2]   0.00192221 
_atom_sites.fract_transf_matrix[3][3]   0.01229785 
_atom_sites.fract_transf_vector[1]      0.245588 
_atom_sites.fract_transf_vector[2]      0.147452 
_atom_sites.fract_transf_vector[3]      0.670295 
_atom_sites.solution_primary            ? 
_atom_sites.solution_secondary          ? 
_atom_sites.solution_hydrogens          ? 
_atom_sites.special_details             ? 
# 
loop_
_atom_type.symbol 
_atom_type.pdbx_scat_Z 
_atom_type.pdbx_N_electrons 
_atom_type.scat_Cromer_Mann_a1 
_atom_type.scat_Cromer_Mann_b1 
_atom_type.scat_Cromer_Mann_a2 
_atom_type.scat_Cromer_Mann_b2 
_atom_type.scat_Cromer_Mann_a3 
_atom_type.scat_Cromer_Mann_b3 
_atom_type.scat_Cromer_Mann_a4 
_atom_type.scat_Cromer_Mann_b4 
_atom_type.scat_Cromer_Mann_c 
C 6  6  2.3103  20.8439 1.0201 10.2075 1.5888 0.5687  0.8651 51.6512 0.2156   
H 1  1  0.4930  10.5109 0.3229 26.1257 0.1402 3.1424  0.0408 57.7997 0.0030   
N 7  7  12.2220 0.0057  3.1346 9.8933  2.0141 28.9975 1.1672 0.5826  -11.5379 
O 8  8  3.0487  13.2771 2.2870 5.7011  1.5464 0.3239  0.8671 32.9089 0.2508   
S 16 16 6.9054  1.4679  5.2035 22.2151 1.4379 0.2536  1.5863 56.1720 1.0494   
# 
loop_
_atom_site.group_PDB 
_atom_site.id 
_atom_site.type_symbol 
_atom_site.label_atom_id 
_atom_site.label_alt_id 
_atom_site.label_comp_id 
_atom_site.label_asym_id 
_atom_site.label_entity_id 
_atom_site.label_seq_id 
_atom_site.pdbx_PDB_ins_code 
_atom_site.Cartn_x 
_atom_site.Cartn_y 
_atom_site.Cartn_z 
_atom_site.occupancy 
_atom_site.B_iso_or_equiv 
_atom_site.pdbx_formal_charge 
_atom_site.auth_seq_id 
_atom_site.auth_comp_id 
_atom_site.auth_asym_id 
_atom_site.auth_atom_id 
_atom_site.pdbx_PDB_model_num 
_atom_site.calc_flag 
ATOM   1    N N   . MET A 1 3   ? 16.929  2.604   -10.153 1.000 48.851 0 1   MET A N   1 ? 
ATOM   2    C CA  . MET A 1 3   ? 17.963  1.877   -9.389  1.000 47.663 0 1   MET A CA  1 ? 
ATOM   3    C C   . MET A 1 3   ? 17.508  1.874   -7.934  1.000 42.971 0 1   MET A C   1 ? 
ATOM   4    O O   . MET A 1 3   ? 17.488  0.795   -7.376  1.000 45.143 0 1   MET A O   1 ? 
ATOM   5    C CB  . MET A 1 3   ? 19.383  2.440   -9.569  1.000 55.813 0 1   MET A CB  1 ? 
ATOM   6    C CG  . MET A 1 3   ? 19.942  2.302   -11.012 1.000 70.157 0 1   MET A CG  1 ? 
ATOM   7    S SD  . MET A 1 3   ? 20.266  0.601   -11.742 1.000 88.165 0 1   MET A SD  1 ? 
ATOM   8    C CE  . MET A 1 3   ? 19.071  0.463   -13.075 1.000 65.016 0 1   MET A CE  1 ? 
ATOM   9    N N   . LYS A 1 4   ? 17.041  2.999   -7.351  1.000 43.919 0 2   LYS A N   1 ? 
ATOM   10   C CA  . LYS A 1 4   ? 16.619  2.997   -5.947  1.000 44.876 0 2   LYS A CA  1 ? 
ATOM   11   C C   . LYS A 1 4   ? 15.242  2.326   -5.730  1.000 40.060 0 2   LYS A C   1 ? 
ATOM   12   O O   . LYS A 1 4   ? 14.377  2.391   -6.587  1.000 41.240 0 2   LYS A O   1 ? 
ATOM   13   C CB  . LYS A 1 4   ? 16.671  4.433   -5.421  1.000 51.813 0 2   LYS A CB  1 ? 
ATOM   14   C CG  . LYS A 1 4   ? 16.941  4.558   -3.925  1.000 56.529 0 2   LYS A CG  1 ? 
ATOM   15   C CD  . LYS A 1 4   ? 17.648  5.860   -3.461  1.000 66.154 0 2   LYS A CD  1 ? 
ATOM   16   C CE  . LYS A 1 4   ? 17.171  7.138   -4.134  1.000 75.052 0 2   LYS A CE  1 ? 
ATOM   17   N NZ  . LYS A 1 4   ? 15.707  7.341   -3.989  1.000 68.721 0 2   LYS A NZ  1 ? 
ATOM   18   N N   . LYS A 1 5   ? 15.031  1.643   -4.578  1.000 37.855 0 3   LYS A N   1 ? 
ATOM   19   C CA  . LYS A 1 5   ? 13.729  1.103   -4.200  1.000 32.843 0 3   LYS A CA  1 ? 
ATOM   20   C C   . LYS A 1 5   ? 12.803  2.263   -3.864  1.000 28.914 0 3   LYS A C   1 ? 
ATOM   21   O O   . LYS A 1 5   ? 13.268  3.316   -3.461  1.000 25.654 0 3   LYS A O   1 ? 
ATOM   22   C CB  . LYS A 1 5   ? 13.716  0.321   -2.887  1.000 30.305 0 3   LYS A CB  1 ? 
ATOM   23   C CG  . LYS A 1 5   ? 14.493  -0.957  -2.855  1.000 32.459 0 3   LYS A CG  1 ? 
ATOM   24   C CD  . LYS A 1 5   ? 14.212  -1.714  -1.585  1.000 37.436 0 3   LYS A CD  1 ? 
ATOM   25   C CE  . LYS A 1 5   ? 14.980  -3.018  -1.595  1.000 37.299 0 3   LYS A CE  1 ? 
ATOM   26   N NZ  . LYS A 1 5   ? 14.553  -3.943  -0.521  1.000 34.780 0 3   LYS A NZ  1 ? 
ATOM   27   N N   . VAL A 1 6   ? 11.512  2.060   -4.071  1.000 28.254 0 4   VAL A N   1 ? 
ATOM   28   C CA  . VAL A 1 6   ? 10.492  2.954   -3.549  1.000 24.895 0 4   VAL A CA  1 ? 
ATOM   29   C C   . VAL A 1 6   ? 9.885   2.242   -2.342  1.000 21.545 0 4   VAL A C   1 ? 
ATOM   30   O O   . VAL A 1 6   ? 9.294   1.184   -2.477  1.000 19.497 0 4   VAL A O   1 ? 
ATOM   31   C CB  . VAL A 1 6   ? 9.405   3.381   -4.569  1.000 30.076 0 4   VAL A CB  1 ? 
ATOM   32   C CG1 . VAL A 1 6   ? 8.400   4.340   -3.937  1.000 29.879 0 4   VAL A CG1 1 ? 
ATOM   33   C CG2 . VAL A 1 6   ? 9.973   4.032   -5.840  1.000 31.478 0 4   VAL A CG2 1 ? 
ATOM   34   N N   . GLU A 1 7   ? 10.077  2.847   -1.159  1.000 23.689 0 5   GLU A N   1 ? 
ATOM   35   C CA  . GLU A 1 7   ? 9.528   2.330   0.073   1.000 22.077 0 5   GLU A CA  1 ? 
ATOM   36   C C   . GLU A 1 7   ? 8.343   3.162   0.506   1.000 21.255 0 5   GLU A C   1 ? 
ATOM   37   O O   . GLU A 1 7   ? 8.386   4.394   0.535   1.000 22.532 0 5   GLU A O   1 ? 
ATOM   38   C CB  . GLU A 1 7   ? 10.659  2.286   1.065   1.000 24.380 0 5   GLU A CB  1 ? 
ATOM   39   C CG  . GLU A 1 7   ? 11.670  1.212   0.676   1.000 29.872 0 5   GLU A CG  1 ? 
ATOM   40   C CD  . GLU A 1 7   ? 13.007  1.324   1.397   1.000 33.344 0 5   GLU A CD  1 ? 
ATOM   41   O OE1 . GLU A 1 7   ? 13.687  2.370   1.217   1.000 40.189 0 5   GLU A OE1 1 ? 
ATOM   42   O OE2 . GLU A 1 7   ? 13.349  0.402   2.185   1.000 34.550 0 5   GLU A OE2 1 ? 
ATOM   43   N N   . ILE A 1 8   ? 7.270   2.439   0.809   1.000 21.762 0 6   ILE A N   1 ? 
ATOM   44   C CA  . ILE A 1 8   ? 5.954   2.975   1.075   1.000 19.684 0 6   ILE A CA  1 ? 
ATOM   45   C C   . ILE A 1 8   ? 5.593   2.577   2.507   1.000 22.634 0 6   ILE A C   1 ? 
ATOM   46   O O   . ILE A 1 8   ? 5.696   1.408   2.877   1.000 25.200 0 6   ILE A O   1 ? 
ATOM   47   C CB  . ILE A 1 8   ? 4.937   2.407   0.058   1.000 20.715 0 6   ILE A CB  1 ? 
ATOM   48   C CG1 . ILE A 1 8   ? 5.461   2.416   -1.385  1.000 22.064 0 6   ILE A CG1 1 ? 
ATOM   49   C CG2 . ILE A 1 8   ? 3.602   3.138   0.178   1.000 23.182 0 6   ILE A CG2 1 ? 
ATOM   50   C CD1 . ILE A 1 8   ? 4.784   1.492   -2.340  1.000 19.685 0 6   ILE A CD1 1 ? 
ATOM   51   N N   . LEU A 1 9   ? 5.149   3.537   3.321   1.000 23.758 0 7   LEU A N   1 ? 
ATOM   52   C CA  . LEU A 1 9   ? 4.614   3.288   4.647   1.000 21.786 0 7   LEU A CA  1 ? 
ATOM   53   C C   . LEU A 1 9   ? 3.131   3.649   4.622   1.000 22.911 0 7   LEU A C   1 ? 
ATOM   54   O O   . LEU A 1 9   ? 2.746   4.771   4.282   1.000 22.063 0 7   LEU A O   1 ? 
ATOM   55   C CB  . LEU A 1 9   ? 5.321   4.209   5.636   1.000 25.763 0 7   LEU A CB  1 ? 
ATOM   56   C CG  . LEU A 1 9   ? 4.887   4.068   7.097   1.000 22.263 0 7   LEU A CG  1 ? 
ATOM   57   C CD1 . LEU A 1 9   ? 5.287   2.701   7.567   1.000 24.218 0 7   LEU A CD1 1 ? 
ATOM   58   C CD2 . LEU A 1 9   ? 5.537   5.146   7.959   1.000 21.466 0 7   LEU A CD2 1 ? 
ATOM   59   N N   . MET A 1 10  ? 2.280   2.681   4.894   1.000 22.539 0 8   MET A N   1 ? 
ATOM   60   C CA  . MET A 1 10  ? 0.872   2.931   5.149   1.000 23.598 0 8   MET A CA  1 ? 
ATOM   61   C C   . MET A 1 10  ? 0.751   3.197   6.654   1.000 23.495 0 8   MET A C   1 ? 
ATOM   62   O O   . MET A 1 10  ? 1.264   2.417   7.485   1.000 21.259 0 8   MET A O   1 ? 
ATOM   63   C CB  . MET A 1 10  ? 0.047   1.679   4.819   1.000 22.699 0 8   MET A CB  1 ? 
ATOM   64   C CG  . MET A 1 10  ? -0.077  1.293   3.331   1.000 27.605 0 8   MET A CG  1 ? 
ATOM   65   S SD  . MET A 1 10  ? -0.857  -0.369  3.130   1.000 21.401 0 8   MET A SD  1 ? 
ATOM   66   C CE  . MET A 1 10  ? -0.428  -0.726  1.448   1.000 33.040 0 8   MET A CE  1 ? 
ATOM   67   N N   . VAL A 1 11  ? 0.097   4.305   6.998   1.000 19.893 0 9   VAL A N   1 ? 
ATOM   68   C CA  . VAL A 1 11  ? -0.188  4.650   8.373   1.000 21.651 0 9   VAL A CA  1 ? 
ATOM   69   C C   . VAL A 1 11  ? -1.698  4.596   8.597   1.000 20.709 0 9   VAL A C   1 ? 
ATOM   70   O O   . VAL A 1 11  ? -2.438  5.301   7.926   1.000 20.752 0 9   VAL A O   1 ? 
ATOM   71   C CB  . VAL A 1 11  ? 0.405   6.015   8.793   1.000 20.370 0 9   VAL A CB  1 ? 
ATOM   72   C CG1 . VAL A 1 11  ? -0.005  6.331   10.223  1.000 19.632 0 9   VAL A CG1 1 ? 
ATOM   73   C CG2 . VAL A 1 11  ? 1.928   6.067   8.631   1.000 22.383 0 9   VAL A CG2 1 ? 
ATOM   74   N N   . VAL A 1 12  ? -2.118  3.773   9.581   1.000 22.737 0 10  VAL A N   1 ? 
ATOM   75   C CA  . VAL A 1 12  ? -3.514  3.620   9.935   1.000 22.500 0 10  VAL A CA  1 ? 
ATOM   76   C C   . VAL A 1 12  ? -3.834  4.286   11.292  1.000 22.928 0 10  VAL A C   1 ? 
ATOM   77   O O   . VAL A 1 12  ? -3.174  4.065   12.301  1.000 21.794 0 10  VAL A O   1 ? 
ATOM   78   C CB  . VAL A 1 12  ? -3.880  2.139   9.985   1.000 25.832 0 10  VAL A CB  1 ? 
ATOM   79   C CG1 . VAL A 1 12  ? -5.395  1.995   10.153  1.000 27.309 0 10  VAL A CG1 1 ? 
ATOM   80   C CG2 . VAL A 1 12  ? -3.386  1.376   8.773   1.000 26.389 0 10  VAL A CG2 1 ? 
ATOM   81   N N   . ASP A 1 13  ? -4.857  5.155   11.300  1.000 23.068 0 11  ASP A N   1 ? 
ATOM   82   C CA  . ASP A 1 13  ? -5.553  5.583   12.521  1.000 25.818 0 11  ASP A CA  1 ? 
ATOM   83   C C   . ASP A 1 13  ? -6.503  4.437   12.918  1.000 25.579 0 11  ASP A C   1 ? 
ATOM   84   O O   . ASP A 1 13  ? -7.634  4.423   12.489  1.000 23.646 0 11  ASP A O   1 ? 
ATOM   85   C CB  . ASP A 1 13  ? -6.323  6.902   12.298  1.000 26.758 0 11  ASP A CB  1 ? 
ATOM   86   C CG  . ASP A 1 13  ? -6.894  7.535   13.575  1.000 34.613 0 11  ASP A CG  1 ? 
ATOM   87   O OD1 . ASP A 1 13  ? -7.008  6.772   14.639  1.000 36.510 0 11  ASP A OD1 1 ? 
ATOM   88   O OD2 . ASP A 1 13  ? -7.227  8.837   13.517  1.000 32.296 0 11  ASP A OD2 1 ? 
ATOM   89   N N   . ALA A 1 14  ? -6.020  3.438   13.681  1.000 25.245 0 12  ALA A N   1 ? 
ATOM   90   C CA  . ALA A 1 14  ? -6.722  2.167   13.776  1.000 23.340 0 12  ALA A CA  1 ? 
ATOM   91   C C   . ALA A 1 14  ? -8.031  2.344   14.547  1.000 23.634 0 12  ALA A C   1 ? 
ATOM   92   O O   . ALA A 1 14  ? -9.036  1.791   14.145  1.000 25.302 0 12  ALA A O   1 ? 
ATOM   93   C CB  . ALA A 1 14  ? -5.820  1.092   14.357  1.000 20.777 0 12  ALA A CB  1 ? 
ATOM   94   N N   . ALA A 1 15  ? -8.005  3.124   15.626  1.000 22.191 0 13  ALA A N   1 ? 
ATOM   95   C CA  . ALA A 1 15  ? -9.156  3.373   16.462  1.000 25.723 0 13  ALA A CA  1 ? 
ATOM   96   C C   . ALA A 1 15  ? -10.312 3.856   15.617  1.000 26.747 0 13  ALA A C   1 ? 
ATOM   97   O O   . ALA A 1 15  ? -11.409 3.325   15.681  1.000 25.878 0 13  ALA A O   1 ? 
ATOM   98   C CB  . ALA A 1 15  ? -8.819  4.425   17.489  1.000 25.680 0 13  ALA A CB  1 ? 
ATOM   99   N N   . ALA A 1 16  ? -10.034 4.888   14.847  1.000 23.304 0 14  ALA A N   1 ? 
ATOM   100  C CA  . ALA A 1 16  ? -11.027 5.472   13.966  1.000 26.659 0 14  ALA A CA  1 ? 
ATOM   101  C C   . ALA A 1 16  ? -11.463 4.508   12.833  1.000 27.503 0 14  ALA A C   1 ? 
ATOM   102  O O   . ALA A 1 16  ? -12.623 4.497   12.401  1.000 23.353 0 14  ALA A O   1 ? 
ATOM   103  C CB  . ALA A 1 16  ? -10.382 6.754   13.445  1.000 27.041 0 14  ALA A CB  1 ? 
ATOM   104  N N   . ALA A 1 17  ? -10.499 3.770   12.254  1.000 23.686 0 15  ALA A N   1 ? 
ATOM   105  C CA  . ALA A 1 17  ? -10.835 2.796   11.242  1.000 25.774 0 15  ALA A CA  1 ? 
ATOM   106  C C   . ALA A 1 17  ? -11.853 1.825   11.840  1.000 25.449 0 15  ALA A C   1 ? 
ATOM   107  O O   . ALA A 1 17  ? -12.867 1.517   11.216  1.000 26.309 0 15  ALA A O   1 ? 
ATOM   108  C CB  . ALA A 1 17  ? -9.597  2.077   10.707  1.000 22.445 0 15  ALA A CB  1 ? 
ATOM   109  N N   . LEU A 1 18  ? -11.573 1.323   13.035  1.000 20.672 0 16  LEU A N   1 ? 
ATOM   110  C CA  . LEU A 1 18  ? -12.439 0.258   13.535  1.000 23.751 0 16  LEU A CA  1 ? 
ATOM   111  C C   . LEU A 1 18  ? -13.809 0.829   13.936  1.000 21.439 0 16  LEU A C   1 ? 
ATOM   112  O O   . LEU A 1 18  ? -14.798 0.170   13.801  1.000 21.697 0 16  LEU A O   1 ? 
ATOM   113  C CB  . LEU A 1 18  ? -11.764 -0.377  14.743  1.000 22.939 0 16  LEU A CB  1 ? 
ATOM   114  C CG  . LEU A 1 18  ? -10.550 -1.243  14.449  1.000 24.959 0 16  LEU A CG  1 ? 
ATOM   115  C CD1 . LEU A 1 18  ? -9.903  -1.770  15.762  1.000 25.199 0 16  LEU A CD1 1 ? 
ATOM   116  C CD2 . LEU A 1 18  ? -10.943 -2.366  13.509  1.000 25.811 0 16  LEU A CD2 1 ? 
ATOM   117  N N   . ALA A 1 19  ? -13.858 2.035   14.492  1.000 22.262 0 17  ALA A N   1 ? 
ATOM   118  C CA  . ALA A 1 19  ? -15.116 2.649   14.887  1.000 22.939 0 17  ALA A CA  1 ? 
ATOM   119  C C   . ALA A 1 19  ? -16.011 2.895   13.667  1.000 25.768 0 17  ALA A C   1 ? 
ATOM   120  O O   . ALA A 1 19  ? -17.223 2.775   13.759  1.000 27.411 0 17  ALA A O   1 ? 
ATOM   121  C CB  . ALA A 1 19  ? -14.845 3.946   15.640  1.000 25.299 0 17  ALA A CB  1 ? 
ATOM   122  N N   . SER A 1 20  ? -15.446 3.289   12.531  1.000 23.822 0 18  SER A N   1 ? 
ATOM   123  C CA  . SER A 1 20  ? -16.223 3.608   11.346  1.000 24.642 0 18  SER A CA  1 ? 
ATOM   124  C C   . SER A 1 20  ? -16.370 2.434   10.368  1.000 27.053 0 18  SER A C   1 ? 
ATOM   125  O O   . SER A 1 20  ? -17.214 2.484   9.490   1.000 26.512 0 18  SER A O   1 ? 
ATOM   126  C CB  . SER A 1 20  ? -15.592 4.812   10.610  1.000 26.704 0 18  SER A CB  1 ? 
ATOM   127  O OG  . SER A 1 20  ? -14.268 4.511   10.092  1.000 26.212 0 18  SER A OG  1 ? 
ATOM   128  N N   . ARG A 1 21  ? -15.485 1.446   10.430  1.000 28.624 0 19  ARG A N   1 ? 
ATOM   129  C CA  . ARG A 1 21  ? -15.298 0.441   9.391   1.000 28.427 0 19  ARG A CA  1 ? 
ATOM   130  C C   . ARG A 1 21  ? -14.949 1.046   8.042   1.000 29.924 0 19  ARG A C   1 ? 
ATOM   131  O O   . ARG A 1 21  ? -15.196 0.397   7.030   1.000 30.767 0 19  ARG A O   1 ? 
ATOM   132  C CB  . ARG A 1 21  ? -16.521 -0.454  9.304   1.000 27.883 0 19  ARG A CB  1 ? 
ATOM   133  C CG  . ARG A 1 21  ? -16.544 -1.394  10.483  1.000 31.428 0 19  ARG A CG  1 ? 
ATOM   134  C CD  . ARG A 1 21  ? -17.930 -1.903  10.728  1.000 46.330 0 19  ARG A CD  1 ? 
ATOM   135  N NE  . ARG A 1 21  ? -18.899 -0.838  10.810  1.000 46.063 0 19  ARG A NE  1 ? 
ATOM   136  C CZ  . ARG A 1 21  ? -18.973 -0.022  11.820  1.000 44.551 0 19  ARG A CZ  1 ? 
ATOM   137  N NH1 . ARG A 1 21  ? -18.086 -0.106  12.788  1.000 53.181 0 19  ARG A NH1 1 ? 
ATOM   138  N NH2 . ARG A 1 21  ? -19.933 0.872   11.858  1.000 44.136 0 19  ARG A NH2 1 ? 
ATOM   139  N N   . ASP A 1 22  ? -14.323 2.232   8.058   1.000 33.477 0 20  ASP A N   1 ? 
ATOM   140  C CA  . ASP A 1 22  ? -13.860 2.956   6.879   1.000 31.366 0 20  ASP A CA  1 ? 
ATOM   141  C C   . ASP A 1 22  ? -12.338 3.109   6.966   1.000 35.772 0 20  ASP A C   1 ? 
ATOM   142  O O   . ASP A 1 22  ? -11.824 3.922   7.767   1.000 33.408 0 20  ASP A O   1 ? 
ATOM   143  C CB  . ASP A 1 22  ? -14.418 4.366   6.752   1.000 30.620 0 20  ASP A CB  1 ? 
ATOM   144  C CG  . ASP A 1 22  ? -14.018 5.099   5.466   1.000 41.623 0 20  ASP A CG  1 ? 
ATOM   145  O OD1 . ASP A 1 22  ? -14.763 6.013   5.080   1.000 41.117 0 20  ASP A OD1 1 ? 
ATOM   146  O OD2 . ASP A 1 22  ? -12.957 4.787   4.842   1.000 53.001 0 20  ASP A OD2 1 ? 
ATOM   147  N N   . LEU A 1 23  ? -11.639 2.334   6.115   1.000 31.523 0 21  LEU A N   1 ? 
ATOM   148  C CA  . LEU A 1 23  ? -10.178 2.297   6.093   1.000 27.993 0 21  LEU A CA  1 ? 
ATOM   149  C C   . LEU A 1 23  ? -9.634  3.501   5.308   1.000 25.865 0 21  LEU A C   1 ? 
ATOM   150  O O   . LEU A 1 23  ? -8.704  4.177   5.771   1.000 23.946 0 21  LEU A O   1 ? 
ATOM   151  C CB  . LEU A 1 23  ? -9.707  0.955   5.505   1.000 28.647 0 21  LEU A CB  1 ? 
ATOM   152  C CG  . LEU A 1 23  ? -8.186  0.752   5.518   1.000 29.762 0 21  LEU A CG  1 ? 
ATOM   153  C CD1 . LEU A 1 23  ? -7.610  1.028   6.902   1.000 26.291 0 21  LEU A CD1 1 ? 
ATOM   154  C CD2 . LEU A 1 23  ? -7.807  -0.654  5.064   1.000 33.509 0 21  LEU A CD2 1 ? 
ATOM   155  N N   . GLN A 1 24  ? -10.258 3.772   4.150   1.000 25.484 0 22  GLN A N   1 ? 
ATOM   156  C CA  . GLN A 1 24  ? -9.821  4.791   3.215   1.000 30.339 0 22  GLN A CA  1 ? 
ATOM   157  C C   . GLN A 1 24  ? -9.719  6.138   3.920   1.000 29.857 0 22  GLN A C   1 ? 
ATOM   158  O O   . GLN A 1 24  ? -8.710  6.806   3.730   1.000 28.158 0 22  GLN A O   1 ? 
ATOM   159  C CB  . GLN A 1 24  ? -10.802 4.945   2.047   1.000 31.427 0 22  GLN A CB  1 ? 
ATOM   160  C CG  . GLN A 1 24  ? -10.355 6.013   1.053   1.000 37.357 0 22  GLN A CG  1 ? 
ATOM   161  C CD  . GLN A 1 24  ? -11.195 6.139   -0.218  1.000 42.301 0 22  GLN A CD  1 ? 
ATOM   162  O OE1 . GLN A 1 24  ? -11.215 5.279   -1.103  1.000 35.800 0 22  GLN A OE1 1 ? 
ATOM   163  N NE2 . GLN A 1 24  ? -11.857 7.271   -0.366  1.000 41.286 0 22  GLN A NE2 1 ? 
ATOM   164  N N   . SER A 1 25  ? -10.722 6.505   4.732   1.000 25.590 0 23  SER A N   1 ? 
ATOM   165  C CA  . SER A 1 25  ? -10.743 7.819   5.376   1.000 29.150 0 23  SER A CA  1 ? 
ATOM   166  C C   . SER A 1 25  ? -9.790  7.904   6.558   1.000 28.452 0 23  SER A C   1 ? 
ATOM   167  O O   . SER A 1 25  ? -9.650  8.951   7.169   1.000 28.370 0 23  SER A O   1 ? 
ATOM   168  C CB  . SER A 1 25  ? -12.079 8.163   5.870   1.000 29.490 0 23  SER A CB  1 ? 
ATOM   169  O OG  . SER A 1 25  ? -12.901 8.311   4.761   1.000 34.718 0 23  SER A OG  1 ? 
ATOM   170  N N   . ASN A 1 26  ? -9.189  6.783   6.912   1.000 25.657 0 24  ASN A N   1 ? 
ATOM   171  C CA  . ASN A 1 26  ? -8.360  6.758   8.081   1.000 23.047 0 24  ASN A CA  1 ? 
ATOM   172  C C   . ASN A 1 26  ? -6.972  6.218   7.781   1.000 30.584 0 24  ASN A C   1 ? 
ATOM   173  O O   . ASN A 1 26  ? -6.348  5.653   8.683   1.000 29.799 0 24  ASN A O   1 ? 
ATOM   174  C CB  . ASN A 1 26  ? -9.105  5.897   9.082   1.000 27.938 0 24  ASN A CB  1 ? 
ATOM   175  C CG  . ASN A 1 26  ? -10.303 6.640   9.615   1.000 26.580 0 24  ASN A CG  1 ? 
ATOM   176  O OD1 . ASN A 1 26  ? -10.119 7.678   10.230  1.000 26.541 0 24  ASN A OD1 1 ? 
ATOM   177  N ND2 . ASN A 1 26  ? -11.494 6.112   9.405   1.000 29.350 0 24  ASN A ND2 1 ? 
ATOM   178  N N   . ILE A 1 27  ? -6.483  6.395   6.539   1.000 24.088 0 25  ILE A N   1 ? 
ATOM   179  C CA  . ILE A 1 27  ? -5.177  5.882   6.181   1.000 24.136 0 25  ILE A CA  1 ? 
ATOM   180  C C   . ILE A 1 27  ? -4.375  7.015   5.520   1.000 26.269 0 25  ILE A C   1 ? 
ATOM   181  O O   . ILE A 1 27  ? -4.942  7.938   4.969   1.000 23.555 0 25  ILE A O   1 ? 
ATOM   182  C CB  . ILE A 1 27  ? -5.298  4.614   5.310   1.000 24.154 0 25  ILE A CB  1 ? 
ATOM   183  C CG1 . ILE A 1 27  ? -4.057  3.733   5.401   1.000 24.688 0 25  ILE A CG1 1 ? 
ATOM   184  C CG2 . ILE A 1 27  ? -5.656  4.975   3.883   1.000 25.835 0 25  ILE A CG2 1 ? 
ATOM   185  C CD1 . ILE A 1 27  ? -4.333  2.325   5.015   1.000 29.212 0 25  ILE A CD1 1 ? 
ATOM   186  N N   . TYR A 1 28  ? -3.043  6.955   5.679   1.000 25.874 0 26  TYR A N   1 ? 
ATOM   187  C CA  . TYR A 1 28  ? -2.095  7.851   5.027   1.000 24.990 0 26  TYR A CA  1 ? 
ATOM   188  C C   . TYR A 1 28  ? -1.035  7.001   4.343   1.000 28.308 0 26  TYR A C   1 ? 
ATOM   189  O O   . TYR A 1 28  ? -0.769  5.889   4.826   1.000 27.819 0 26  TYR A O   1 ? 
ATOM   190  C CB  . TYR A 1 28  ? -1.449  8.751   6.073   1.000 22.715 0 26  TYR A CB  1 ? 
ATOM   191  C CG  . TYR A 1 28  ? -2.437  9.443   6.994   1.000 24.196 0 26  TYR A CG  1 ? 
ATOM   192  C CD1 . TYR A 1 28  ? -2.972  8.796   8.085   1.000 27.640 0 26  TYR A CD1 1 ? 
ATOM   193  C CD2 . TYR A 1 28  ? -2.802  10.775  6.811   1.000 26.182 0 26  TYR A CD2 1 ? 
ATOM   194  C CE1 . TYR A 1 28  ? -3.867  9.427   8.942   1.000 29.459 0 26  TYR A CE1 1 ? 
ATOM   195  C CE2 . TYR A 1 28  ? -3.666  11.428  7.683   1.000 26.475 0 26  TYR A CE2 1 ? 
ATOM   196  C CZ  . TYR A 1 28  ? -4.206  10.746  8.747   1.000 25.679 0 26  TYR A CZ  1 ? 
ATOM   197  O OH  . TYR A 1 28  ? -5.037  11.350  9.626   1.000 34.026 0 26  TYR A OH  1 ? 
ATOM   198  N N   . LEU A 1 29  ? -0.469  7.518   3.237   1.000 26.051 0 27  LEU A N   1 ? 
ATOM   199  C CA  . LEU A 1 29  ? 0.710   6.954   2.577   1.000 29.530 0 27  LEU A CA  1 ? 
ATOM   200  C C   . LEU A 1 29  ? 1.846   7.969   2.627   1.000 30.910 0 27  LEU A C   1 ? 
ATOM   201  O O   . LEU A 1 29  ? 1.621   9.141   2.325   1.000 29.555 0 27  LEU A O   1 ? 
ATOM   202  C CB  . LEU A 1 29  ? 0.420   6.641   1.106   1.000 29.979 0 27  LEU A CB  1 ? 
ATOM   203  C CG  . LEU A 1 29  ? -0.723  5.662   0.778   1.000 31.716 0 27  LEU A CG  1 ? 
ATOM   204  C CD1 . LEU A 1 29  ? -0.719  5.322   -0.720  1.000 36.323 0 27  LEU A CD1 1 ? 
ATOM   205  C CD2 . LEU A 1 29  ? -0.655  4.372   1.557   1.000 30.414 0 27  LEU A CD2 1 ? 
ATOM   206  N N   . ILE A 1 30  ? 3.053   7.519   3.008   1.000 29.433 0 28  ILE A N   1 ? 
ATOM   207  C CA  . ILE A 1 30  ? 4.296   8.284   2.889   1.000 25.390 0 28  ILE A CA  1 ? 
ATOM   208  C C   . ILE A 1 30  ? 5.317   7.356   2.253   1.000 26.054 0 28  ILE A C   1 ? 
ATOM   209  O O   . ILE A 1 30  ? 5.431   6.218   2.671   1.000 25.659 0 28  ILE A O   1 ? 
ATOM   210  C CB  . ILE A 1 30  ? 4.776   8.774   4.269   1.000 28.454 0 28  ILE A CB  1 ? 
ATOM   211  C CG1 . ILE A 1 30  ? 3.671   9.553   5.001   1.000 37.501 0 28  ILE A CG1 1 ? 
ATOM   212  C CG2 . ILE A 1 30  ? 6.073   9.555   4.129   1.000 29.422 0 28  ILE A CG2 1 ? 
ATOM   213  C CD1 . ILE A 1 30  ? 3.991   10.064  6.397   1.000 41.141 0 28  ILE A CD1 1 ? 
ATOM   214  N N   . ASP A 1 31  ? 6.040   7.849   1.245   1.000 24.257 0 29  ASP A N   1 ? 
ATOM   215  C CA  . ASP A 1 31  ? 7.007   7.038   0.536   1.000 24.591 0 29  ASP A CA  1 ? 
ATOM   216  C C   . ASP A 1 31  ? 8.331   7.774   0.374   1.000 24.839 0 29  ASP A C   1 ? 
ATOM   217  O O   . ASP A 1 31  ? 8.460   8.950   0.686   1.000 19.301 0 29  ASP A O   1 ? 
ATOM   218  C CB  . ASP A 1 31  ? 6.417   6.600   -0.807  1.000 28.174 0 29  ASP A CB  1 ? 
ATOM   219  C CG  . ASP A 1 31  ? 6.097   7.704   -1.803  1.000 34.259 0 29  ASP A CG  1 ? 
ATOM   220  O OD1 . ASP A 1 31  ? 6.868   8.699   -1.851  1.000 39.195 0 29  ASP A OD1 1 ? 
ATOM   221  O OD2 . ASP A 1 31  ? 5.069   7.566   -2.552  1.000 38.533 0 29  ASP A OD2 1 ? 
ATOM   222  N N   . THR A 1 32  ? 9.348   7.036   -0.083  1.000 26.365 0 30  THR A N   1 ? 
ATOM   223  C CA  . THR A 1 32  ? 10.670  7.589   -0.161  1.000 26.819 0 30  THR A CA  1 ? 
ATOM   224  C C   . THR A 1 32  ? 10.826  8.513   -1.369  1.000 26.247 0 30  THR A C   1 ? 
ATOM   225  O O   . THR A 1 32  ? 11.882  9.010   -1.581  1.000 23.893 0 30  THR A O   1 ? 
ATOM   226  C CB  . THR A 1 32  ? 11.703  6.455   -0.090  1.000 28.117 0 30  THR A CB  1 ? 
ATOM   227  O OG1 . THR A 1 32  ? 11.296  5.479   -1.040  1.000 23.744 0 30  THR A OG1 1 ? 
ATOM   228  C CG2 . THR A 1 32  ? 11.859  5.893   1.320   1.000 28.897 0 30  THR A CG2 1 ? 
ATOM   229  N N   . ASN A 1 33  ? 9.786   8.745   -2.154  1.000 26.325 0 31  ASN A N   1 ? 
ATOM   230  C CA  . ASN A 1 33  ? 9.726   9.796   -3.148  1.000 26.030 0 31  ASN A CA  1 ? 
ATOM   231  C C   . ASN A 1 33  ? 9.398   11.119  -2.487  1.000 27.913 0 31  ASN A C   1 ? 
ATOM   232  O O   . ASN A 1 33  ? 9.216   12.092  -3.175  1.000 27.774 0 31  ASN A O   1 ? 
ATOM   233  C CB  . ASN A 1 33  ? 8.627   9.560   -4.205  1.000 28.698 0 31  ASN A CB  1 ? 
ATOM   234  C CG  . ASN A 1 33  ? 8.926   8.399   -5.128  1.000 32.280 0 31  ASN A CG  1 ? 
ATOM   235  O OD1 . ASN A 1 33  ? 10.083  8.168   -5.403  1.000 27.912 0 31  ASN A OD1 1 ? 
ATOM   236  N ND2 . ASN A 1 33  ? 7.936   7.639   -5.580  1.000 34.325 0 31  ASN A ND2 1 ? 
ATOM   237  N N   . LYS A 1 34  ? 9.208   11.110  -1.170  1.000 30.277 0 32  LYS A N   1 ? 
ATOM   238  C CA  . LYS A 1 34  ? 8.792   12.255  -0.397  1.000 30.237 0 32  LYS A CA  1 ? 
ATOM   239  C C   . LYS A 1 34  ? 7.371   12.647  -0.729  1.000 30.477 0 32  LYS A C   1 ? 
ATOM   240  O O   . LYS A 1 34  ? 7.056   13.815  -0.618  1.000 36.878 0 32  LYS A O   1 ? 
ATOM   241  C CB  . LYS A 1 34  ? 9.680   13.478  -0.628  1.000 31.463 0 32  LYS A CB  1 ? 
ATOM   242  C CG  . LYS A 1 34  ? 11.132  13.249  -0.327  1.000 35.950 0 32  LYS A CG  1 ? 
ATOM   243  C CD  . LYS A 1 34  ? 11.885  14.560  -0.304  1.000 43.823 0 32  LYS A CD  1 ? 
ATOM   244  C CE  . LYS A 1 34  ? 13.333  14.352  -0.688  1.000 53.261 0 32  LYS A CE  1 ? 
ATOM   245  N NZ  . LYS A 1 34  ? 13.884  13.182  0.044   1.000 58.855 0 32  LYS A NZ  1 ? 
ATOM   246  N N   . TYR A 1 35  ? 6.526   11.698  -1.123  1.000 31.820 0 33  TYR A N   1 ? 
ATOM   247  C CA  . TYR A 1 35  ? 5.105   11.974  -1.241  1.000 25.337 0 33  TYR A CA  1 ? 
ATOM   248  C C   . TYR A 1 35  ? 4.363   11.587  0.056   1.000 24.229 0 33  TYR A C   1 ? 
ATOM   249  O O   . TYR A 1 35  ? 4.734   10.612  0.710   1.000 21.894 0 33  TYR A O   1 ? 
ATOM   250  C CB  . TYR A 1 35  ? 4.602   11.183  -2.469  1.000 27.789 0 33  TYR A CB  1 ? 
ATOM   251  C CG  . TYR A 1 35  ? 3.098   11.291  -2.623  1.000 27.247 0 33  TYR A CG  1 ? 
ATOM   252  C CD1 . TYR A 1 35  ? 2.506   12.392  -3.267  1.000 34.463 0 33  TYR A CD1 1 ? 
ATOM   253  C CD2 . TYR A 1 35  ? 2.232   10.357  -2.063  1.000 29.716 0 33  TYR A CD2 1 ? 
ATOM   254  C CE1 . TYR A 1 35  ? 1.119   12.486  -3.452  1.000 28.813 0 33  TYR A CE1 1 ? 
ATOM   255  C CE2 . TYR A 1 35  ? 0.847   10.469  -2.202  1.000 30.936 0 33  TYR A CE2 1 ? 
ATOM   256  C CZ  . TYR A 1 35  ? 0.286   11.538  -2.876  1.000 27.995 0 33  TYR A CZ  1 ? 
ATOM   257  O OH  . TYR A 1 35  ? -1.076  11.659  -2.951  1.000 34.204 0 33  TYR A OH  1 ? 
ATOM   258  N N   . MET A 1 36  ? 3.324   12.412  0.407   1.000 24.795 0 34  MET A N   1 ? 
ATOM   259  C CA  . MET A 1 36  ? 2.450   12.062  1.533   1.000 31.300 0 34  MET A CA  1 ? 
ATOM   260  C C   . MET A 1 36  ? 1.000   12.283  1.084   1.000 27.155 0 34  MET A C   1 ? 
ATOM   261  O O   . MET A 1 36  ? 0.735   13.335  0.589   1.000 30.813 0 34  MET A O   1 ? 
ATOM   262  C CB  . MET A 1 36  ? 2.802   12.857  2.792   1.000 37.101 0 34  MET A CB  1 ? 
ATOM   263  C CG  . MET A 1 36  ? 2.548   14.332  2.734   1.000 40.942 0 34  MET A CG  1 ? 
ATOM   264  S SD  . MET A 1 36  ? 2.572   15.110  4.378   1.000 47.235 0 34  MET A SD  1 ? 
ATOM   265  C CE  . MET A 1 36  ? 2.257   16.811  3.924   1.000 36.791 0 34  MET A CE  1 ? 
ATOM   266  N N   . GLY A 1 37  ? 0.115   11.298  1.202   1.000 29.139 0 35  GLY A N   1 ? 
ATOM   267  C CA  . GLY A 1 37  ? -1.294  11.413  0.814   1.000 26.315 0 35  GLY A CA  1 ? 
ATOM   268  C C   . GLY A 1 37  ? -2.191  11.034  1.970   1.000 27.795 0 35  GLY A C   1 ? 
ATOM   269  O O   . GLY A 1 37  ? -1.860  10.088  2.643   1.000 24.888 0 35  GLY A O   1 ? 
ATOM   270  N N   . SER A 1 38  ? -3.259  11.780  2.231   1.000 29.519 0 36  SER A N   1 ? 
ATOM   271  C CA  . SER A 1 38  ? -4.303  11.392  3.231   1.000 29.613 0 36  SER A CA  1 ? 
ATOM   272  C C   . SER A 1 38  ? -5.552  10.896  2.546   1.000 27.285 0 36  SER A C   1 ? 
ATOM   273  O O   . SER A 1 38  ? -5.960  11.666  1.754   1.000 26.461 0 36  SER A O   1 ? 
ATOM   274  C CB  . SER A 1 38  ? -4.607  12.566  4.101   1.000 30.286 0 36  SER A CB  1 ? 
ATOM   275  O OG  . SER A 1 38  ? -5.763  12.351  4.842   1.000 31.003 0 36  SER A OG  1 ? 
ATOM   276  N N   . GLY A 1 39  ? -6.052  9.773   2.933   1.000 26.201 0 37  GLY A N   1 ? 
ATOM   277  C CA  . GLY A 1 39  ? -7.213  9.227   2.256   1.000 29.738 0 37  GLY A CA  1 ? 
ATOM   278  C C   . GLY A 1 39  ? -8.489  9.963   2.621   1.000 28.036 0 37  GLY A C   1 ? 
ATOM   279  O O   . GLY A 1 39  ? -9.471  9.894   1.893   1.000 32.834 0 37  GLY A O   1 ? 
ATOM   280  N N   . ASN A 1 40  ? -8.440  10.621  3.767   1.000 35.353 0 38  ASN A N   1 ? 
ATOM   281  C CA  . ASN A 1 40  ? -9.506  11.483  4.225   1.000 37.341 0 38  ASN A CA  1 ? 
ATOM   282  C C   . ASN A 1 40  ? -9.760  12.574  3.186   1.000 42.569 0 38  ASN A C   1 ? 
ATOM   283  O O   . ASN A 1 40  ? -10.869 13.002  2.965   1.000 35.480 0 38  ASN A O   1 ? 
ATOM   284  C CB  . ASN A 1 40  ? -9.081  12.106  5.543   1.000 41.934 0 38  ASN A CB  1 ? 
ATOM   285  C CG  . ASN A 1 40  ? -10.240 12.638  6.345   1.000 46.700 0 38  ASN A CG  1 ? 
ATOM   286  O OD1 . ASN A 1 40  ? -11.348 12.146  6.214   1.000 39.817 0 38  ASN A OD1 1 ? 
ATOM   287  N ND2 . ASN A 1 40  ? -9.958  13.554  7.256   1.000 47.937 0 38  ASN A ND2 1 ? 
ATOM   288  N N   . GLU A 1 41  ? -8.715  13.035  2.513   1.000 38.821 0 39  GLU A N   1 ? 
ATOM   289  C CA  . GLU A 1 41  ? -8.881  14.067  1.516   1.000 35.671 0 39  GLU A CA  1 ? 
ATOM   290  C C   . GLU A 1 41  ? -9.234  13.498  0.151   1.000 35.690 0 39  GLU A C   1 ? 
ATOM   291  O O   . GLU A 1 41  ? -9.360  14.271  -0.777  1.000 41.577 0 39  GLU A O   1 ? 
ATOM   292  C CB  . GLU A 1 41  ? -7.568  14.817  1.400   1.000 38.090 0 39  GLU A CB  1 ? 
ATOM   293  C CG  . GLU A 1 41  ? -7.181  15.422  2.716   1.000 50.731 0 39  GLU A CG  1 ? 
ATOM   294  C CD  . GLU A 1 41  ? -6.054  16.437  2.617   1.000 68.662 0 39  GLU A CD  1 ? 
ATOM   295  O OE1 . GLU A 1 41  ? -6.252  17.545  3.159   1.000 97.104 0 39  GLU A OE1 1 ? 
ATOM   296  O OE2 . GLU A 1 41  ? -4.992  16.141  1.990   1.000 76.401 0 39  GLU A OE2 1 ? 
ATOM   297  N N   . GLY A 1 42  ? -9.330  12.173  -0.007  1.000 33.792 0 40  GLY A N   1 ? 
ATOM   298  C CA  . GLY A 1 42  ? -9.871  11.595  -1.224  1.000 28.550 0 40  GLY A CA  1 ? 
ATOM   299  C C   . GLY A 1 42  ? -9.085  10.362  -1.637  1.000 31.037 0 40  GLY A C   1 ? 
ATOM   300  O O   . GLY A 1 42  ? -7.912  10.238  -1.336  1.000 29.681 0 40  GLY A O   1 ? 
ATOM   301  N N   . GLN A 1 43  ? -9.766  9.474   -2.347  1.000 32.103 0 41  GLN A N   1 ? 
ATOM   302  C CA  . GLN A 1 43  ? -9.188  8.310   -2.969  1.000 38.151 0 41  GLN A CA  1 ? 
ATOM   303  C C   . GLN A 1 43  ? -8.022  8.661   -3.904  1.000 41.881 0 41  GLN A C   1 ? 
ATOM   304  O O   . GLN A 1 43  ? -7.065  7.903   -4.011  1.000 36.151 0 41  GLN A O   1 ? 
ATOM   305  C CB  . GLN A 1 43  ? -10.277 7.610   -3.770  1.000 50.241 0 41  GLN A CB  1 ? 
ATOM   306  C CG  . GLN A 1 43  ? -9.712  6.925   -5.002  1.000 69.000 0 41  GLN A CG  1 ? 
ATOM   307  C CD  . GLN A 1 43  ? -10.307 5.561   -5.185  1.000 80.590 0 41  GLN A CD  1 ? 
ATOM   308  O OE1 . GLN A 1 43  ? -9.578  4.579   -5.337  1.000 81.445 0 41  GLN A OE1 1 ? 
ATOM   309  N NE2 . GLN A 1 43  ? -11.634 5.516   -5.158  1.000 80.336 0 41  GLN A NE2 1 ? 
ATOM   310  N N   . ALA A 1 44  ? -8.114  9.790   -4.606  1.000 33.361 0 42  ALA A N   1 ? 
ATOM   311  C CA  . ALA A 1 44  ? -7.117  10.232  -5.558  1.000 34.499 0 42  ALA A CA  1 ? 
ATOM   312  C C   . ALA A 1 44  ? -5.738  10.416  -4.913  1.000 33.626 0 42  ALA A C   1 ? 
ATOM   313  O O   . ALA A 1 44  ? -4.739  10.321  -5.596  1.000 30.405 0 42  ALA A O   1 ? 
ATOM   314  C CB  . ALA A 1 44  ? -7.612  11.528  -6.145  1.000 34.700 0 42  ALA A CB  1 ? 
ATOM   315  N N   . GLU A 1 45  ? -5.673  10.637  -3.601  1.000 30.742 0 43  GLU A N   1 ? 
ATOM   316  C CA  . GLU A 1 45  ? -4.405  10.864  -2.917  1.000 33.622 0 43  GLU A CA  1 ? 
ATOM   317  C C   . GLU A 1 45  ? -3.626  9.572   -2.608  1.000 31.807 0 43  GLU A C   1 ? 
ATOM   318  O O   . GLU A 1 45  ? -2.481  9.613   -2.167  1.000 32.470 0 43  GLU A O   1 ? 
ATOM   319  C CB  . GLU A 1 45  ? -4.670  11.567  -1.583  1.000 39.764 0 43  GLU A CB  1 ? 
ATOM   320  C CG  . GLU A 1 45  ? -5.500  12.841  -1.660  1.000 43.396 0 43  GLU A CG  1 ? 
ATOM   321  C CD  . GLU A 1 45  ? -4.669  14.004  -2.146  1.000 51.249 0 43  GLU A CD  1 ? 
ATOM   322  O OE1 . GLU A 1 45  ? -4.819  14.349  -3.316  1.000 60.166 0 43  GLU A OE1 1 ? 
ATOM   323  O OE2 . GLU A 1 45  ? -3.849  14.524  -1.362  1.000 53.138 0 43  GLU A OE2 1 ? 
ATOM   324  N N   . LEU A 1 46  ? -4.276  8.416   -2.721  1.000 28.059 0 44  LEU A N   1 ? 
ATOM   325  C CA  . LEU A 1 46  ? -3.685  7.175   -2.275  1.000 27.781 0 44  LEU A CA  1 ? 
ATOM   326  C C   . LEU A 1 46  ? -2.943  6.547   -3.458  1.000 28.284 0 44  LEU A C   1 ? 
ATOM   327  O O   . LEU A 1 46  ? -3.385  5.593   -4.091  1.000 28.355 0 44  LEU A O   1 ? 
ATOM   328  C CB  . LEU A 1 46  ? -4.785  6.274   -1.691  1.000 26.954 0 44  LEU A CB  1 ? 
ATOM   329  C CG  . LEU A 1 46  ? -5.468  6.825   -0.435  1.000 27.847 0 44  LEU A CG  1 ? 
ATOM   330  C CD1 . LEU A 1 46  ? -6.560  5.909   0.079   1.000 30.359 0 44  LEU A CD1 1 ? 
ATOM   331  C CD2 . LEU A 1 46  ? -4.476  7.095   0.680   1.000 25.482 0 44  LEU A CD2 1 ? 
ATOM   332  N N   . LYS A 1 47  ? -1.824  7.164   -3.793  1.000 26.195 0 45  LYS A N   1 ? 
ATOM   333  C CA  . LYS A 1 47  ? -1.095  6.701   -4.939  1.000 28.380 0 45  LYS A CA  1 ? 
ATOM   334  C C   . LYS A 1 47  ? 0.381   6.706   -4.644  1.000 23.983 0 45  LYS A C   1 ? 
ATOM   335  O O   . LYS A 1 47  ? 0.833   7.466   -3.790  1.000 24.655 0 45  LYS A O   1 ? 
ATOM   336  C CB  . LYS A 1 47  ? -1.371  7.546   -6.168  1.000 26.966 0 45  LYS A CB  1 ? 
ATOM   337  C CG  . LYS A 1 47  ? -0.872  8.941   -6.015  1.000 33.289 0 45  LYS A CG  1 ? 
ATOM   338  C CD  . LYS A 1 47  ? -1.518  9.898   -6.918  1.000 40.046 0 45  LYS A CD  1 ? 
ATOM   339  C CE  . LYS A 1 47  ? -1.196  11.299  -6.426  1.000 47.944 0 45  LYS A CE  1 ? 
ATOM   340  N NZ  . LYS A 1 47  ? -1.701  12.328  -7.367  1.000 54.969 0 45  LYS A NZ  1 ? 
ATOM   341  N N   . THR A 1 48  ? 1.095   5.912   -5.459  1.000 22.985 0 46  THR A N   1 ? 
ATOM   342  C CA  . THR A 1 48  ? 2.543   5.876   -5.489  1.000 28.138 0 46  THR A CA  1 ? 
ATOM   343  C C   . THR A 1 48  ? 3.028   6.081   -6.917  1.000 28.478 0 46  THR A C   1 ? 
ATOM   344  O O   . THR A 1 48  ? 2.475   5.489   -7.813  1.000 31.445 0 46  THR A O   1 ? 
ATOM   345  C CB  . THR A 1 48  ? 3.088   4.539   -4.943  1.000 29.617 0 46  THR A CB  1 ? 
ATOM   346  O OG1 . THR A 1 48  ? 2.409   4.248   -3.726  1.000 26.280 0 46  THR A OG1 1 ? 
ATOM   347  C CG2 . THR A 1 48  ? 4.589   4.594   -4.714  1.000 28.500 0 46  THR A CG2 1 ? 
ATOM   348  N N   . ALA A 1 49  ? 4.061   6.916   -7.087  1.000 31.299 0 47  ALA A N   1 ? 
ATOM   349  C CA  . ALA A 1 49  ? 4.722   7.180   -8.359  1.000 31.211 0 47  ALA A CA  1 ? 
ATOM   350  C C   . ALA A 1 49  ? 5.854   6.179   -8.481  1.000 29.225 0 47  ALA A C   1 ? 
ATOM   351  O O   . ALA A 1 49  ? 6.567   5.969   -7.497  1.000 30.492 0 47  ALA A O   1 ? 
ATOM   352  C CB  . ALA A 1 49  ? 5.262   8.623   -8.419  1.000 26.684 0 47  ALA A CB  1 ? 
ATOM   353  N N   . CYS A 1 50  ? 6.099   5.612   -9.671  1.000 28.847 0 48  CYS A N   1 ? 
ATOM   354  C CA  . CYS A 1 50  ? 7.298   4.807   -9.805  1.000 29.233 0 48  CYS A CA  1 ? 
ATOM   355  C C   . CYS A 1 50  ? 7.645   4.669   -11.271 1.000 28.289 0 48  CYS A C   1 ? 
ATOM   356  O O   . CYS A 1 50  ? 6.847   5.082   -12.090 1.000 28.366 0 48  CYS A O   1 ? 
ATOM   357  C CB  . CYS A 1 50  ? 7.162   3.443   -9.143  1.000 33.519 0 48  CYS A CB  1 ? 
ATOM   358  S SG  . CYS A 1 50  ? 5.774   2.466   -9.767  1.000 43.904 0 48  CYS A SG  1 ? 
ATOM   359  N N   . LYS A 1 51  ? 8.857   4.163   -11.533 1.000 28.131 0 49  LYS A N   1 ? 
ATOM   360  C CA  . LYS A 1 51  ? 9.363   3.980   -12.877 1.000 29.725 0 49  LYS A CA  1 ? 
ATOM   361  C C   . LYS A 1 51  ? 9.259   2.486   -13.163 1.000 29.344 0 49  LYS A C   1 ? 
ATOM   362  O O   . LYS A 1 51  ? 9.297   1.662   -12.238 1.000 26.194 0 49  LYS A O   1 ? 
ATOM   363  C CB  . LYS A 1 51  ? 10.748  4.648   -13.015 1.000 33.434 0 49  LYS A CB  1 ? 
ATOM   364  C CG  . LYS A 1 51  ? 11.861  3.925   -12.267 1.000 51.025 0 49  LYS A CG  1 ? 
ATOM   365  C CD  . LYS A 1 51  ? 13.384  3.938   -12.714 1.000 43.546 0 49  LYS A CD  1 ? 
ATOM   366  C CE  . LYS A 1 51  ? 14.025  2.553   -12.660 1.000 34.566 0 49  LYS A CE  1 ? 
ATOM   367  N NZ  . LYS A 1 51  ? 14.927  2.455   -11.537 1.000 38.823 0 49  LYS A NZ  1 ? 
ATOM   368  N N   . ASP A 1 52  ? 9.080   2.116   -14.439 1.000 29.889 0 50  ASP A N   1 ? 
ATOM   369  C CA  . ASP A 1 52  ? 9.209   0.721   -14.841 1.000 29.535 0 50  ASP A CA  1 ? 
ATOM   370  C C   . ASP A 1 52  ? 10.520  0.154   -14.307 1.000 27.756 0 50  ASP A C   1 ? 
ATOM   371  O O   . ASP A 1 52  ? 11.524  0.861   -14.225 1.000 29.626 0 50  ASP A O   1 ? 
ATOM   372  C CB  . ASP A 1 52  ? 9.197   0.572   -16.354 1.000 34.831 0 50  ASP A CB  1 ? 
ATOM   373  C CG  . ASP A 1 52  ? 9.082   -0.849  -16.930 1.000 40.804 0 50  ASP A CG  1 ? 
ATOM   374  O OD1 . ASP A 1 52  ? 8.924   -1.889  -16.173 1.000 36.056 0 50  ASP A OD1 1 ? 
ATOM   375  O OD2 . ASP A 1 52  ? 9.107   -0.907  -18.188 1.000 52.135 0 50  ASP A OD2 1 ? 
ATOM   376  N N   . GLY A 1 53  ? 10.494  -1.111  -13.883 1.000 27.605 0 51  GLY A N   1 ? 
ATOM   377  C CA  . GLY A 1 53  ? 11.682  -1.828  -13.466 1.000 23.667 0 51  GLY A CA  1 ? 
ATOM   378  C C   . GLY A 1 53  ? 11.994  -1.578  -12.003 1.000 25.526 0 51  GLY A C   1 ? 
ATOM   379  O O   . GLY A 1 53  ? 12.804  -2.282  -11.447 1.000 28.208 0 51  GLY A O   1 ? 
ATOM   380  N N   . GLN A 1 54  ? 11.331  -0.623  -11.346 1.000 28.709 0 52  GLN A N   1 ? 
ATOM   381  C CA  . GLN A 1 54  ? 11.662  -0.314  -9.960  1.000 29.227 0 52  GLN A CA  1 ? 
ATOM   382  C C   . GLN A 1 54  ? 11.082  -1.314  -8.958  1.000 24.286 0 52  GLN A C   1 ? 
ATOM   383  O O   . GLN A 1 54  ? 9.958   -1.798  -9.070  1.000 24.254 0 52  GLN A O   1 ? 
ATOM   384  C CB  . GLN A 1 54  ? 11.149  1.046   -9.490  1.000 32.328 0 52  GLN A CB  1 ? 
ATOM   385  C CG  . GLN A 1 54  ? 12.207  2.094   -9.525  1.000 35.463 0 52  GLN A CG  1 ? 
ATOM   386  C CD  . GLN A 1 54  ? 11.758  3.386   -8.893  1.000 32.147 0 52  GLN A CD  1 ? 
ATOM   387  O OE1 . GLN A 1 54  ? 10.732  3.993   -9.236  1.000 31.133 0 52  GLN A OE1 1 ? 
ATOM   388  N NE2 . GLN A 1 54  ? 12.612  3.823   -7.982  1.000 30.210 0 52  GLN A NE2 1 ? 
ATOM   389  N N   . LEU A 1 55  ? 11.839  -1.512  -7.889  1.000 25.002 0 53  LEU A N   1 ? 
ATOM   390  C CA  . LEU A 1 55  ? 11.363  -2.337  -6.812  1.000 27.609 0 53  LEU A CA  1 ? 
ATOM   391  C C   . LEU A 1 55  ? 10.568  -1.519  -5.780  1.000 27.735 0 53  LEU A C   1 ? 
ATOM   392  O O   . LEU A 1 55  ? 11.022  -0.476  -5.265  1.000 25.356 0 53  LEU A O   1 ? 
ATOM   393  C CB  . LEU A 1 55  ? 12.538  -3.052  -6.164  1.000 31.177 0 53  LEU A CB  1 ? 
ATOM   394  C CG  . LEU A 1 55  ? 11.994  -4.246  -5.401  1.000 37.555 0 53  LEU A CG  1 ? 
ATOM   395  C CD1 . LEU A 1 55  ? 12.248  -5.502  -6.172  1.000 37.763 0 53  LEU A CD1 1 ? 
ATOM   396  C CD2 . LEU A 1 55  ? 12.523  -4.254  -3.984  1.000 41.315 0 53  LEU A CD2 1 ? 
ATOM   397  N N   . LEU A 1 56  ? 9.387   -2.051  -5.449  1.000 23.621 0 54  LEU A N   1 ? 
ATOM   398  C CA  . LEU A 1 56  ? 8.510   -1.429  -4.468  1.000 25.119 0 54  LEU A CA  1 ? 
ATOM   399  C C   . LEU A 1 56  ? 8.439   -2.270  -3.203  1.000 22.242 0 54  LEU A C   1 ? 
ATOM   400  O O   . LEU A 1 56  ? 8.240   -3.442  -3.305  1.000 24.138 0 54  LEU A O   1 ? 
ATOM   401  C CB  . LEU A 1 56  ? 7.113   -1.283  -5.091  1.000 30.126 0 54  LEU A CB  1 ? 
ATOM   402  C CG  . LEU A 1 56  ? 6.797   0.059   -5.748  1.000 34.790 0 54  LEU A CG  1 ? 
ATOM   403  C CD1 . LEU A 1 56  ? 7.818   0.428   -6.804  1.000 33.470 0 54  LEU A CD1 1 ? 
ATOM   404  C CD2 . LEU A 1 56  ? 5.423   0.012   -6.391  1.000 38.996 0 54  LEU A CD2 1 ? 
ATOM   405  N N   . CYS A 1 57  ? 8.342   -1.599  -2.046  1.000 23.645 0 55  CYS A N   1 ? 
ATOM   406  C CA  . CYS A 1 57  ? 8.304   -2.164  -0.714  1.000 22.145 0 55  CYS A CA  1 ? 
ATOM   407  C C   . CYS A 1 57  ? 7.185   -1.496  0.065   1.000 22.691 0 55  CYS A C   1 ? 
ATOM   408  O O   . CYS A 1 57  ? 7.074   -0.293  0.072   1.000 25.381 0 55  CYS A O   1 ? 
ATOM   409  C CB  . CYS A 1 57  ? 9.628   -1.899  -0.024  1.000 24.555 0 55  CYS A CB  1 ? 
ATOM   410  S SG  . CYS A 1 57  ? 9.700   -2.561  1.652   1.000 29.693 0 55  CYS A SG  1 ? 
ATOM   411  N N   . TRP A 1 58  ? 6.274   -2.276  0.593   1.000 22.780 0 56  TRP A N   1 ? 
ATOM   412  C CA  . TRP A 1 58  ? 5.195   -1.785  1.424   1.000 21.315 0 56  TRP A CA  1 ? 
ATOM   413  C C   . TRP A 1 58  ? 5.351   -2.340  2.834   1.000 19.674 0 56  TRP A C   1 ? 
ATOM   414  O O   . TRP A 1 58  ? 5.612   -3.529  2.984   1.000 19.341 0 56  TRP A O   1 ? 
ATOM   415  C CB  . TRP A 1 58  ? 3.844   -2.304  0.926   1.000 22.866 0 56  TRP A CB  1 ? 
ATOM   416  C CG  . TRP A 1 58  ? 3.359   -1.814  -0.398  1.000 23.471 0 56  TRP A CG  1 ? 
ATOM   417  C CD1 . TRP A 1 58  ? 2.391   -0.876  -0.595  1.000 24.221 0 56  TRP A CD1 1 ? 
ATOM   418  C CD2 . TRP A 1 58  ? 3.667   -2.375  -1.689  1.000 21.693 0 56  TRP A CD2 1 ? 
ATOM   419  N NE1 . TRP A 1 58  ? 2.123   -0.751  -1.926  1.000 27.172 0 56  TRP A NE1 1 ? 
ATOM   420  C CE2 . TRP A 1 58  ? 2.867   -1.689  -2.619  1.000 27.071 0 56  TRP A CE2 1 ? 
ATOM   421  C CE3 . TRP A 1 58  ? 4.546   -3.357  -2.139  1.000 21.189 0 56  TRP A CE3 1 ? 
ATOM   422  C CZ2 . TRP A 1 58  ? 2.935   -1.970  -3.983  1.000 30.707 0 56  TRP A CZ2 1 ? 
ATOM   423  C CZ3 . TRP A 1 58  ? 4.629   -3.617  -3.482  1.000 25.196 0 56  TRP A CZ3 1 ? 
ATOM   424  C CH2 . TRP A 1 58  ? 3.803   -2.963  -4.396  1.000 27.580 0 56  TRP A CH2 1 ? 
ATOM   425  N N   . ARG A 1 59  ? 5.069   -1.510  3.838   1.000 20.284 0 57  ARG A N   1 ? 
ATOM   426  C CA  . ARG A 1 59  ? 4.816   -1.947  5.220   1.000 20.596 0 57  ARG A CA  1 ? 
ATOM   427  C C   . ARG A 1 59  ? 3.742   -1.034  5.855   1.000 21.764 0 57  ARG A C   1 ? 
ATOM   428  O O   . ARG A 1 59  ? 3.490   0.052   5.373   1.000 19.445 0 57  ARG A O   1 ? 
ATOM   429  C CB  . ARG A 1 59  ? 6.132   -2.071  6.000   1.000 20.585 0 57  ARG A CB  1 ? 
ATOM   430  C CG  . ARG A 1 59  ? 6.708   -0.750  6.480   1.000 21.113 0 57  ARG A CG  1 ? 
ATOM   431  C CD  . ARG A 1 59  ? 8.108   -0.855  7.040   1.000 21.907 0 57  ARG A CD  1 ? 
ATOM   432  N NE  . ARG A 1 59  ? 8.332   0.209   8.012   1.000 24.435 0 57  ARG A NE  1 ? 
ATOM   433  C CZ  . ARG A 1 59  ? 8.006   0.175   9.307   1.000 26.048 0 57  ARG A CZ  1 ? 
ATOM   434  N NH1 . ARG A 1 59  ? 7.698   -0.958  9.876   1.000 25.057 0 57  ARG A NH1 1 ? 
ATOM   435  N NH2 . ARG A 1 59  ? 8.095   1.248   10.077  1.000 26.206 0 57  ARG A NH2 1 ? 
ATOM   436  N N   . VAL A 1 60  ? 3.067   -1.519  6.920   1.000 23.880 0 58  VAL A N   1 ? 
ATOM   437  C CA  . VAL A 1 60  ? 1.938   -0.861  7.571   1.000 21.237 0 58  VAL A CA  1 ? 
ATOM   438  C C   . VAL A 1 60  ? 2.156   -0.724  9.070   1.000 18.684 0 58  VAL A C   1 ? 
ATOM   439  O O   . VAL A 1 60  ? 2.680   -1.618  9.719   1.000 16.951 0 58  VAL A O   1 ? 
ATOM   440  C CB  . VAL A 1 60  ? 0.591   -1.551  7.299   1.000 21.909 0 58  VAL A CB  1 ? 
ATOM   441  C CG1 . VAL A 1 60  ? 0.551   -2.984  7.822   1.000 21.992 0 58  VAL A CG1 1 ? 
ATOM   442  C CG2 . VAL A 1 60  ? -0.552  -0.716  7.878   1.000 25.081 0 58  VAL A CG2 1 ? 
ATOM   443  N N   . VAL A 1 61  ? 1.809   0.452   9.609   1.000 18.374 0 59  VAL A N   1 ? 
ATOM   444  C CA  . VAL A 1 61  ? 1.929   0.704   11.049  1.000 17.231 0 59  VAL A CA  1 ? 
ATOM   445  C C   . VAL A 1 61  ? 0.680   1.464   11.492  1.000 18.116 0 59  VAL A C   1 ? 
ATOM   446  O O   . VAL A 1 61  ? -0.037  2.087   10.668  1.000 16.680 0 59  VAL A O   1 ? 
ATOM   447  C CB  . VAL A 1 61  ? 3.218   1.449   11.469  1.000 16.331 0 59  VAL A CB  1 ? 
ATOM   448  C CG1 . VAL A 1 61  ? 4.491   0.714   11.142  1.000 16.108 0 59  VAL A CG1 1 ? 
ATOM   449  C CG2 . VAL A 1 61  ? 3.297   2.832   10.884  1.000 17.498 0 59  VAL A CG2 1 ? 
ATOM   450  N N   . ALA A 1 62  ? 0.379   1.325   12.796  1.000 20.444 0 60  ALA A N   1 ? 
ATOM   451  C CA  . ALA A 1 62  ? -0.692  2.077   13.445  1.000 20.583 0 60  ALA A CA  1 ? 
ATOM   452  C C   . ALA A 1 62  ? -0.116  3.291   14.199  1.000 23.655 0 60  ALA A C   1 ? 
ATOM   453  O O   . ALA A 1 62  ? 1.037   3.261   14.635  1.000 20.654 0 60  ALA A O   1 ? 
ATOM   454  C CB  . ALA A 1 62  ? -1.497  1.203   14.361  1.000 18.973 0 60  ALA A CB  1 ? 
ATOM   455  N N   . ILE A 1 63  ? -0.924  4.369   14.336  1.000 26.665 0 61  ILE A N   1 ? 
ATOM   456  C CA  . ILE A 1 63  ? -0.476  5.560   15.066  1.000 25.439 0 61  ILE A CA  1 ? 
ATOM   457  C C   . ILE A 1 63  ? -0.309  5.191   16.536  1.000 26.694 0 61  ILE A C   1 ? 
ATOM   458  O O   . ILE A 1 63  ? 0.705   5.514   17.158  1.000 28.123 0 61  ILE A O   1 ? 
ATOM   459  C CB  . ILE A 1 63  ? -1.452  6.741   14.901  1.000 23.597 0 61  ILE A CB  1 ? 
ATOM   460  C CG1 . ILE A 1 63  ? -1.573  7.189   13.439  1.000 23.365 0 61  ILE A CG1 1 ? 
ATOM   461  C CG2 . ILE A 1 63  ? -1.059  7.882   15.850  1.000 21.435 0 61  ILE A CG2 1 ? 
ATOM   462  C CD1 . ILE A 1 63  ? -2.705  8.180   13.173  1.000 23.752 0 61  ILE A CD1 1 ? 
ATOM   463  N N   . SER A 1 64  ? -1.271  4.430   17.036  1.000 25.266 0 62  SER A N   1 ? 
ATOM   464  C CA  . SER A 1 64  ? -1.245  4.034   18.427  1.000 29.983 0 62  SER A CA  1 ? 
ATOM   465  C C   . SER A 1 64  ? -0.369  2.808   18.691  1.000 26.578 0 62  SER A C   1 ? 
ATOM   466  O O   . SER A 1 64  ? -0.451  1.809   17.974  1.000 29.408 0 62  SER A O   1 ? 
ATOM   467  C CB  . SER A 1 64  ? -2.656  3.770   18.886  1.000 28.655 0 62  SER A CB  1 ? 
ATOM   468  O OG  . SER A 1 64  ? -2.612  3.189   20.161  1.000 26.903 0 62  SER A OG  1 ? 
ATOM   469  N N   . PRO A 1 65  ? 0.380   2.783   19.814  1.000 24.962 0 63  PRO A N   1 ? 
ATOM   470  C CA  . PRO A 1 65  ? 1.083   1.574   20.227  1.000 28.400 0 63  PRO A CA  1 ? 
ATOM   471  C C   . PRO A 1 65  ? 0.189   0.409   20.626  1.000 24.790 0 63  PRO A C   1 ? 
ATOM   472  O O   . PRO A 1 65  ? 0.640   -0.696  20.686  1.000 28.509 0 63  PRO A O   1 ? 
ATOM   473  C CB  . PRO A 1 65  ? 1.927   2.023   21.426  1.000 30.237 0 63  PRO A CB  1 ? 
ATOM   474  C CG  . PRO A 1 65  ? 1.182   3.202   21.950  1.000 31.486 0 63  PRO A CG  1 ? 
ATOM   475  C CD  . PRO A 1 65  ? 0.634   3.916   20.725  1.000 27.784 0 63  PRO A CD  1 ? 
ATOM   476  N N   . ASP A 1 66  ? -1.094  0.608   20.805  1.000 28.450 0 64  ASP A N   1 ? 
ATOM   477  C CA  . ASP A 1 66  ? -1.983  -0.452  21.285  1.000 35.871 0 64  ASP A CA  1 ? 
ATOM   478  C C   . ASP A 1 66  ? -2.620  -1.271  20.171  1.000 32.862 0 64  ASP A C   1 ? 
ATOM   479  O O   . ASP A 1 66  ? -3.210  -2.310  20.423  1.000 39.936 0 64  ASP A O   1 ? 
ATOM   480  C CB  . ASP A 1 66  ? -3.080  0.113   22.203  1.000 38.488 0 64  ASP A CB  1 ? 
ATOM   481  C CG  . ASP A 1 66  ? -2.587  0.588   23.586  1.000 50.366 0 64  ASP A CG  1 ? 
ATOM   482  O OD1 . ASP A 1 66  ? -1.342  0.642   23.793  1.000 45.903 0 64  ASP A OD1 1 ? 
ATOM   483  O OD2 . ASP A 1 66  ? -3.445  0.935   24.471  1.000 47.118 0 64  ASP A OD2 1 ? 
ATOM   484  N N   . ASN A 1 67  ? -2.552  -0.814  18.939  1.000 28.558 0 65  ASN A N   1 ? 
ATOM   485  C CA  . ASN A 1 67  ? -3.078  -1.628  17.873  1.000 28.597 0 65  ASN A CA  1 ? 
ATOM   486  C C   . ASN A 1 67  ? -1.982  -2.394  17.136  1.000 27.242 0 65  ASN A C   1 ? 
ATOM   487  O O   . ASN A 1 67  ? -0.862  -1.937  17.081  1.000 31.304 0 65  ASN A O   1 ? 
ATOM   488  C CB  . ASN A 1 67  ? -3.706  -0.707  16.856  1.000 29.511 0 65  ASN A CB  1 ? 
ATOM   489  C CG  . ASN A 1 67  ? -4.795  0.126   17.481  1.000 28.706 0 65  ASN A CG  1 ? 
ATOM   490  O OD1 . ASN A 1 67  ? -4.626  1.314   17.716  1.000 29.847 0 65  ASN A OD1 1 ? 
ATOM   491  N ND2 . ASN A 1 67  ? -5.952  -0.482  17.635  1.000 28.030 0 65  ASN A ND2 1 ? 
ATOM   492  N N   . GLU A 1 68  ? -2.343  -3.523  16.543  1.000 29.099 0 66  GLU A N   1 ? 
ATOM   493  C CA  . GLU A 1 68  ? -1.513  -4.274  15.609  1.000 33.562 0 66  GLU A CA  1 ? 
ATOM   494  C C   . GLU A 1 68  ? -2.186  -4.357  14.236  1.000 29.416 0 66  GLU A C   1 ? 
ATOM   495  O O   . GLU A 1 68  ? -3.390  -4.586  14.147  1.000 24.378 0 66  GLU A O   1 ? 
ATOM   496  C CB  . GLU A 1 68  ? -1.340  -5.734  16.021  1.000 38.805 0 66  GLU A CB  1 ? 
ATOM   497  C CG  . GLU A 1 68  ? -0.655  -5.896  17.346  1.000 51.873 0 66  GLU A CG  1 ? 
ATOM   498  C CD  . GLU A 1 68  ? 0.779   -5.406  17.381  1.000 69.251 0 66  GLU A CD  1 ? 
ATOM   499  O OE1 . GLU A 1 68  ? 1.301   -5.111  16.292  1.000 76.274 0 66  GLU A OE1 1 ? 
ATOM   500  O OE2 . GLU A 1 68  ? 1.371   -5.317  18.500  1.000 73.022 0 66  GLU A OE2 1 ? 
ATOM   501  N N   . VAL A 1 69  ? -1.367  -4.181  13.175  1.000 22.765 0 67  VAL A N   1 ? 
ATOM   502  C CA  . VAL A 1 69  ? -1.863  -4.046  11.825  1.000 26.388 0 67  VAL A CA  1 ? 
ATOM   503  C C   . VAL A 1 69  ? -0.886  -4.787  10.920  1.000 27.294 0 67  VAL A C   1 ? 
ATOM   504  O O   . VAL A 1 69  ? 0.332   -4.667  11.070  1.000 30.403 0 67  VAL A O   1 ? 
ATOM   505  C CB  . VAL A 1 69  ? -2.031  -2.592  11.387  1.000 26.445 0 67  VAL A CB  1 ? 
ATOM   506  C CG1 . VAL A 1 69  ? -3.081  -1.844  12.183  1.000 31.120 0 67  VAL A CG1 1 ? 
ATOM   507  C CG2 . VAL A 1 69  ? -0.705  -1.861  11.518  1.000 30.171 0 67  VAL A CG2 1 ? 
ATOM   508  N N   . ASP A 1 70  ? -1.451  -5.514  9.955   1.000 26.518 0 68  ASP A N   1 ? 
ATOM   509  C CA  . ASP A 1 70  ? -0.697  -6.285  9.004   1.000 28.552 0 68  ASP A CA  1 ? 
ATOM   510  C C   . ASP A 1 70  ? -1.312  -6.099  7.639   1.000 29.407 0 68  ASP A C   1 ? 
ATOM   511  O O   . ASP A 1 70  ? -2.486  -5.873  7.560   1.000 25.279 0 68  ASP A O   1 ? 
ATOM   512  C CB  . ASP A 1 70  ? -0.755  -7.752  9.390   1.000 33.427 0 68  ASP A CB  1 ? 
ATOM   513  C CG  . ASP A 1 70  ? 0.097   -8.069  10.619  1.000 51.719 0 68  ASP A CG  1 ? 
ATOM   514  O OD1 . ASP A 1 70  ? 1.342   -8.006  10.515  1.000 59.516 0 68  ASP A OD1 1 ? 
ATOM   515  O OD2 . ASP A 1 70  ? -0.485  -8.333  11.709  1.000 66.534 0 68  ASP A OD2 1 ? 
ATOM   516  N N   . ILE A 1 71  ? -0.518  -6.224  6.579   1.000 27.300 0 69  ILE A N   1 ? 
ATOM   517  C CA  . ILE A 1 71  ? -1.068  -6.412  5.254   1.000 27.647 0 69  ILE A CA  1 ? 
ATOM   518  C C   . ILE A 1 71  ? -1.300  -7.887  5.068   1.000 28.250 0 69  ILE A C   1 ? 
ATOM   519  O O   . ILE A 1 71  ? -0.360  -8.636  5.279   1.000 25.631 0 69  ILE A O   1 ? 
ATOM   520  C CB  . ILE A 1 71  ? -0.067  -5.939  4.200   1.000 31.162 0 69  ILE A CB  1 ? 
ATOM   521  C CG1 . ILE A 1 71  ? 0.237   -4.452  4.411   1.000 28.379 0 69  ILE A CG1 1 ? 
ATOM   522  C CG2 . ILE A 1 71  ? -0.592  -6.242  2.789   1.000 29.565 0 69  ILE A CG2 1 ? 
ATOM   523  C CD1 . ILE A 1 71  ? 1.486   -4.017  3.730   1.000 32.876 0 69  ILE A CD1 1 ? 
ATOM   524  N N   . VAL A 1 72  ? -2.516  -8.263  4.681   1.000 24.502 0 70  VAL A N   1 ? 
ATOM   525  C CA  . VAL A 1 72  ? -2.889  -9.660  4.524   1.000 25.047 0 70  VAL A CA  1 ? 
ATOM   526  C C   . VAL A 1 72  ? -2.654  -10.081 3.068   1.000 22.372 0 70  VAL A C   1 ? 
ATOM   527  O O   . VAL A 1 72  ? -2.157  -11.151 2.820   1.000 20.813 0 70  VAL A O   1 ? 
ATOM   528  C CB  . VAL A 1 72  ? -4.382  -9.924  4.876   1.000 29.329 0 70  VAL A CB  1 ? 
ATOM   529  C CG1 . VAL A 1 72  ? -4.763  -11.392 4.634   1.000 31.270 0 70  VAL A CG1 1 ? 
ATOM   530  C CG2 . VAL A 1 72  ? -4.749  -9.539  6.290   1.000 31.581 0 70  VAL A CG2 1 ? 
ATOM   531  N N   . GLU A 1 73  ? -2.993  -9.215  2.112   1.000 23.359 0 71  GLU A N   1 ? 
ATOM   532  C CA  . GLU A 1 73  ? -3.236  -9.608  0.742   1.000 28.765 0 71  GLU A CA  1 ? 
ATOM   533  C C   . GLU A 1 73  ? -3.301  -8.404  -0.182  1.000 26.942 0 71  GLU A C   1 ? 
ATOM   534  O O   . GLU A 1 73  ? -3.825  -7.350  0.210   1.000 21.867 0 71  GLU A O   1 ? 
ATOM   535  C CB  . GLU A 1 73  ? -4.632  -10.233 0.712   1.000 32.356 0 71  GLU A CB  1 ? 
ATOM   536  C CG  . GLU A 1 73  ? -4.747  -11.379 -0.212  1.000 43.885 0 71  GLU A CG  1 ? 
ATOM   537  C CD  . GLU A 1 73  ? -6.164  -11.916 -0.105  1.000 50.437 0 71  GLU A CD  1 ? 
ATOM   538  O OE1 . GLU A 1 73  ? -6.771  -12.162 -1.172  1.000 58.753 0 71  GLU A OE1 1 ? 
ATOM   539  O OE2 . GLU A 1 73  ? -6.672  -12.000 1.039   1.000 43.054 0 71  GLU A OE2 1 ? 
ATOM   540  N N   . PHE A 1 74  ? -2.785  -8.611  -1.416  1.000 27.864 0 72  PHE A N   1 ? 
ATOM   541  C CA  . PHE A 1 74  ? -3.008  -7.705  -2.531  1.000 24.687 0 72  PHE A CA  1 ? 
ATOM   542  C C   . PHE A 1 74  ? -3.842  -8.407  -3.619  1.000 23.951 0 72  PHE A C   1 ? 
ATOM   543  O O   . PHE A 1 74  ? -3.567  -9.538  -3.962  1.000 25.249 0 72  PHE A O   1 ? 
ATOM   544  C CB  . PHE A 1 74  ? -1.690  -7.313  -3.183  1.000 21.350 0 72  PHE A CB  1 ? 
ATOM   545  C CG  . PHE A 1 74  ? -0.741  -6.567  -2.323  1.000 21.504 0 72  PHE A CG  1 ? 
ATOM   546  C CD1 . PHE A 1 74  ? 0.056   -7.228  -1.388  1.000 20.400 0 72  PHE A CD1 1 ? 
ATOM   547  C CD2 . PHE A 1 74  ? -0.620  -5.194  -2.462  1.000 19.667 0 72  PHE A CD2 1 ? 
ATOM   548  C CE1 . PHE A 1 74  ? 0.922   -6.503  -0.580  1.000 22.269 0 72  PHE A CE1 1 ? 
ATOM   549  C CE2 . PHE A 1 74  ? 0.299   -4.496  -1.693  1.000 18.918 0 72  PHE A CE2 1 ? 
ATOM   550  C CZ  . PHE A 1 74  ? 1.056   -5.139  -0.748  1.000 21.621 0 72  PHE A CZ  1 ? 
ATOM   551  N N   . ASN A 1 75  ? -4.835  -7.738  -4.196  1.000 24.035 0 73  ASN A N   1 ? 
ATOM   552  C CA  . ASN A 1 75  ? -5.635  -8.282  -5.297  1.000 24.700 0 73  ASN A CA  1 ? 
ATOM   553  C C   . ASN A 1 75  ? -5.886  -7.139  -6.266  1.000 25.171 0 73  ASN A C   1 ? 
ATOM   554  O O   . ASN A 1 75  ? -5.530  -6.004  -5.949  1.000 22.780 0 73  ASN A O   1 ? 
ATOM   555  C CB  . ASN A 1 75  ? -7.001  -8.848  -4.869  1.000 27.008 0 73  ASN A CB  1 ? 
ATOM   556  C CG  . ASN A 1 75  ? -6.865  -10.015 -3.932  1.000 25.651 0 73  ASN A CG  1 ? 
ATOM   557  O OD1 . ASN A 1 75  ? -6.425  -11.068 -4.362  1.000 26.515 0 73  ASN A OD1 1 ? 
ATOM   558  N ND2 . ASN A 1 75  ? -7.194  -9.825  -2.665  1.000 31.631 0 73  ASN A ND2 1 ? 
ATOM   559  N N   . GLY A 1 76  ? -6.527  -7.460  -7.399  1.000 26.447 0 74  GLY A N   1 ? 
ATOM   560  C CA  . GLY A 1 76  ? -7.024  -6.474  -8.348  1.000 22.748 0 74  GLY A CA  1 ? 
ATOM   561  C C   . GLY A 1 76  ? -6.134  -6.384  -9.587  1.000 20.611 0 74  GLY A C   1 ? 
ATOM   562  O O   . GLY A 1 76  ? -5.355  -7.276  -9.875  1.000 21.611 0 74  GLY A O   1 ? 
ATOM   563  N N   . GLN A 1 77  ? -6.313  -5.300  -10.324 1.000 21.771 0 75  GLN A N   1 ? 
ATOM   564  C CA  . GLN A 1 77  ? -5.769  -5.092  -11.656 1.000 24.614 0 75  GLN A CA  1 ? 
ATOM   565  C C   . GLN A 1 77  ? -4.272  -5.368  -11.703 1.000 24.082 0 75  GLN A C   1 ? 
ATOM   566  O O   . GLN A 1 77  ? -3.841  -6.131  -12.565 1.000 26.229 0 75  GLN A O   1 ? 
ATOM   567  C CB  . GLN A 1 77  ? -6.134  -3.692  -12.140 1.000 24.930 0 75  GLN A CB  1 ? 
ATOM   568  C CG  . GLN A 1 77  ? -5.413  -3.362  -13.426 1.000 30.071 0 75  GLN A CG  1 ? 
ATOM   569  C CD  . GLN A 1 77  ? -5.586  -1.922  -13.851 1.000 38.606 0 75  GLN A CD  1 ? 
ATOM   570  O OE1 . GLN A 1 77  ? -5.707  -0.973  -13.061 1.000 28.505 0 75  GLN A OE1 1 ? 
ATOM   571  N NE2 . GLN A 1 77  ? -5.527  -1.741  -15.158 1.000 42.142 0 75  GLN A NE2 1 ? 
ATOM   572  N N   . MET A 1 78  ? -3.464  -4.752  -10.808 1.000 22.676 0 76  MET A N   1 ? 
ATOM   573  C CA  . MET A 1 78  ? -2.000  -4.850  -10.834 1.000 21.640 0 76  MET A CA  1 ? 
ATOM   574  C C   . MET A 1 78  ? -1.548  -6.308  -10.674 1.000 23.938 0 76  MET A C   1 ? 
ATOM   575  O O   . MET A 1 78  ? -0.461  -6.740  -11.090 1.000 25.702 0 76  MET A O   1 ? 
ATOM   576  C CB  . MET A 1 78  ? -1.427  -3.996  -9.692  1.000 23.989 0 76  MET A CB  1 ? 
ATOM   577  C CG  . MET A 1 78  ? 0.051   -4.053  -9.436  1.000 25.618 0 76  MET A CG  1 ? 
ATOM   578  S SD  . MET A 1 78  ? 0.501   -3.016  -7.991  1.000 21.907 0 76  MET A SD  1 ? 
ATOM   579  C CE  . MET A 1 78  ? 0.351   -4.129  -6.628  1.000 21.360 0 76  MET A CE  1 ? 
ATOM   580  N N   . ILE A 1 79  ? -2.352  -7.088  -9.967  1.000 23.868 0 77  ILE A N   1 ? 
ATOM   581  C CA  . ILE A 1 79  ? -2.057  -8.482  -9.717  1.000 24.454 0 77  ILE A CA  1 ? 
ATOM   582  C C   . ILE A 1 79  ? -2.553  -9.343  -10.875 1.000 25.254 0 77  ILE A C   1 ? 
ATOM   583  O O   . ILE A 1 79  ? -1.834  -10.232 -11.328 1.000 24.270 0 77  ILE A O   1 ? 
ATOM   584  C CB  . ILE A 1 79  ? -2.741  -8.923  -8.417  1.000 25.405 0 77  ILE A CB  1 ? 
ATOM   585  C CG1 . ILE A 1 79  ? -2.335  -8.018  -7.254  1.000 26.631 0 77  ILE A CG1 1 ? 
ATOM   586  C CG2 . ILE A 1 79  ? -2.468  -10.405 -8.129  1.000 25.262 0 77  ILE A CG2 1 ? 
ATOM   587  C CD1 . ILE A 1 79  ? -0.905  -8.035  -6.884  1.000 27.963 0 77  ILE A CD1 1 ? 
ATOM   588  N N   . ASN A 1 80  ? -3.809  -9.123  -11.289 1.000 24.734 0 78  ASN A N   1 ? 
ATOM   589  C CA  . ASN A 1 80  ? -4.364  -9.840  -12.445 1.000 26.390 0 78  ASN A CA  1 ? 
ATOM   590  C C   . ASN A 1 80  ? -3.419  -9.852  -13.648 1.000 27.725 0 78  ASN A C   1 ? 
ATOM   591  O O   . ASN A 1 80  ? -3.132  -10.912 -14.201 1.000 27.421 0 78  ASN A O   1 ? 
ATOM   592  C CB  . ASN A 1 80  ? -5.670  -9.227  -12.935 1.000 22.660 0 78  ASN A CB  1 ? 
ATOM   593  C CG  . ASN A 1 80  ? -6.874  -9.460  -12.044 1.000 25.129 0 78  ASN A CG  1 ? 
ATOM   594  O OD1 . ASN A 1 80  ? -6.871  -10.232 -11.084 1.000 23.818 0 78  ASN A OD1 1 ? 
ATOM   595  N ND2 . ASN A 1 80  ? -7.944  -8.775  -12.395 1.000 26.089 0 78  ASN A ND2 1 ? 
ATOM   596  N N   . ASP A 1 81  ? -2.934  -8.654  -14.022 1.000 29.826 0 79  ASP A N   1 ? 
ATOM   597  C CA  . ASP A 1 81  ? -2.104  -8.478  -15.203 1.000 28.039 0 79  ASP A CA  1 ? 
ATOM   598  C C   . ASP A 1 81  ? -0.621  -8.763  -14.965 1.000 27.329 0 79  ASP A C   1 ? 
ATOM   599  O O   . ASP A 1 81  ? 0.152   -8.591  -15.884 1.000 28.241 0 79  ASP A O   1 ? 
ATOM   600  C CB  . ASP A 1 81  ? -2.289  -7.108  -15.850 1.000 28.643 0 79  ASP A CB  1 ? 
ATOM   601  C CG  . ASP A 1 81  ? -2.078  -5.901  -14.968 1.000 38.518 0 79  ASP A CG  1 ? 
ATOM   602  O OD1 . ASP A 1 81  ? -1.148  -5.910  -14.066 1.000 38.394 0 79  ASP A OD1 1 ? 
ATOM   603  O OD2 . ASP A 1 81  ? -2.809  -4.907  -15.240 1.000 47.445 0 79  ASP A OD2 1 ? 
ATOM   604  N N   . ARG A 1 82  ? -0.228  -9.228  -13.775 1.000 27.291 0 80  ARG A N   1 ? 
ATOM   605  C CA  . ARG A 1 82  ? 1.158   -9.553  -13.407 1.000 28.609 0 80  ARG A CA  1 ? 
ATOM   606  C C   . ARG A 1 82  ? 2.131   -8.385  -13.590 1.000 27.585 0 80  ARG A C   1 ? 
ATOM   607  O O   . ARG A 1 82  ? 3.315   -8.591  -13.784 1.000 28.016 0 80  ARG A O   1 ? 
ATOM   608  C CB  . ARG A 1 82  ? 1.596   -10.847 -14.089 1.000 26.489 0 80  ARG A CB  1 ? 
ATOM   609  C CG  . ARG A 1 82  ? 0.591   -11.960 -13.829 1.000 28.101 0 80  ARG A CG  1 ? 
ATOM   610  C CD  . ARG A 1 82  ? 0.977   -13.238 -14.524 1.000 30.869 0 80  ARG A CD  1 ? 
ATOM   611  N NE  . ARG A 1 82  ? 2.010   -13.938 -13.761 1.000 33.083 0 80  ARG A NE  1 ? 
ATOM   612  C CZ  . ARG A 1 82  ? 1.817   -14.702 -12.656 1.000 40.504 0 80  ARG A CZ  1 ? 
ATOM   613  N NH1 . ARG A 1 82  ? 0.593   -14.975 -12.213 1.000 42.871 0 80  ARG A NH1 1 ? 
ATOM   614  N NH2 . ARG A 1 82  ? 2.849   -15.248 -12.016 1.000 30.407 0 80  ARG A NH2 1 ? 
ATOM   615  N N   . VAL A 1 83  ? 1.654   -7.147  -13.432 1.000 29.815 0 81  VAL A N   1 ? 
ATOM   616  C CA  . VAL A 1 83  ? 2.552   -6.001  -13.435 1.000 27.654 0 81  VAL A CA  1 ? 
ATOM   617  C C   . VAL A 1 83  ? 3.326   -5.914  -12.110 1.000 27.157 0 81  VAL A C   1 ? 
ATOM   618  O O   . VAL A 1 83  ? 4.496   -5.525  -12.089 1.000 27.140 0 81  VAL A O   1 ? 
ATOM   619  C CB  . VAL A 1 83  ? 1.794   -4.721  -13.816 1.000 26.613 0 81  VAL A CB  1 ? 
ATOM   620  C CG1 . VAL A 1 83  ? 2.622   -3.470  -13.602 1.000 31.592 0 81  VAL A CG1 1 ? 
ATOM   621  C CG2 . VAL A 1 83  ? 1.349   -4.770  -15.280 1.000 24.087 0 81  VAL A CG2 1 ? 
ATOM   622  N N   . CYS A 1 84  ? 2.751   -6.309  -10.985 1.000 25.055 0 82  CYS A N   1 ? 
ATOM   623  C CA  . CYS A 1 84  ? 3.557   -6.296  -9.760  1.000 27.364 0 82  CYS A CA  1 ? 
ATOM   624  C C   . CYS A 1 84  ? 2.957   -7.218  -8.732  1.000 26.447 0 82  CYS A C   1 ? 
ATOM   625  O O   . CYS A 1 84  ? 1.820   -7.065  -8.391  1.000 27.267 0 82  CYS A O   1 ? 
ATOM   626  C CB  . CYS A 1 84  ? 3.659   -4.926  -9.098  1.000 32.901 0 82  CYS A CB  1 ? 
ATOM   627  S SG  . CYS A 1 84  ? 4.713   -4.948  -7.627  1.000 33.184 0 82  CYS A SG  1 ? 
ATOM   628  N N   . ILE A 1 85  ? 3.696   -8.245  -8.375  1.000 25.249 0 83  ILE A N   1 ? 
ATOM   629  C CA  . ILE A 1 85  ? 3.178   -9.247  -7.476  1.000 28.556 0 83  ILE A CA  1 ? 
ATOM   630  C C   . ILE A 1 85  ? 4.006   -9.218  -6.202  1.000 24.575 0 83  ILE A C   1 ? 
ATOM   631  O O   . ILE A 1 85  ? 5.017   -9.878  -6.119  1.000 25.783 0 83  ILE A O   1 ? 
ATOM   632  C CB  . ILE A 1 85  ? 3.243   -10.638 -8.132  1.000 27.796 0 83  ILE A CB  1 ? 
ATOM   633  C CG1 . ILE A 1 85  ? 2.327   -10.686 -9.358  1.000 28.752 0 83  ILE A CG1 1 ? 
ATOM   634  C CG2 . ILE A 1 85  ? 2.914   -11.716 -7.086  1.000 28.018 0 83  ILE A CG2 1 ? 
ATOM   635  C CD1 . ILE A 1 85  ? 2.401   -12.017 -10.095 1.000 33.288 0 83  ILE A CD1 1 ? 
ATOM   636  N N   . PRO A 1 86  ? 3.631   -8.459  -5.167  1.000 22.586 0 84  PRO A N   1 ? 
ATOM   637  C CA  . PRO A 1 86  ? 4.472   -8.385  -3.983  1.000 22.385 0 84  PRO A CA  1 ? 
ATOM   638  C C   . PRO A 1 86  ? 4.428   -9.724  -3.273  1.000 23.471 0 84  PRO A C   1 ? 
ATOM   639  O O   . PRO A 1 86  ? 3.431   -10.434 -3.372  1.000 21.201 0 84  PRO A O   1 ? 
ATOM   640  C CB  . PRO A 1 86  ? 3.845   -7.291  -3.123  1.000 23.746 0 84  PRO A CB  1 ? 
ATOM   641  C CG  . PRO A 1 86  ? 2.720   -6.716  -3.964  1.000 22.380 0 84  PRO A CG  1 ? 
ATOM   642  C CD  . PRO A 1 86  ? 2.413   -7.663  -5.093  1.000 21.353 0 84  PRO A CD  1 ? 
ATOM   643  N N   . THR A 1 87  ? 5.496   -10.028 -2.534  1.000 25.352 0 85  THR A N   1 ? 
ATOM   644  C CA  . THR A 1 87  ? 5.522   -11.213 -1.673  1.000 26.330 0 85  THR A CA  1 ? 
ATOM   645  C C   . THR A 1 87  ? 5.931   -10.806 -0.260  1.000 22.878 0 85  THR A C   1 ? 
ATOM   646  O O   . THR A 1 87  ? 6.649   -9.821  -0.070  1.000 22.267 0 85  THR A O   1 ? 
ATOM   647  C CB  . THR A 1 87  ? 6.470   -12.250 -2.288  1.000 27.108 0 85  THR A CB  1 ? 
ATOM   648  O OG1 . THR A 1 87  ? 7.754   -11.624 -2.406  1.000 28.575 0 85  THR A OG1 1 ? 
ATOM   649  C CG2 . THR A 1 87  ? 6.001   -12.738 -3.648  1.000 29.184 0 85  THR A CG2 1 ? 
ATOM   650  N N   . LYS A 1 88  ? 5.482   -11.578 0.727   1.000 22.992 0 86  LYS A N   1 ? 
ATOM   651  C CA  . LYS A 1 88  ? 5.752   -11.255 2.116   1.000 28.158 0 86  LYS A CA  1 ? 
ATOM   652  C C   . LYS A 1 88  ? 7.147   -11.684 2.589   1.000 22.694 0 86  LYS A C   1 ? 
ATOM   653  O O   . LYS A 1 88  ? 7.647   -12.762 2.301   1.000 22.717 0 86  LYS A O   1 ? 
ATOM   654  C CB  . LYS A 1 88  ? 4.710   -11.941 2.985   1.000 32.646 0 86  LYS A CB  1 ? 
ATOM   655  C CG  . LYS A 1 88  ? 4.729   -11.477 4.427   1.000 36.810 0 86  LYS A CG  1 ? 
ATOM   656  C CD  . LYS A 1 88  ? 3.585   -12.051 5.238   1.000 41.402 0 86  LYS A CD  1 ? 
ATOM   657  C CE  . LYS A 1 88  ? 3.676   -13.548 5.421   1.000 46.198 0 86  LYS A CE  1 ? 
ATOM   658  N NZ  . LYS A 1 88  ? 2.303   -14.112 5.476   1.000 60.946 0 86  LYS A NZ  1 ? 
ATOM   659  N N   . GLN A 1 89  ? 7.746   -10.853 3.415   1.000 19.527 0 87  GLN A N   1 ? 
ATOM   660  C CA  . GLN A 1 89  ? 9.145   -10.979 3.810   1.000 20.862 0 87  GLN A CA  1 ? 
ATOM   661  C C   . GLN A 1 89  ? 9.334   -10.455 5.236   1.000 23.045 0 87  GLN A C   1 ? 
ATOM   662  O O   . GLN A 1 89  ? 8.416   -9.838  5.801   1.000 21.657 0 87  GLN A O   1 ? 
ATOM   663  C CB  . GLN A 1 89  ? 10.009  -10.154 2.822   1.000 23.149 0 87  GLN A CB  1 ? 
ATOM   664  C CG  . GLN A 1 89  ? 9.747   -10.535 1.372   1.000 27.724 0 87  GLN A CG  1 ? 
ATOM   665  C CD  . GLN A 1 89  ? 10.491  -9.782  0.300   1.000 28.889 0 87  GLN A CD  1 ? 
ATOM   666  O OE1 . GLN A 1 89  ? 10.199  -9.988  -0.879  1.000 34.962 0 87  GLN A OE1 1 ? 
ATOM   667  N NE2 . GLN A 1 89  ? 11.470  -8.969  0.685   1.000 27.488 0 87  GLN A NE2 1 ? 
ATOM   668  N N   . GLY A 1 90  ? 10.548  -10.643 5.782   1.000 23.986 0 88  GLY A N   1 ? 
ATOM   669  C CA  . GLY A 1 90  ? 10.952  -10.058 7.047   1.000 27.068 0 88  GLY A CA  1 ? 
ATOM   670  C C   . GLY A 1 90  ? 10.661  -11.011 8.209   1.000 31.677 0 88  GLY A C   1 ? 
ATOM   671  O O   . GLY A 1 90  ? 10.327  -12.130 7.973   1.000 32.762 0 88  GLY A O   1 ? 
ATOM   672  N N   . LEU A 1 91  ? 10.873  -10.577 9.451   1.000 31.874 0 89  LEU A N   1 ? 
ATOM   673  C CA  . LEU A 1 91  ? 10.737  -11.391 10.640  1.000 32.478 0 89  LEU A CA  1 ? 
ATOM   674  C C   . LEU A 1 91  ? 9.308   -11.135 11.093  1.000 36.671 0 89  LEU A C   1 ? 
ATOM   675  O O   . LEU A 1 91  ? 8.769   -10.092 10.710  1.000 30.077 0 89  LEU A O   1 ? 
ATOM   676  C CB  . LEU A 1 91  ? 11.734  -10.899 11.703  1.000 33.983 0 89  LEU A CB  1 ? 
ATOM   677  C CG  . LEU A 1 91  ? 13.175  -10.658 11.257  1.000 40.658 0 89  LEU A CG  1 ? 
ATOM   678  C CD1 . LEU A 1 91  ? 13.978  -9.992  12.370  1.000 40.505 0 89  LEU A CD1 1 ? 
ATOM   679  C CD2 . LEU A 1 91  ? 13.807  -11.977 10.856  1.000 40.671 0 89  LEU A CD2 1 ? 
ATOM   680  N N   . SER A 1 92  ? 8.712   -12.062 11.869  1.000 42.241 0 90  SER A N   1 ? 
ATOM   681  C CA  . SER A 1 92  ? 7.457   -11.797 12.569  1.000 47.605 0 90  SER A CA  1 ? 
ATOM   682  C C   . SER A 1 92  ? 7.605   -10.555 13.426  1.000 43.195 0 90  SER A C   1 ? 
ATOM   683  O O   . SER A 1 92  ? 8.594   -10.408 14.133  1.000 43.288 0 90  SER A O   1 ? 
ATOM   684  C CB  . SER A 1 92  ? 7.098   -12.939 13.476  1.000 53.600 0 90  SER A CB  1 ? 
ATOM   685  O OG  . SER A 1 92  ? 6.684   -14.033 12.727  1.000 54.868 0 90  SER A OG  1 ? 
ATOM   686  N N   . GLY A 1 93  ? 6.642   -9.649  13.392  1.000 48.811 0 91  GLY A N   1 ? 
ATOM   687  C CA  . GLY A 1 93  ? 6.913   -8.405  14.084  1.000 51.308 0 91  GLY A CA  1 ? 
ATOM   688  C C   . GLY A 1 93  ? 6.981   -7.247  13.112  1.000 51.170 0 91  GLY A C   1 ? 
ATOM   689  O O   . GLY A 1 93  ? 6.015   -6.518  13.092  1.000 53.476 0 91  GLY A O   1 ? 
ATOM   690  N N   . ASP A 1 94  ? 8.078   -7.080  12.334  1.000 48.868 0 92  ASP A N   1 ? 
ATOM   691  C CA  . ASP A 1 94  ? 8.034   -6.205  11.163  1.000 45.806 0 92  ASP A CA  1 ? 
ATOM   692  C C   . ASP A 1 94  ? 8.194   -7.025  9.884   1.000 35.048 0 92  ASP A C   1 ? 
ATOM   693  O O   . ASP A 1 94  ? 9.267   -7.169  9.304   1.000 35.885 0 92  ASP A O   1 ? 
ATOM   694  C CB  . ASP A 1 94  ? 9.027   -5.020  11.101  1.000 57.114 0 92  ASP A CB  1 ? 
ATOM   695  C CG  . ASP A 1 94  ? 8.897   -4.154  9.805   1.000 73.162 0 92  ASP A CG  1 ? 
ATOM   696  O OD1 . ASP A 1 94  ? 7.762   -4.087  9.154   1.000 54.714 0 92  ASP A OD1 1 ? 
ATOM   697  O OD2 . ASP A 1 94  ? 9.932   -3.534  9.365   1.000 67.735 0 92  ASP A OD2 1 ? 
ATOM   698  N N   . GLU A 1 95  ? 7.072   -7.529  9.410   1.000 34.454 0 93  GLU A N   1 ? 
ATOM   699  C CA  . GLU A 1 95  ? 6.953   -7.991  8.051   1.000 30.774 0 93  GLU A CA  1 ? 
ATOM   700  C C   . GLU A 1 95  ? 6.707   -6.805  7.096   1.000 26.649 0 93  GLU A C   1 ? 
ATOM   701  O O   . GLU A 1 95  ? 6.206   -5.728  7.422   1.000 23.136 0 93  GLU A O   1 ? 
ATOM   702  C CB  . GLU A 1 95  ? 5.902   -9.093  8.049   1.000 34.012 0 93  GLU A CB  1 ? 
ATOM   703  C CG  . GLU A 1 95  ? 6.468   -10.461 8.449   1.000 43.210 0 93  GLU A CG  1 ? 
ATOM   704  C CD  . GLU A 1 95  ? 5.455   -11.605 8.471   1.000 57.829 0 93  GLU A CD  1 ? 
ATOM   705  O OE1 . GLU A 1 95  ? 5.844   -12.795 8.283   1.000 54.773 0 93  GLU A OE1 1 ? 
ATOM   706  O OE2 . GLU A 1 95  ? 4.259   -11.309 8.682   1.000 70.507 0 93  GLU A OE2 1 ? 
ATOM   707  N N   . PHE A 1 96  ? 7.015   -7.090  5.843   1.000 22.595 0 94  PHE A N   1 ? 
ATOM   708  C CA  . PHE A 1 96  ? 6.843   -6.153  4.762   1.000 24.909 0 94  PHE A CA  1 ? 
ATOM   709  C C   . PHE A 1 96  ? 6.661   -6.962  3.485   1.000 20.347 0 94  PHE A C   1 ? 
ATOM   710  O O   . PHE A 1 96  ? 6.988   -8.122  3.451   1.000 24.768 0 94  PHE A O   1 ? 
ATOM   711  C CB  . PHE A 1 96  ? 8.038   -5.193  4.720   1.000 23.205 0 94  PHE A CB  1 ? 
ATOM   712  C CG  . PHE A 1 96  ? 9.399   -5.824  4.601   1.000 24.812 0 94  PHE A CG  1 ? 
ATOM   713  C CD1 . PHE A 1 96  ? 10.108  -6.206  5.735   1.000 26.048 0 94  PHE A CD1 1 ? 
ATOM   714  C CD2 . PHE A 1 96  ? 10.037  -5.920  3.377   1.000 26.153 0 94  PHE A CD2 1 ? 
ATOM   715  C CE1 . PHE A 1 96  ? 11.364  -6.769  5.611   1.000 26.272 0 94  PHE A CE1 1 ? 
ATOM   716  C CE2 . PHE A 1 96  ? 11.314  -6.446  3.265   1.000 27.992 0 94  PHE A CE2 1 ? 
ATOM   717  C CZ  . PHE A 1 96  ? 11.977  -6.861  4.384   1.000 28.270 0 94  PHE A CZ  1 ? 
ATOM   718  N N   . TRP A 1 97  ? 6.225   -6.314  2.420   1.000 21.073 0 95  TRP A N   1 ? 
ATOM   719  C CA  . TRP A 1 97  ? 5.939   -6.977  1.164   1.000 21.956 0 95  TRP A CA  1 ? 
ATOM   720  C C   . TRP A 1 97  ? 6.706   -6.262  0.069   1.000 21.302 0 95  TRP A C   1 ? 
ATOM   721  O O   . TRP A 1 97  ? 6.724   -5.045  0.069   1.000 19.640 0 95  TRP A O   1 ? 
ATOM   722  C CB  . TRP A 1 97  ? 4.459   -6.854  0.858   1.000 24.209 0 95  TRP A CB  1 ? 
ATOM   723  C CG  . TRP A 1 97  ? 3.556   -7.649  1.736   1.000 24.028 0 95  TRP A CG  1 ? 
ATOM   724  C CD1 . TRP A 1 97  ? 3.289   -7.393  3.048   1.000 24.503 0 95  TRP A CD1 1 ? 
ATOM   725  C CD2 . TRP A 1 97  ? 2.812   -8.831  1.346   1.000 22.061 0 95  TRP A CD2 1 ? 
ATOM   726  N NE1 . TRP A 1 97  ? 2.445   -8.365  3.498   1.000 27.024 0 95  TRP A NE1 1 ? 
ATOM   727  C CE2 . TRP A 1 97  ? 2.123   -9.255  2.493   1.000 22.519 0 95  TRP A CE2 1 ? 
ATOM   728  C CE3 . TRP A 1 97  ? 2.658   -9.576  0.166   1.000 24.592 0 95  TRP A CE3 1 ? 
ATOM   729  C CZ2 . TRP A 1 97  ? 1.267   -10.366 2.490   1.000 25.021 0 95  TRP A CZ2 1 ? 
ATOM   730  C CZ3 . TRP A 1 97  ? 1.831   -10.694 0.168   1.000 27.270 0 95  TRP A CZ3 1 ? 
ATOM   731  C CH2 . TRP A 1 97  ? 1.136   -11.090 1.315   1.000 25.557 0 95  TRP A CH2 1 ? 
ATOM   732  N N   . GLU A 1 98  ? 7.317   -7.010  -0.850  1.000 19.332 0 96  GLU A N   1 ? 
ATOM   733  C CA  . GLU A 1 98  ? 8.127   -6.367  -1.875  1.000 24.708 0 96  GLU A CA  1 ? 
ATOM   734  C C   . GLU A 1 98  ? 7.871   -6.976  -3.247  1.000 23.031 0 96  GLU A C   1 ? 
ATOM   735  O O   . GLU A 1 98  ? 7.677   -8.182  -3.324  1.000 21.228 0 96  GLU A O   1 ? 
ATOM   736  C CB  . GLU A 1 98  ? 9.615   -6.535  -1.612  1.000 23.673 0 96  GLU A CB  1 ? 
ATOM   737  C CG  . GLU A 1 98  ? 10.104  -5.848  -0.382  1.000 23.866 0 96  GLU A CG  1 ? 
ATOM   738  C CD  . GLU A 1 98  ? 11.617  -5.626  -0.352  1.000 25.666 0 96  GLU A CD  1 ? 
ATOM   739  O OE1 . GLU A 1 98  ? 12.419  -6.620  -0.239  1.000 24.781 0 96  GLU A OE1 1 ? 
ATOM   740  O OE2 . GLU A 1 98  ? 11.985  -4.452  -0.515  1.000 28.374 0 96  GLU A OE2 1 ? 
ATOM   741  N N   . GLY A 1 99  ? 7.946   -6.150  -4.301  1.000 22.607 0 97  GLY A N   1 ? 
ATOM   742  C CA  . GLY A 1 99  ? 7.986   -6.704  -5.647  1.000 23.149 0 97  GLY A CA  1 ? 
ATOM   743  C C   . GLY A 1 99  ? 8.375   -5.684  -6.686  1.000 25.164 0 97  GLY A C   1 ? 
ATOM   744  O O   . GLY A 1 99  ? 8.165   -4.487  -6.481  1.000 21.646 0 97  GLY A O   1 ? 
ATOM   745  N N   . ARG A 1 100 ? 8.922   -6.193  -7.809  1.000 26.388 0 98  ARG A N   1 ? 
ATOM   746  C CA  . ARG A 1 100 ? 9.420   -5.350  -8.871  1.000 24.415 0 98  ARG A CA  1 ? 
ATOM   747  C C   . ARG A 1 100 ? 8.281   -5.026  -9.818  1.000 23.343 0 98  ARG A C   1 ? 
ATOM   748  O O   . ARG A 1 100 ? 7.491   -5.877  -10.148 1.000 28.050 0 98  ARG A O   1 ? 
ATOM   749  C CB  . ARG A 1 100 ? 10.558  -6.071  -9.617  1.000 27.685 0 98  ARG A CB  1 ? 
ATOM   750  C CG  . ARG A 1 100 ? 11.205  -5.204  -10.688 1.000 30.358 0 98  ARG A CG  1 ? 
ATOM   751  C CD  . ARG A 1 100 ? 12.527  -5.737  -11.218 1.000 34.951 0 98  ARG A CD  1 ? 
ATOM   752  N NE  . ARG A 1 100 ? 13.400  -6.157  -10.128 1.000 35.089 0 98  ARG A NE  1 ? 
ATOM   753  C CZ  . ARG A 1 100 ? 14.187  -5.356  -9.396  1.000 39.174 0 98  ARG A CZ  1 ? 
ATOM   754  N NH1 . ARG A 1 100 ? 14.233  -4.064  -9.606  1.000 34.528 0 98  ARG A NH1 1 ? 
ATOM   755  N NH2 . ARG A 1 100 ? 14.935  -5.825  -8.415  1.000 40.280 0 98  ARG A NH2 1 ? 
ATOM   756  N N   . VAL A 1 101 ? 8.281   -3.815  -10.362 1.000 28.524 0 99  VAL A N   1 ? 
ATOM   757  C CA  . VAL A 1 101 ? 7.313   -3.392  -11.382 1.000 28.935 0 99  VAL A CA  1 ? 
ATOM   758  C C   . VAL A 1 101 ? 7.815   -3.803  -12.796 1.000 31.619 0 99  VAL A C   1 ? 
ATOM   759  O O   . VAL A 1 101 ? 8.841   -3.315  -13.289 1.000 28.168 0 99  VAL A O   1 ? 
ATOM   760  C CB  . VAL A 1 101 ? 7.044   -1.874  -11.240 1.000 28.599 0 99  VAL A CB  1 ? 
ATOM   761  C CG1 . VAL A 1 101 ? 6.125   -1.289  -12.295 1.000 28.503 0 99  VAL A CG1 1 ? 
ATOM   762  C CG2 . VAL A 1 101 ? 6.495   -1.525  -9.870  1.000 33.026 0 99  VAL A CG2 1 ? 
ATOM   763  N N   . GLU A 1 102 ? 7.021   -4.647  -13.481 1.000 30.346 0 100 GLU A N   1 ? 
ATOM   764  C CA  . GLU A 1 102 ? 7.284   -5.121  -14.834 1.000 34.708 0 100 GLU A CA  1 ? 
ATOM   765  C C   . GLU A 1 102 ? 6.235   -4.488  -15.731 1.000 33.234 0 100 GLU A C   1 ? 
ATOM   766  O O   . GLU A 1 102 ? 5.239   -5.137  -16.048 1.000 40.606 0 100 GLU A O   1 ? 
ATOM   767  C CB  . GLU A 1 102 ? 7.104   -6.637  -14.983 1.000 37.071 0 100 GLU A CB  1 ? 
ATOM   768  C CG  . GLU A 1 102 ? 7.702   -7.484  -13.887 1.000 47.313 0 100 GLU A CG  1 ? 
ATOM   769  C CD  . GLU A 1 102 ? 9.209   -7.453  -13.788 1.000 60.685 0 100 GLU A CD  1 ? 
ATOM   770  O OE1 . GLU A 1 102 ? 9.781   -8.363  -13.108 1.000 62.491 0 100 GLU A OE1 1 ? 
ATOM   771  O OE2 . GLU A 1 102 ? 9.804   -6.523  -14.373 1.000 73.427 0 100 GLU A OE2 1 ? 
ATOM   772  N N   . ALA A 1 103 ? 6.393   -3.215  -16.055 1.000 29.490 0 101 ALA A N   1 ? 
ATOM   773  C CA  . ALA A 1 103 ? 5.462   -2.554  -16.956 1.000 39.725 0 101 ALA A CA  1 ? 
ATOM   774  C C   . ALA A 1 103 ? 5.768   -3.124  -18.335 1.000 49.896 0 101 ALA A C   1 ? 
ATOM   775  O O   . ALA A 1 103 ? 6.799   -3.785  -18.571 1.000 49.347 0 101 ALA A O   1 ? 
ATOM   776  C CB  . ALA A 1 103 ? 5.595   -1.034  -16.935 1.000 38.180 0 101 ALA A CB  1 ? 
ATOM   777  N N   . GLN A 1 104 ? 4.866   -2.907  -19.268 1.000 49.479 0 102 GLN A N   1 ? 
ATOM   778  C CA  . GLN A 1 104 ? 5.133   -3.576  -20.533 1.000 76.313 0 102 GLN A CA  1 ? 
ATOM   779  C C   . GLN A 1 104 ? 5.840   -2.549  -21.423 1.000 72.590 0 102 GLN A C   1 ? 
ATOM   780  O O   . GLN A 1 104 ? 5.333   -2.194  -22.480 1.000 90.815 0 102 GLN A O   1 ? 
ATOM   781  C CB  . GLN A 1 104 ? 3.810   -4.180  -21.025 1.000 84.467 0 102 GLN A CB  1 ? 
ATOM   782  C CG  . GLN A 1 104 ? 3.899   -5.006  -22.301 1.000 93.664 0 102 GLN A CG  1 ? 
ATOM   783  C CD  . GLN A 1 104 ? 4.852   -6.169  -22.168 1.000 93.983 0 102 GLN A CD  1 ? 
ATOM   784  O OE1 . GLN A 1 104 ? 4.926   -6.839  -21.136 1.000 87.980 0 102 GLN A OE1 1 ? 
ATOM   785  N NE2 . GLN A 1 104 ? 5.624   -6.394  -23.216 1.000 99.000 0 102 GLN A NE2 1 ? 
ATOM   786  N N   . GLY A 1 105 ? 6.961   -1.989  -20.952 1.000 61.379 0 103 GLY A N   1 ? 
ATOM   787  C CA  . GLY A 1 105 ? 7.353   -0.636  -21.345 1.000 60.774 0 103 GLY A CA  1 ? 
ATOM   788  C C   . GLY A 1 105 ? 6.171   0.277   -21.737 1.000 61.524 0 103 GLY A C   1 ? 
ATOM   789  O O   . GLY A 1 105 ? 6.283   1.076   -22.669 1.000 54.589 0 103 GLY A O   1 ? 
ATOM   790  N N   . GLN A 1 106 ? 5.031   0.180   -21.023 1.000 59.945 0 104 GLN A N   1 ? 
ATOM   791  C CA  . GLN A 1 106 ? 3.849   0.959   -21.344 1.000 57.221 0 104 GLN A CA  1 ? 
ATOM   792  C C   . GLN A 1 106 ? 3.885   2.273   -20.592 1.000 61.394 0 104 GLN A C   1 ? 
ATOM   793  O O   . GLN A 1 106 ? 3.992   3.321   -21.218 1.000 75.789 0 104 GLN A O   1 ? 
ATOM   794  C CB  . GLN A 1 106 ? 2.561   0.227   -20.985 1.000 65.106 0 104 GLN A CB  1 ? 
ATOM   795  C CG  . GLN A 1 106 ? 2.309   -0.933  -21.921 1.000 62.235 0 104 GLN A CG  1 ? 
ATOM   796  C CD  . GLN A 1 106 ? 2.274   -0.426  -23.337 1.000 65.782 0 104 GLN A CD  1 ? 
ATOM   797  O OE1 . GLN A 1 106 ? 1.295   0.193   -23.738 1.000 71.945 0 104 GLN A OE1 1 ? 
ATOM   798  N NE2 . GLN A 1 106 ? 3.350   -0.637  -24.085 1.000 54.680 0 104 GLN A NE2 1 ? 
ATOM   799  N N   . ALA A 1 107 ? 3.837   2.189   -19.265 1.000 55.238 0 105 ALA A N   1 ? 
ATOM   800  C CA  . ALA A 1 107 ? 3.537   3.349   -18.447 1.000 57.649 0 105 ALA A CA  1 ? 
ATOM   801  C C   . ALA A 1 107 ? 2.023   3.490   -18.400 1.000 53.468 0 105 ALA A C   1 ? 
ATOM   802  O O   . ALA A 1 107 ? 1.348   3.434   -19.427 1.000 45.985 0 105 ALA A O   1 ? 
ATOM   803  C CB  . ALA A 1 107 ? 4.166   4.616   -18.979 1.000 56.375 0 105 ALA A CB  1 ? 
ATOM   804  N N   . SER A 1 108 ? 1.512   3.681   -17.190 1.000 46.138 0 106 SER A N   1 ? 
ATOM   805  C CA  . SER A 1 108 ? 0.090   3.586   -16.941 1.000 38.843 0 106 SER A CA  1 ? 
ATOM   806  C C   . SER A 1 108 ? -0.166  3.716   -15.451 1.000 31.963 0 106 SER A C   1 ? 
ATOM   807  O O   . SER A 1 108 ? 0.760   3.771   -14.637 1.000 31.916 0 106 SER A O   1 ? 
ATOM   808  C CB  . SER A 1 108 ? -0.434  2.255   -17.402 1.000 39.129 0 106 SER A CB  1 ? 
ATOM   809  O OG  . SER A 1 108 ? 0.123   1.207   -16.603 1.000 36.708 0 106 SER A OG  1 ? 
ATOM   810  N N   . THR A 1 109 ? -1.459  3.629   -15.162 1.000 34.123 0 107 THR A N   1 ? 
ATOM   811  C CA  . THR A 1 109 ? -2.036  3.496   -13.841 1.000 36.046 0 107 THR A CA  1 ? 
ATOM   812  C C   . THR A 1 109 ? -2.401  2.029   -13.628 1.000 36.513 0 107 THR A C   1 ? 
ATOM   813  O O   . THR A 1 109 ? -3.004  1.426   -14.488 1.000 35.703 0 107 THR A O   1 ? 
ATOM   814  C CB  . THR A 1 109 ? -3.241  4.440   -13.691 1.000 35.314 0 107 THR A CB  1 ? 
ATOM   815  O OG1 . THR A 1 109 ? -2.619  5.715   -13.762 1.000 39.819 0 107 THR A OG1 1 ? 
ATOM   816  C CG2 . THR A 1 109 ? -3.971  4.355   -12.368 1.000 34.111 0 107 THR A CG2 1 ? 
ATOM   817  N N   . GLN A 1 110 ? -2.041  1.489   -12.462 1.000 31.066 0 108 GLN A N   1 ? 
ATOM   818  C CA  . GLN A 1 110 ? -2.432  0.162   -12.009 1.000 29.497 0 108 GLN A CA  1 ? 
ATOM   819  C C   . GLN A 1 110 ? -3.150  0.267   -10.662 1.000 28.852 0 108 GLN A C   1 ? 
ATOM   820  O O   . GLN A 1 110 ? -2.561  0.689   -9.638  1.000 24.502 0 108 GLN A O   1 ? 
ATOM   821  C CB  . GLN A 1 110 ? -1.203  -0.698  -11.741 1.000 27.785 0 108 GLN A CB  1 ? 
ATOM   822  C CG  . GLN A 1 110 ? -0.469  -1.122  -12.963 1.000 30.624 0 108 GLN A CG  1 ? 
ATOM   823  C CD  . GLN A 1 110 ? -1.308  -1.989  -13.851 1.000 30.830 0 108 GLN A CD  1 ? 
ATOM   824  O OE1 . GLN A 1 110 ? -1.881  -2.999  -13.456 1.000 33.482 0 108 GLN A OE1 1 ? 
ATOM   825  N NE2 . GLN A 1 110 ? -1.368  -1.583  -15.097 1.000 31.591 0 108 GLN A NE2 1 ? 
ATOM   826  N N   . GLN A 1 111 ? -4.409  -0.180  -10.663 1.000 28.135 0 109 GLN A N   1 ? 
ATOM   827  C CA  . GLN A 1 111 ? -5.222  -0.183  -9.471  1.000 29.943 0 109 GLN A CA  1 ? 
ATOM   828  C C   . GLN A 1 111 ? -4.938  -1.490  -8.756  1.000 29.641 0 109 GLN A C   1 ? 
ATOM   829  O O   . GLN A 1 111 ? -4.625  -2.489  -9.418  1.000 23.522 0 109 GLN A O   1 ? 
ATOM   830  C CB  . GLN A 1 111 ? -6.694  -0.019  -9.842  1.000 37.440 0 109 GLN A CB  1 ? 
ATOM   831  C CG  . GLN A 1 111 ? -7.154  1.435   -9.764  1.000 51.618 0 109 GLN A CG  1 ? 
ATOM   832  C CD  . GLN A 1 111 ? -7.476  1.831   -8.332  1.000 65.470 0 109 GLN A CD  1 ? 
ATOM   833  O OE1 . GLN A 1 111 ? -7.653  1.000   -7.408  1.000 56.768 0 109 GLN A OE1 1 ? 
ATOM   834  N NE2 . GLN A 1 111 ? -7.576  3.141   -8.148  1.000 66.731 0 109 GLN A NE2 1 ? 
ATOM   835  N N   . TYR A 1 112 ? -4.989  -1.425  -7.411  1.000 25.892 0 110 TYR A N   1 ? 
ATOM   836  C CA  . TYR A 1 112 ? -4.920  -2.622  -6.595  1.000 26.925 0 110 TYR A CA  1 ? 
ATOM   837  C C   . TYR A 1 112 ? -5.766  -2.460  -5.311  1.000 27.564 0 110 TYR A C   1 ? 
ATOM   838  O O   . TYR A 1 112 ? -6.150  -1.367  -4.924  1.000 30.007 0 110 TYR A O   1 ? 
ATOM   839  C CB  . TYR A 1 112 ? -3.470  -3.061  -6.309  1.000 24.516 0 110 TYR A CB  1 ? 
ATOM   840  C CG  . TYR A 1 112 ? -2.608  -2.125  -5.474  1.000 25.148 0 110 TYR A CG  1 ? 
ATOM   841  C CD1 . TYR A 1 112 ? -2.129  -0.925  -6.006  1.000 21.950 0 110 TYR A CD1 1 ? 
ATOM   842  C CD2 . TYR A 1 112 ? -2.330  -2.404  -4.137  1.000 23.407 0 110 TYR A CD2 1 ? 
ATOM   843  C CE1 . TYR A 1 112 ? -1.331  -0.072  -5.284  1.000 21.901 0 110 TYR A CE1 1 ? 
ATOM   844  C CE2 . TYR A 1 112 ? -1.477  -1.590  -3.432  1.000 24.771 0 110 TYR A CE2 1 ? 
ATOM   845  C CZ  . TYR A 1 112 ? -1.023  -0.393  -3.973  1.000 29.130 0 110 TYR A CZ  1 ? 
ATOM   846  O OH  . TYR A 1 112 ? -0.302  0.488   -3.207  1.000 25.941 0 110 TYR A OH  1 ? 
ATOM   847  N N   . ASN A 1 113 ? -6.046  -3.609  -4.687  1.000 25.491 0 111 ASN A N   1 ? 
ATOM   848  C CA  . ASN A 1 113 ? -6.877  -3.775  -3.510  1.000 28.670 0 111 ASN A CA  1 ? 
ATOM   849  C C   . ASN A 1 113 ? -5.950  -4.305  -2.433  1.000 27.856 0 111 ASN A C   1 ? 
ATOM   850  O O   . ASN A 1 113 ? -5.439  -5.425  -2.549  1.000 29.817 0 111 ASN A O   1 ? 
ATOM   851  C CB  . ASN A 1 113 ? -8.033  -4.770  -3.731  1.000 31.504 0 111 ASN A CB  1 ? 
ATOM   852  C CG  . ASN A 1 113 ? -8.881  -4.454  -4.953  1.000 33.423 0 111 ASN A CG  1 ? 
ATOM   853  O OD1 . ASN A 1 113 ? -9.255  -5.363  -5.714  1.000 36.939 0 111 ASN A OD1 1 ? 
ATOM   854  N ND2 . ASN A 1 113 ? -9.253  -3.189  -5.108  1.000 30.448 0 111 ASN A ND2 1 ? 
ATOM   855  N N   . ALA A 1 114 ? -5.700  -3.500  -1.408  1.000 25.394 0 112 ALA A N   1 ? 
ATOM   856  C CA  . ALA A 1 114 ? -4.893  -4.010  -0.311  1.000 23.515 0 112 ALA A CA  1 ? 
ATOM   857  C C   . ALA A 1 114 ? -5.813  -4.368  0.863   1.000 22.779 0 112 ALA A C   1 ? 
ATOM   858  O O   . ALA A 1 114 ? -6.625  -3.556  1.312   1.000 20.949 0 112 ALA A O   1 ? 
ATOM   859  C CB  . ALA A 1 114 ? -3.927  -2.917  0.038   1.000 26.560 0 112 ALA A CB  1 ? 
ATOM   860  N N   . THR A 1 115 ? -5.711  -5.592  1.340   1.000 22.631 0 113 THR A N   1 ? 
ATOM   861  C CA  . THR A 1 115 ? -6.458  -5.979  2.508   1.000 22.226 0 113 THR A CA  1 ? 
ATOM   862  C C   . THR A 1 115 ? -5.489  -6.017  3.686   1.000 21.348 0 113 THR A C   1 ? 
ATOM   863  O O   . THR A 1 115 ? -4.420  -6.625  3.612   1.000 21.466 0 113 THR A O   1 ? 
ATOM   864  C CB  . THR A 1 115 ? -7.139  -7.337  2.315   1.000 24.456 0 113 THR A CB  1 ? 
ATOM   865  O OG1 . THR A 1 115 ? -7.998  -7.282  1.186   1.000 23.857 0 113 THR A OG1 1 ? 
ATOM   866  C CG2 . THR A 1 115 ? -7.988  -7.707  3.514   1.000 24.928 0 113 THR A CG2 1 ? 
ATOM   867  N N   . LEU A 1 116 ? -5.936  -5.355  4.754   1.000 22.445 0 114 LEU A N   1 ? 
ATOM   868  C CA  . LEU A 1 116 ? -5.199  -5.178  5.993   1.000 25.476 0 114 LEU A CA  1 ? 
ATOM   869  C C   . LEU A 1 116 ? -6.002  -5.842  7.123   1.000 25.133 0 114 LEU A C   1 ? 
ATOM   870  O O   . LEU A 1 116 ? -7.224  -5.862  7.075   1.000 25.784 0 114 LEU A O   1 ? 
ATOM   871  C CB  . LEU A 1 116 ? -5.055  -3.666  6.205   1.000 22.665 0 114 LEU A CB  1 ? 
ATOM   872  C CG  . LEU A 1 116 ? -3.854  -2.954  5.602   1.000 26.019 0 114 LEU A CG  1 ? 
ATOM   873  C CD1 . LEU A 1 116 ? -3.777  -2.994  4.102   1.000 27.795 0 114 LEU A CD1 1 ? 
ATOM   874  C CD2 . LEU A 1 116 ? -3.874  -1.507  6.066   1.000 30.485 0 114 LEU A CD2 1 ? 
ATOM   875  N N   . SER A 1 117 ? -5.317  -6.463  8.069   1.000 24.460 0 115 SER A N   1 ? 
ATOM   876  C CA  . SER A 1 117 ? -5.903  -6.930  9.326   1.000 23.894 0 115 SER A CA  1 ? 
ATOM   877  C C   . SER A 1 117 ? -5.569  -5.917  10.440  1.000 22.739 0 115 SER A C   1 ? 
ATOM   878  O O   . SER A 1 117 ? -4.384  -5.667  10.739  1.000 27.375 0 115 SER A O   1 ? 
ATOM   879  C CB  . SER A 1 117 ? -5.398  -8.296  9.623   1.000 28.077 0 115 SER A CB  1 ? 
ATOM   880  O OG  . SER A 1 117 ? -5.915  -8.835  10.817  1.000 30.077 0 115 SER A OG  1 ? 
ATOM   881  N N   . ILE A 1 118 ? -6.616  -5.231  10.948  1.000 22.904 0 116 ILE A N   1 ? 
ATOM   882  C CA  . ILE A 1 118 ? -6.514  -4.233  12.001  1.000 26.522 0 116 ILE A CA  1 ? 
ATOM   883  C C   . ILE A 1 118 ? -6.958  -4.904  13.286  1.000 28.462 0 116 ILE A C   1 ? 
ATOM   884  O O   . ILE A 1 118 ? -8.167  -5.031  13.474  1.000 27.881 0 116 ILE A O   1 ? 
ATOM   885  C CB  . ILE A 1 118 ? -7.395  -2.997  11.751  1.000 30.632 0 116 ILE A CB  1 ? 
ATOM   886  C CG1 . ILE A 1 118 ? -7.362  -2.407  10.336  1.000 38.687 0 116 ILE A CG1 1 ? 
ATOM   887  C CG2 . ILE A 1 118 ? -7.079  -1.947  12.788  1.000 36.341 0 116 ILE A CG2 1 ? 
ATOM   888  C CD1 . ILE A 1 118 ? -6.084  -1.724  9.949   1.000 38.047 0 116 ILE A CD1 1 ? 
ATOM   889  N N   . ASP A 1 119 ? -6.007  -5.353  14.108  1.000 26.317 0 117 ASP A N   1 ? 
ATOM   890  C CA  . ASP A 1 119 ? -6.327  -6.197  15.243  1.000 33.435 0 117 ASP A CA  1 ? 
ATOM   891  C C   . ASP A 1 119 ? -7.316  -7.313  14.854  1.000 31.715 0 117 ASP A C   1 ? 
ATOM   892  O O   . ASP A 1 119 ? -8.294  -7.586  15.573  1.000 30.346 0 117 ASP A O   1 ? 
ATOM   893  C CB  . ASP A 1 119 ? -6.862  -5.352  16.419  1.000 33.813 0 117 ASP A CB  1 ? 
ATOM   894  C CG  . ASP A 1 119 ? -5.777  -4.510  17.093  1.000 39.829 0 117 ASP A CG  1 ? 
ATOM   895  O OD1 . ASP A 1 119 ? -4.651  -5.048  17.381  1.000 33.478 0 117 ASP A OD1 1 ? 
ATOM   896  O OD2 . ASP A 1 119 ? -6.060  -3.341  17.342  1.000 38.310 0 117 ASP A OD2 1 ? 
ATOM   897  N N   . GLY A 1 120 ? -7.088  -8.000  13.727  1.000 30.339 0 118 GLY A N   1 ? 
ATOM   898  C CA  . GLY A 1 120 ? -7.963  -9.120  13.364  1.000 25.304 0 118 GLY A CA  1 ? 
ATOM   899  C C   . GLY A 1 120 ? -9.188  -8.747  12.540  1.000 24.375 0 118 GLY A C   1 ? 
ATOM   900  O O   . GLY A 1 120 ? -9.776  -9.655  11.935  1.000 26.508 0 118 GLY A O   1 ? 
ATOM   901  N N   . SER A 1 121 ? -9.496  -7.445  12.409  1.000 23.677 0 119 SER A N   1 ? 
ATOM   902  C CA  . SER A 1 121 ? -10.517 -6.968  11.491  1.000 27.946 0 119 SER A CA  1 ? 
ATOM   903  C C   . SER A 1 121 ? -9.923  -6.725  10.111  1.000 27.978 0 119 SER A C   1 ? 
ATOM   904  O O   . SER A 1 121 ? -9.062  -5.873  9.929   1.000 25.581 0 119 SER A O   1 ? 
ATOM   905  C CB  . SER A 1 121 ? -11.258 -5.727  11.952  1.000 30.124 0 119 SER A CB  1 ? 
ATOM   906  O OG  . SER A 1 121 ? -12.464 -6.091  12.592  1.000 41.875 0 119 SER A OG  1 ? 
ATOM   907  N N   . ARG A 1 122 ? -10.441 -7.471  9.137   1.000 25.483 0 120 ARG A N   1 ? 
ATOM   908  C CA  . ARG A 1 122 ? -9.970  -7.380  7.769   1.000 27.872 0 120 ARG A CA  1 ? 
ATOM   909  C C   . ARG A 1 122 ? -10.692 -6.229  7.086   1.000 24.339 0 120 ARG A C   1 ? 
ATOM   910  O O   . ARG A 1 122 ? -11.888 -6.234  7.011   1.000 27.876 0 120 ARG A O   1 ? 
ATOM   911  C CB  . ARG A 1 122 ? -10.230 -8.708  7.047   1.000 33.119 0 120 ARG A CB  1 ? 
ATOM   912  C CG  . ARG A 1 122 ? -9.181  -9.788  7.285   1.000 39.547 0 120 ARG A CG  1 ? 
ATOM   913  C CD  . ARG A 1 122 ? -9.576  -11.163 6.742   1.000 43.932 0 120 ARG A CD  1 ? 
ATOM   914  N NE  . ARG A 1 122 ? -9.826  -11.188 5.272   1.000 52.759 0 120 ARG A NE  1 ? 
ATOM   915  C CZ  . ARG A 1 122 ? -8.968  -11.576 4.302   1.000 54.168 0 120 ARG A CZ  1 ? 
ATOM   916  N NH1 . ARG A 1 122 ? -7.736  -11.955 4.613   1.000 48.924 0 120 ARG A NH1 1 ? 
ATOM   917  N NH2 . ARG A 1 122 ? -9.334  -11.559 3.021   1.000 48.069 0 120 ARG A NH2 1 ? 
ATOM   918  N N   . LEU A 1 123 ? -9.961  -5.232  6.606   1.000 23.472 0 121 LEU A N   1 ? 
ATOM   919  C CA  . LEU A 1 123 ? -10.552 -4.114  5.904   1.000 23.385 0 121 LEU A CA  1 ? 
ATOM   920  C C   . LEU A 1 123 ? -9.727  -3.850  4.645   1.000 23.468 0 121 LEU A C   1 ? 
ATOM   921  O O   . LEU A 1 123 ? -8.489  -3.983  4.698   1.000 21.655 0 121 LEU A O   1 ? 
ATOM   922  C CB  . LEU A 1 123 ? -10.568 -2.886  6.826   1.000 26.696 0 121 LEU A CB  1 ? 
ATOM   923  C CG  . LEU A 1 123 ? -11.419 -2.986  8.097   1.000 27.667 0 121 LEU A CG  1 ? 
ATOM   924  C CD1 . LEU A 1 123 ? -11.067 -1.845  9.039   1.000 32.589 0 121 LEU A CD1 1 ? 
ATOM   925  C CD2 . LEU A 1 123 ? -12.917 -2.940  7.770   1.000 24.940 0 121 LEU A CD2 1 ? 
ATOM   926  N N   . THR A 1 124 ? -10.438 -3.541  3.534   1.000 27.816 0 122 THR A N   1 ? 
ATOM   927  C CA  . THR A 1 124 ? -9.849  -3.310  2.208   1.000 25.900 0 122 THR A CA  1 ? 
ATOM   928  C C   . THR A 1 124 ? -9.979  -1.851  1.790   1.000 25.490 0 122 THR A C   1 ? 
ATOM   929  O O   . THR A 1 124 ? -10.951 -1.242  2.165   1.000 20.928 0 122 THR A O   1 ? 
ATOM   930  C CB  . THR A 1 124 ? -10.465 -4.214  1.141   1.000 26.754 0 122 THR A CB  1 ? 
ATOM   931  O OG1 . THR A 1 124 ? -10.176 -5.547  1.600   1.000 29.014 0 122 THR A OG1 1 ? 
ATOM   932  C CG2 . THR A 1 124 ? -9.950  -3.962  -0.268  1.000 27.566 0 122 THR A CG2 1 ? 
ATOM   933  N N   . PHE A 1 125 ? -8.994  -1.377  0.994   1.000 23.248 0 123 PHE A N   1 ? 
ATOM   934  C CA  . PHE A 1 125 ? -8.941  -0.091  0.306   1.000 25.462 0 123 PHE A CA  1 ? 
ATOM   935  C C   . PHE A 1 125 ? -8.241  -0.253  -1.060  1.000 22.618 0 123 PHE A C   1 ? 
ATOM   936  O O   . PHE A 1 125 ? -7.645  -1.284  -1.341  1.000 25.453 0 123 PHE A O   1 ? 
ATOM   937  C CB  . PHE A 1 125 ? -8.360  1.039   1.189   1.000 21.151 0 123 PHE A CB  1 ? 
ATOM   938  C CG  . PHE A 1 125 ? -6.866  1.159   1.302   1.000 21.978 0 123 PHE A CG  1 ? 
ATOM   939  C CD1 . PHE A 1 125 ? -6.123  0.170   1.909   1.000 22.564 0 123 PHE A CD1 1 ? 
ATOM   940  C CD2 . PHE A 1 125 ? -6.209  2.289   0.845   1.000 22.632 0 123 PHE A CD2 1 ? 
ATOM   941  C CE1 . PHE A 1 125 ? -4.748  0.261   1.988   1.000 25.277 0 123 PHE A CE1 1 ? 
ATOM   942  C CE2 . PHE A 1 125 ? -4.833  2.379   0.915   1.000 22.956 0 123 PHE A CE2 1 ? 
ATOM   943  C CZ  . PHE A 1 125 ? -4.102  1.377   1.490   1.000 24.621 0 123 PHE A CZ  1 ? 
ATOM   944  N N   . ASP A 1 126 ? -8.249  0.831   -1.860  1.000 24.642 0 124 ASP A N   1 ? 
ATOM   945  C CA  . ASP A 1 126 ? -8.051  0.795   -3.296  1.000 26.102 0 124 ASP A CA  1 ? 
ATOM   946  C C   . ASP A 1 126 ? -7.042  1.853   -3.668  1.000 23.640 0 124 ASP A C   1 ? 
ATOM   947  O O   . ASP A 1 126 ? -7.367  2.807   -4.323  1.000 22.767 0 124 ASP A O   1 ? 
ATOM   948  C CB  . ASP A 1 126 ? -9.336  1.016   -4.089  1.000 27.483 0 124 ASP A CB  1 ? 
ATOM   949  C CG  . ASP A 1 126 ? -10.454 0.053   -3.733  1.000 37.790 0 124 ASP A CG  1 ? 
ATOM   950  O OD1 . ASP A 1 126 ? -10.197 -1.184  -3.474  1.000 37.494 0 124 ASP A OD1 1 ? 
ATOM   951  O OD2 . ASP A 1 126 ? -11.588 0.569   -3.688  1.000 43.811 0 124 ASP A OD2 1 ? 
ATOM   952  N N   . PRO A 1 127 ? -5.774  1.689   -3.267  1.000 22.909 0 125 PRO A N   1 ? 
ATOM   953  C CA  . PRO A 1 127 ? -4.707  2.553   -3.762  1.000 21.878 0 125 PRO A CA  1 ? 
ATOM   954  C C   . PRO A 1 127 ? -4.354  2.269   -5.226  1.000 23.153 0 125 PRO A C   1 ? 
ATOM   955  O O   . PRO A 1 127 ? -4.887  1.331   -5.825  1.000 20.803 0 125 PRO A O   1 ? 
ATOM   956  C CB  . PRO A 1 127 ? -3.560  2.154   -2.814  1.000 23.524 0 125 PRO A CB  1 ? 
ATOM   957  C CG  . PRO A 1 127 ? -3.778  0.668   -2.538  1.000 22.859 0 125 PRO A CG  1 ? 
ATOM   958  C CD  . PRO A 1 127 ? -5.293  0.607   -2.383  1.000 25.039 0 125 PRO A CD  1 ? 
ATOM   959  N N   . PHE A 1 128 ? -3.438  3.070   -5.795  1.000 24.890 0 126 PHE A N   1 ? 
ATOM   960  C CA  . PHE A 1 128 ? -3.006  2.863   -7.163  1.000 25.983 0 126 PHE A CA  1 ? 
ATOM   961  C C   . PHE A 1 128 ? -1.553  3.318   -7.370  1.000 27.519 0 126 PHE A C   1 ? 
ATOM   962  O O   . PHE A 1 128 ? -1.017  4.170   -6.669  1.000 27.203 0 126 PHE A O   1 ? 
ATOM   963  C CB  . PHE A 1 128 ? -3.984  3.484   -8.185  1.000 26.051 0 126 PHE A CB  1 ? 
ATOM   964  C CG  . PHE A 1 128 ? -4.230  4.964   -8.083  1.000 25.165 0 126 PHE A CG  1 ? 
ATOM   965  C CD1 . PHE A 1 128 ? -5.041  5.490   -7.095  1.000 24.971 0 126 PHE A CD1 1 ? 
ATOM   966  C CD2 . PHE A 1 128 ? -3.526  5.836   -8.891  1.000 26.809 0 126 PHE A CD2 1 ? 
ATOM   967  C CE1 . PHE A 1 128 ? -5.211  6.861   -6.972  1.000 27.096 0 126 PHE A CE1 1 ? 
ATOM   968  C CE2 . PHE A 1 128 ? -3.717  7.204   -8.780  1.000 29.851 0 126 PHE A CE2 1 ? 
ATOM   969  C CZ  . PHE A 1 128 ? -4.534  7.723   -7.805  1.000 27.143 0 126 PHE A CZ  1 ? 
ATOM   970  N N   . LEU A 1 129 ? -0.937  2.706   -8.388  1.000 27.175 0 127 LEU A N   1 ? 
ATOM   971  C CA  . LEU A 1 129 ? 0.374   3.044   -8.873  1.000 28.912 0 127 LEU A CA  1 ? 
ATOM   972  C C   . LEU A 1 129 ? 0.240   3.917   -10.095 1.000 26.505 0 127 LEU A C   1 ? 
ATOM   973  O O   . LEU A 1 129 ? -0.593  3.640   -10.926 1.000 27.352 0 127 LEU A O   1 ? 
ATOM   974  C CB  . LEU A 1 129 ? 1.106   1.780   -9.320  1.000 32.722 0 127 LEU A CB  1 ? 
ATOM   975  C CG  . LEU A 1 129 ? 1.452   0.744   -8.261  1.000 36.562 0 127 LEU A CG  1 ? 
ATOM   976  C CD1 . LEU A 1 129 ? 2.401   -0.283  -8.885  1.000 36.638 0 127 LEU A CD1 1 ? 
ATOM   977  C CD2 . LEU A 1 129 ? 2.089   1.408   -7.028  1.000 35.372 0 127 LEU A CD2 1 ? 
ATOM   978  N N   . VAL A 1 130 ? 1.144   4.885   -10.219 1.000 29.863 0 128 VAL A N   1 ? 
ATOM   979  C CA  . VAL A 1 130 ? 1.331   5.646   -11.452 1.000 31.623 0 128 VAL A CA  1 ? 
ATOM   980  C C   . VAL A 1 130 ? 2.743   5.339   -11.982 1.000 27.335 0 128 VAL A C   1 ? 
ATOM   981  O O   . VAL A 1 130 ? 3.748   5.686   -11.366 1.000 24.195 0 128 VAL A O   1 ? 
ATOM   982  C CB  . VAL A 1 130 ? 1.095   7.140   -11.164 1.000 33.441 0 128 VAL A CB  1 ? 
ATOM   983  C CG1 . VAL A 1 130 ? 1.297   8.010   -12.414 1.000 35.099 0 128 VAL A CG1 1 ? 
ATOM   984  C CG2 . VAL A 1 130 ? -0.270  7.371   -10.483 1.000 32.212 0 128 VAL A CG2 1 ? 
ATOM   985  N N   . ILE A 1 131 ? 2.791   4.644   -13.118 1.000 27.022 0 129 ILE A N   1 ? 
ATOM   986  C CA  . ILE A 1 131 ? 4.046   4.167   -13.653 1.000 27.761 0 129 ILE A CA  1 ? 
ATOM   987  C C   . ILE A 1 131 ? 4.433   4.997   -14.871 1.000 29.465 0 129 ILE A C   1 ? 
ATOM   988  O O   . ILE A 1 131 ? 3.632   5.143   -15.807 1.000 28.907 0 129 ILE A O   1 ? 
ATOM   989  C CB  . ILE A 1 131 ? 3.956   2.704   -14.072 1.000 31.117 0 129 ILE A CB  1 ? 
ATOM   990  C CG1 . ILE A 1 131 ? 3.415   1.836   -12.947 1.000 32.735 0 129 ILE A CG1 1 ? 
ATOM   991  C CG2 . ILE A 1 131 ? 5.316   2.240   -14.558 1.000 33.981 0 129 ILE A CG2 1 ? 
ATOM   992  C CD1 . ILE A 1 131 ? 2.922   0.513   -13.431 1.000 35.539 0 129 ILE A CD1 1 ? 
ATOM   993  N N   . SER A 1 132 ? 5.665   5.503   -14.818 1.000 28.020 0 130 SER A N   1 ? 
ATOM   994  C CA  . SER A 1 132 ? 6.308   6.124   -15.961 1.000 33.178 0 130 SER A CA  1 ? 
ATOM   995  C C   . SER A 1 132 ? 7.429   5.236   -16.507 1.000 35.361 0 130 SER A C   1 ? 
ATOM   996  O O   . SER A 1 132 ? 7.948   4.332   -15.845 1.000 33.578 0 130 SER A O   1 ? 
ATOM   997  C CB  . SER A 1 132 ? 6.800   7.479   -15.572 1.000 32.038 0 130 SER A CB  1 ? 
ATOM   998  O OG  . SER A 1 132 ? 7.490   7.409   -14.360 1.000 36.674 0 130 SER A OG  1 ? 
ATOM   999  N N   . LEU A 1 133 ? 7.806   5.489   -17.752 1.000 44.519 0 131 LEU A N   1 ? 
ATOM   1000 C CA  . LEU A 1 133 ? 8.982   4.837   -18.330 1.000 55.023 0 131 LEU A CA  1 ? 
ATOM   1001 C C   . LEU A 1 133 ? 10.254  5.643   -18.024 1.000 56.931 0 131 LEU A C   1 ? 
ATOM   1002 O O   . LEU A 1 133 ? 10.183  6.895   -18.098 1.000 53.698 0 131 LEU A O   1 ? 
ATOM   1003 C CB  . LEU A 1 133 ? 8.768   4.671   -19.842 1.000 53.869 0 131 LEU A CB  1 ? 
ATOM   1004 C CG  . LEU A 1 133 ? 7.677   3.675   -20.213 1.000 60.546 0 131 LEU A CG  1 ? 
ATOM   1005 C CD1 . LEU A 1 133 ? 7.464   3.642   -21.722 1.000 61.247 0 131 LEU A CD1 1 ? 
ATOM   1006 C CD2 . LEU A 1 133 ? 8.006   2.290   -19.646 1.000 64.527 0 131 LEU A CD2 1 ? 
HETATM 1007 O O   . HOH B 2 .   ? 8.328   -5.220  -17.898 1.000 39.355 0 201 HOH A O   1 ? 
HETATM 1008 O O   . HOH B 2 .   ? -8.385  9.494   15.270  1.000 31.612 0 202 HOH A O   1 ? 
HETATM 1009 O O   . HOH B 2 .   ? 2.283   7.029   -16.107 1.000 34.383 0 203 HOH A O   1 ? 
HETATM 1010 O O   . HOH B 2 .   ? -11.809 9.579   1.568   1.000 37.432 0 204 HOH A O   1 ? 
HETATM 1011 O O   . HOH B 2 .   ? -10.387 -5.536  -7.850  1.000 27.057 0 205 HOH A O   1 ? 
HETATM 1012 O O   . HOH B 2 .   ? 0.554   -10.461 6.601   1.000 39.228 0 206 HOH A O   1 ? 
HETATM 1013 O O   . HOH B 2 .   ? -12.342 2.450   17.791  1.000 24.713 0 207 HOH A O   1 ? 
HETATM 1014 O O   . HOH B 2 .   ? -7.212  -10.842 10.058  1.000 48.345 0 208 HOH A O   1 ? 
HETATM 1015 O O   . HOH B 2 .   ? -0.028  2.874   -3.934  1.000 27.027 0 209 HOH A O   1 ? 
HETATM 1016 O O   . HOH B 2 .   ? 5.613   8.582   -5.113  1.000 30.859 0 210 HOH A O   1 ? 
HETATM 1017 O O   . HOH B 2 .   ? -7.529  -7.556  -1.480  1.000 27.864 0 211 HOH A O   1 ? 
HETATM 1018 O O   . HOH B 2 .   ? 2.813   6.501   -1.813  1.000 25.424 0 212 HOH A O   1 ? 
HETATM 1019 O O   . HOH B 2 .   ? 1.060   -0.165  17.202  1.000 27.232 0 213 HOH A O   1 ? 
HETATM 1020 O O   . HOH B 2 .   ? -14.023 6.524   13.282  1.000 34.998 0 214 HOH A O   1 ? 
HETATM 1021 O O   . HOH B 2 .   ? 3.194   -3.094  11.822  1.000 38.232 0 215 HOH A O   1 ? 
HETATM 1022 O O   . HOH B 2 .   ? 0.843   -10.578 -3.782  1.000 32.258 0 216 HOH A O   1 ? 
HETATM 1023 O O   . HOH B 2 .   ? 10.009  -8.609  -7.532  1.000 36.416 0 217 HOH A O   1 ? 
HETATM 1024 O O   . HOH B 2 .   ? 5.369   7.607   -12.268 1.000 36.544 0 218 HOH A O   1 ? 
HETATM 1025 O O   . HOH B 2 .   ? 9.670   10.531  2.474   1.000 35.534 0 219 HOH A O   1 ? 
HETATM 1026 O O   . HOH B 2 .   ? 13.027  -2.216  1.705   1.000 31.548 0 220 HOH A O   1 ? 
HETATM 1027 O O   . HOH B 2 .   ? 11.903  -7.705  9.455   1.000 30.806 0 221 HOH A O   1 ? 
HETATM 1028 O O   . HOH B 2 .   ? 3.824   -4.407  7.452   1.000 24.278 0 222 HOH A O   1 ? 
HETATM 1029 O O   . HOH B 2 .   ? 2.801   -5.134  9.951   1.000 22.076 0 223 HOH A O   1 ? 
HETATM 1030 O O   . HOH B 2 .   ? -6.532  10.025  6.114   1.000 29.223 0 224 HOH A O   1 ? 
HETATM 1031 O O   . HOH B 2 .   ? -12.158 -9.551  9.752   1.000 32.564 0 225 HOH A O   1 ? 
HETATM 1032 O O   . HOH B 2 .   ? -7.458  10.649  8.474   1.000 26.176 0 226 HOH A O   1 ? 
HETATM 1033 O O   . HOH B 2 .   ? 1.692   7.004   19.278  1.000 20.232 0 227 HOH A O   1 ? 
HETATM 1034 O O   . HOH B 2 .   ? -4.378  11.910  -7.958  1.000 30.914 0 228 HOH A O   1 ? 
HETATM 1035 O O   . HOH B 2 .   ? 6.920   13.052  -4.406  1.000 42.988 0 229 HOH A O   1 ? 
HETATM 1036 O O   . HOH B 2 .   ? -12.599 -6.312  2.729   1.000 28.140 0 230 HOH A O   1 ? 
HETATM 1037 O O   . HOH B 2 .   ? -12.003 1.818   3.166   1.000 30.735 0 231 HOH A O   1 ? 
HETATM 1038 O O   . HOH B 2 .   ? 15.214  4.339   2.559   1.000 28.077 0 232 HOH A O   1 ? 
HETATM 1039 O O   . HOH B 2 .   ? -0.690  -12.841 4.582   1.000 31.969 0 233 HOH A O   1 ? 
HETATM 1040 O O   . HOH B 2 .   ? 14.469  -0.262  -7.631  1.000 30.487 0 234 HOH A O   1 ? 
HETATM 1041 O O   . HOH B 2 .   ? 3.941   -13.837 -0.143  1.000 28.526 0 235 HOH A O   1 ? 
HETATM 1042 O O   . HOH B 2 .   ? 4.491   -7.898  -16.326 1.000 45.812 0 236 HOH A O   1 ? 
HETATM 1043 O O   . HOH B 2 .   ? 7.782   8.145   -11.548 1.000 43.551 0 237 HOH A O   1 ? 
HETATM 1044 O O   . HOH B 2 .   ? -3.769  3.463   15.803  1.000 23.224 0 238 HOH A O   1 ? 
HETATM 1045 O O   . HOH B 2 .   ? 1.457   -3.286  13.832  1.000 26.602 0 239 HOH A O   1 ? 
HETATM 1046 O O   . HOH B 2 .   ? -1.139  -11.166 -1.997  1.000 24.074 0 240 HOH A O   1 ? 
HETATM 1047 O O   . HOH B 2 .   ? -14.132 7.624   8.799   1.000 41.531 0 241 HOH A O   1 ? 
HETATM 1048 O O   . HOH B 2 .   ? 6.316   7.833   -19.148 1.000 31.846 0 242 HOH A O   1 ? 
HETATM 1049 O O   . HOH B 2 .   ? -13.570 -8.925  11.931  1.000 36.706 0 243 HOH A O   1 ? 
HETATM 1050 O O   . HOH B 2 .   ? -0.815  -13.069 -0.774  1.000 38.812 0 244 HOH A O   1 ? 
HETATM 1051 O O   . HOH B 2 .   ? 15.918  5.965   0.433   1.000 38.441 0 245 HOH A O   1 ? 
# 
